data_1ZZ5
# 
_entry.id   1ZZ5 
# 
_audit_conform.dict_name       mmcif_pdbx.dic 
_audit_conform.dict_version    5.387 
_audit_conform.dict_location   http://mmcif.pdb.org/dictionaries/ascii/mmcif_pdbx.dic 
# 
loop_
_database_2.database_id 
_database_2.database_code 
_database_2.pdbx_database_accession 
_database_2.pdbx_DOI 
PDB   1ZZ5         pdb_00001zz5 10.2210/pdb1zz5/pdb 
NDB   DR0013       ?            ?                   
RCSB  RCSB033291   ?            ?                   
WWPDB D_1000033291 ?            ?                   
# 
loop_
_pdbx_audit_revision_history.ordinal 
_pdbx_audit_revision_history.data_content_type 
_pdbx_audit_revision_history.major_revision 
_pdbx_audit_revision_history.minor_revision 
_pdbx_audit_revision_history.revision_date 
1 'Structure model' 1 0 2005-09-20 
2 'Structure model' 1 1 2008-04-30 
3 'Structure model' 1 2 2011-07-13 
4 'Structure model' 1 3 2024-02-14 
# 
_pdbx_audit_revision_details.ordinal             1 
_pdbx_audit_revision_details.revision_ordinal    1 
_pdbx_audit_revision_details.data_content_type   'Structure model' 
_pdbx_audit_revision_details.provider            repository 
_pdbx_audit_revision_details.type                'Initial release' 
_pdbx_audit_revision_details.description         ? 
_pdbx_audit_revision_details.details             ? 
# 
loop_
_pdbx_audit_revision_group.ordinal 
_pdbx_audit_revision_group.revision_ordinal 
_pdbx_audit_revision_group.data_content_type 
_pdbx_audit_revision_group.group 
1 2 'Structure model' 'Version format compliance' 
2 3 'Structure model' 'Version format compliance' 
3 4 'Structure model' 'Data collection'           
4 4 'Structure model' 'Database references'       
5 4 'Structure model' 'Derived calculations'      
# 
loop_
_pdbx_audit_revision_category.ordinal 
_pdbx_audit_revision_category.revision_ordinal 
_pdbx_audit_revision_category.data_content_type 
_pdbx_audit_revision_category.category 
1 4 'Structure model' chem_comp_atom         
2 4 'Structure model' chem_comp_bond         
3 4 'Structure model' database_2             
4 4 'Structure model' pdbx_struct_conn_angle 
5 4 'Structure model' struct_conn            
6 4 'Structure model' struct_site            
# 
loop_
_pdbx_audit_revision_item.ordinal 
_pdbx_audit_revision_item.revision_ordinal 
_pdbx_audit_revision_item.data_content_type 
_pdbx_audit_revision_item.item 
1  4 'Structure model' '_database_2.pdbx_DOI'                      
2  4 'Structure model' '_database_2.pdbx_database_accession'       
3  4 'Structure model' '_pdbx_struct_conn_angle.ptnr1_auth_seq_id' 
4  4 'Structure model' '_pdbx_struct_conn_angle.ptnr3_auth_seq_id' 
5  4 'Structure model' '_pdbx_struct_conn_angle.value'             
6  4 'Structure model' '_struct_conn.pdbx_dist_value'              
7  4 'Structure model' '_struct_conn.ptnr1_auth_asym_id'           
8  4 'Structure model' '_struct_conn.ptnr1_auth_comp_id'           
9  4 'Structure model' '_struct_conn.ptnr1_auth_seq_id'            
10 4 'Structure model' '_struct_conn.ptnr1_label_asym_id'          
11 4 'Structure model' '_struct_conn.ptnr1_label_atom_id'          
12 4 'Structure model' '_struct_conn.ptnr1_label_comp_id'          
13 4 'Structure model' '_struct_conn.ptnr2_auth_asym_id'           
14 4 'Structure model' '_struct_conn.ptnr2_auth_comp_id'           
15 4 'Structure model' '_struct_conn.ptnr2_auth_seq_id'            
16 4 'Structure model' '_struct_conn.ptnr2_label_asym_id'          
17 4 'Structure model' '_struct_conn.ptnr2_label_atom_id'          
18 4 'Structure model' '_struct_conn.ptnr2_label_comp_id'          
19 4 'Structure model' '_struct_site.pdbx_auth_asym_id'            
20 4 'Structure model' '_struct_site.pdbx_auth_comp_id'            
21 4 'Structure model' '_struct_site.pdbx_auth_seq_id'             
# 
_pdbx_database_status.status_code                     REL 
_pdbx_database_status.entry_id                        1ZZ5 
_pdbx_database_status.recvd_initial_deposition_date   2005-06-13 
_pdbx_database_status.deposit_site                    RCSB 
_pdbx_database_status.process_site                    RCSB 
_pdbx_database_status.status_code_sf                  REL 
_pdbx_database_status.status_code_mr                  ? 
_pdbx_database_status.SG_entry                        ? 
_pdbx_database_status.pdb_format_compatible           Y 
_pdbx_database_status.status_code_cs                  ? 
_pdbx_database_status.status_code_nmr_data            ? 
_pdbx_database_status.methods_development_category    ? 
# 
_pdbx_database_related.db_name        PDB 
_pdbx_database_related.db_id          1ZX7 
_pdbx_database_related.details        . 
_pdbx_database_related.content_type   unspecified 
# 
loop_
_audit_author.name 
_audit_author.pdbx_ordinal 
'Zhao, Q.'     1 
'Zhao, F.'     2 
'Blount, K.F.' 3 
'Han, Q.'      4 
'Tor, Y.'      5 
'Hermann, T.'  6 
# 
_citation.id                        primary 
_citation.title                     'Molecular recognition of RNA by neomycin and a restricted neomycin derivative' 
_citation.journal_abbrev            Angew.Chem.Int.Ed.Engl. 
_citation.journal_volume            44 
_citation.page_first                5329 
_citation.page_last                 5334 
_citation.year                      2005 
_citation.journal_id_ASTM           ACIEAY 
_citation.country                   GE 
_citation.journal_id_ISSN           0570-0833 
_citation.journal_id_CSD            0179 
_citation.book_publisher            ? 
_citation.pdbx_database_id_PubMed   16037995 
_citation.pdbx_database_id_DOI      10.1002/anie.200500903 
# 
loop_
_citation_author.citation_id 
_citation_author.name 
_citation_author.ordinal 
_citation_author.identifier_ORCID 
primary 'Zhao, F.'     1 ? 
primary 'Zhao, Q.'     2 ? 
primary 'Blount, K.F.' 3 ? 
primary 'Han, Q.'      4 ? 
primary 'Tor, Y.'      5 ? 
primary 'Hermann, T.'  6 ? 
# 
loop_
_entity.id 
_entity.type 
_entity.src_method 
_entity.pdbx_description 
_entity.formula_weight 
_entity.pdbx_number_of_molecules 
_entity.pdbx_ec 
_entity.pdbx_mutation 
_entity.pdbx_fragment 
_entity.details 
1 polymer     syn "5'-R(*GP*UP*GP*GP*UP*GP*AP*AP*GP*UP*CP*GP*CP*GP*G)-3'" 4903.961 2  ? ? 'Ribosomal RNA A-site' ? 
2 polymer     syn "5'-R(*CP*GP*CP*GP*UP*CP*AP*CP*AP*CP*CP*AP*CP*C)-3'" 4380.691 2  ? ? 'Ribosomal RNA A-site' ? 
3 non-polymer syn 'MAGNESIUM ION' 24.305   2  ? ? ?                      ? 
4 non-polymer syn 
;13,15-DIAMINO-2-(AMINOMETHYL)-3,4,9,12-TETRAHYDROXYHEXADECAHYDRO-2H-7,10-EPOXYPYRANO[2,3-B][1,10,4]BENZODIOXAZACYCLODODECIN-8-YL 2,6-DIAMINO-2,6-DIDEOXYHEXOPYRANOSIDE
;
596.628  4  ? ? ?                      ? 
5 water       nat water 18.015   25 ? ? ?                      ? 
# 
loop_
_entity_poly.entity_id 
_entity_poly.type 
_entity_poly.nstd_linkage 
_entity_poly.nstd_monomer 
_entity_poly.pdbx_seq_one_letter_code 
_entity_poly.pdbx_seq_one_letter_code_can 
_entity_poly.pdbx_strand_id 
_entity_poly.pdbx_target_identifier 
1 polyribonucleotide no no GUGGUGAAGUCGCGG GUGGUGAAGUCGCGG A,C ? 
2 polyribonucleotide no no CGCGUCACACCACC  CGCGUCACACCACC  B,D ? 
# 
loop_
_pdbx_entity_nonpoly.entity_id 
_pdbx_entity_nonpoly.name 
_pdbx_entity_nonpoly.comp_id 
3 'MAGNESIUM ION' MG  
4 
;13,15-DIAMINO-2-(AMINOMETHYL)-3,4,9,12-TETRAHYDROXYHEXADECAHYDRO-2H-7,10-EPOXYPYRANO[2,3-B][1,10,4]BENZODIOXAZACYCLODODECIN-8-YL 2,6-DIAMINO-2,6-DIDEOXYHEXOPYRANOSIDE
;
CNY 
5 water HOH 
# 
loop_
_entity_poly_seq.entity_id 
_entity_poly_seq.num 
_entity_poly_seq.mon_id 
_entity_poly_seq.hetero 
1 1  G n 
1 2  U n 
1 3  G n 
1 4  G n 
1 5  U n 
1 6  G n 
1 7  A n 
1 8  A n 
1 9  G n 
1 10 U n 
1 11 C n 
1 12 G n 
1 13 C n 
1 14 G n 
1 15 G n 
2 1  C n 
2 2  G n 
2 3  C n 
2 4  G n 
2 5  U n 
2 6  C n 
2 7  A n 
2 8  C n 
2 9  A n 
2 10 C n 
2 11 C n 
2 12 A n 
2 13 C n 
2 14 C n 
# 
loop_
_pdbx_entity_src_syn.entity_id 
_pdbx_entity_src_syn.pdbx_src_id 
_pdbx_entity_src_syn.pdbx_alt_source_flag 
_pdbx_entity_src_syn.pdbx_beg_seq_num 
_pdbx_entity_src_syn.pdbx_end_seq_num 
_pdbx_entity_src_syn.organism_scientific 
_pdbx_entity_src_syn.organism_common_name 
_pdbx_entity_src_syn.ncbi_taxonomy_id 
_pdbx_entity_src_syn.details 
1 1 sample ? ? ? ? ? 
;This sequence occurs naturally in Escherichia coli (bacteria) except one residue was removed near 3' terminal
;
2 1 sample ? ? ? ? ? 
;This sequence occurs naturally in Escherichia coli (bacteria) except one residue was removed near 3' terminal
;
# 
loop_
_chem_comp.id 
_chem_comp.type 
_chem_comp.mon_nstd_flag 
_chem_comp.name 
_chem_comp.pdbx_synonyms 
_chem_comp.formula 
_chem_comp.formula_weight 
A   'RNA linking' y "ADENOSINE-5'-MONOPHOSPHATE" ?                 'C10 H14 N5 O7 P' 347.221 
C   'RNA linking' y "CYTIDINE-5'-MONOPHOSPHATE" ?                 'C9 H14 N3 O8 P'  323.197 
CNY non-polymer   . 
;13,15-DIAMINO-2-(AMINOMETHYL)-3,4,9,12-TETRAHYDROXYHEXADECAHYDRO-2H-7,10-EPOXYPYRANO[2,3-B][1,10,4]BENZODIOXAZACYCLODODECIN-8-YL 2,6-DIAMINO-2,6-DIDEOXYHEXOPYRANOSIDE
;
'CYCLIC NEOMYCIN' 'C23 H44 N6 O12'  596.628 
G   'RNA linking' y "GUANOSINE-5'-MONOPHOSPHATE" ?                 'C10 H14 N5 O8 P' 363.221 
HOH non-polymer   . WATER ?                 'H2 O'            18.015  
MG  non-polymer   . 'MAGNESIUM ION' ?                 'Mg 2'            24.305  
U   'RNA linking' y "URIDINE-5'-MONOPHOSPHATE" ?                 'C9 H13 N2 O9 P'  324.181 
# 
loop_
_pdbx_poly_seq_scheme.asym_id 
_pdbx_poly_seq_scheme.entity_id 
_pdbx_poly_seq_scheme.seq_id 
_pdbx_poly_seq_scheme.mon_id 
_pdbx_poly_seq_scheme.ndb_seq_num 
_pdbx_poly_seq_scheme.pdb_seq_num 
_pdbx_poly_seq_scheme.auth_seq_num 
_pdbx_poly_seq_scheme.pdb_mon_id 
_pdbx_poly_seq_scheme.auth_mon_id 
_pdbx_poly_seq_scheme.pdb_strand_id 
_pdbx_poly_seq_scheme.pdb_ins_code 
_pdbx_poly_seq_scheme.hetero 
A 1 1  G 1  2  2  G GUA A . n 
A 1 2  U 2  3  3  U URI A . n 
A 1 3  G 3  4  4  G GUA A . n 
A 1 4  G 4  5  5  G GUA A . n 
A 1 5  U 5  6  6  U URI A . n 
A 1 6  G 6  7  7  G GUA A . n 
A 1 7  A 7  8  8  A ADE A . n 
A 1 8  A 8  9  9  A ADE A . n 
A 1 9  G 9  10 10 G GUA A . n 
A 1 10 U 10 11 11 U URI A . n 
A 1 11 C 11 12 12 C CYT A . n 
A 1 12 G 12 13 13 G GUA A . n 
A 1 13 C 13 14 14 C CYT A . n 
A 1 14 G 14 15 15 G GUA A . n 
A 1 15 G 15 16 16 G GUA A . n 
B 2 1  C 1  21 21 C CYT B . n 
B 2 2  G 2  22 22 G GUA B . n 
B 2 3  C 3  23 23 C CYT B . n 
B 2 4  G 4  24 24 G GUA B . n 
B 2 5  U 5  25 25 U URI B . n 
B 2 6  C 6  26 26 C CYT B . n 
B 2 7  A 7  27 27 A ADE B . n 
B 2 8  C 8  28 28 C CYT B . n 
B 2 9  A 9  29 29 A ADE B . n 
B 2 10 C 10 30 30 C CYT B . n 
B 2 11 C 11 31 31 C CYT B . n 
B 2 12 A 12 32 32 A ADE B . n 
B 2 13 C 13 33 33 C CYT B . n 
B 2 14 C 14 34 34 C CYT B . n 
C 1 1  G 1  2  2  G GUA C . n 
C 1 2  U 2  3  3  U URI C . n 
C 1 3  G 3  4  4  G GUA C . n 
C 1 4  G 4  5  5  G GUA C . n 
C 1 5  U 5  6  6  U URI C . n 
C 1 6  G 6  7  7  G GUA C . n 
C 1 7  A 7  8  8  A ADE C . n 
C 1 8  A 8  9  9  A ADE C . n 
C 1 9  G 9  10 10 G GUA C . n 
C 1 10 U 10 11 11 U URI C . n 
C 1 11 C 11 12 12 C CYT C . n 
C 1 12 G 12 13 13 G GUA C . n 
C 1 13 C 13 14 14 C CYT C . n 
C 1 14 G 14 15 15 G GUA C . n 
C 1 15 G 15 16 16 G GUA C . n 
D 2 1  C 1  21 21 C CYT D . n 
D 2 2  G 2  22 22 G GUA D . n 
D 2 3  C 3  23 23 C CYT D . n 
D 2 4  G 4  24 24 G GUA D . n 
D 2 5  U 5  25 25 U URI D . n 
D 2 6  C 6  26 26 C CYT D . n 
D 2 7  A 7  27 27 A ADE D . n 
D 2 8  C 8  28 28 C CYT D . n 
D 2 9  A 9  29 29 A ADE D . n 
D 2 10 C 10 30 30 C CYT D . n 
D 2 11 C 11 31 31 C CYT D . n 
D 2 12 A 12 32 32 A ADE D . n 
D 2 13 C 13 33 33 C CYT D . n 
D 2 14 C 14 34 34 C CYT D . n 
# 
loop_
_pdbx_nonpoly_scheme.asym_id 
_pdbx_nonpoly_scheme.entity_id 
_pdbx_nonpoly_scheme.mon_id 
_pdbx_nonpoly_scheme.ndb_seq_num 
_pdbx_nonpoly_scheme.pdb_seq_num 
_pdbx_nonpoly_scheme.auth_seq_num 
_pdbx_nonpoly_scheme.pdb_mon_id 
_pdbx_nonpoly_scheme.auth_mon_id 
_pdbx_nonpoly_scheme.pdb_strand_id 
_pdbx_nonpoly_scheme.pdb_ins_code 
E 3 MG  1  100 100 MG  MG  A . 
F 4 CNY 1  42  2   CNY NCY A . 
G 4 CNY 1  43  3   CNY NCY A . 
H 4 CNY 1  41  1   CNY NCY C . 
I 4 CNY 1  44  4   CNY NCY C . 
J 3 MG  1  200 200 MG  MG  D . 
K 5 HOH 1  101 1   HOH TIP A . 
K 5 HOH 2  102 2   HOH TIP A . 
K 5 HOH 3  103 5   HOH TIP A . 
K 5 HOH 4  104 7   HOH TIP A . 
K 5 HOH 5  105 11  HOH TIP A . 
K 5 HOH 6  106 12  HOH TIP A . 
K 5 HOH 7  107 13  HOH TIP A . 
K 5 HOH 8  108 14  HOH TIP A . 
K 5 HOH 9  109 15  HOH TIP A . 
K 5 HOH 10 110 16  HOH TIP A . 
L 5 HOH 1  6   6   HOH TIP B . 
L 5 HOH 2  37  37  HOH TIP B . 
M 5 HOH 1  45  3   HOH TIP C . 
M 5 HOH 2  46  9   HOH TIP C . 
M 5 HOH 3  47  21  HOH TIP C . 
M 5 HOH 4  48  33  HOH TIP C . 
M 5 HOH 5  49  38  HOH TIP C . 
N 5 HOH 1  201 22  HOH TIP D . 
N 5 HOH 2  202 23  HOH TIP D . 
N 5 HOH 3  203 24  HOH TIP D . 
N 5 HOH 4  204 25  HOH TIP D . 
N 5 HOH 5  205 26  HOH TIP D . 
N 5 HOH 6  206 30  HOH TIP D . 
N 5 HOH 7  207 31  HOH TIP D . 
N 5 HOH 8  208 32  HOH TIP D . 
# 
loop_
_software.name 
_software.classification 
_software.version 
_software.citation_id 
_software.pdbx_ordinal 
HKL-2000  'data collection' . ? 1 
SCALEPACK 'data scaling'    . ? 2 
SOLVE     phasing           . ? 3 
CNS       refinement        . ? 4 
HKL-2000  'data reduction'  . ? 5 
# 
_cell.entry_id           1ZZ5 
_cell.length_a           50.740 
_cell.length_b           50.750 
_cell.length_c           144.720 
_cell.angle_alpha        90.00 
_cell.angle_beta         90.00 
_cell.angle_gamma        90.00 
_cell.Z_PDB              8 
_cell.pdbx_unique_axis   ? 
# 
_symmetry.entry_id                         1ZZ5 
_symmetry.space_group_name_H-M             'P 21 21 21' 
_symmetry.pdbx_full_space_group_name_H-M   ? 
_symmetry.cell_setting                     ? 
_symmetry.Int_Tables_number                19 
_symmetry.space_group_name_Hall            ? 
# 
_exptl.entry_id          1ZZ5 
_exptl.method            'X-RAY DIFFRACTION' 
_exptl.crystals_number   1 
# 
_exptl_crystal.id                    1 
_exptl_crystal.density_meas          ? 
_exptl_crystal.density_Matthews      4.4 
_exptl_crystal.density_percent_sol   72.0 
_exptl_crystal.description           ? 
_exptl_crystal.F_000                 ? 
_exptl_crystal.preparation           ? 
# 
_exptl_crystal_grow.crystal_id      1 
_exptl_crystal_grow.method          EVAPORATION 
_exptl_crystal_grow.temp            298 
_exptl_crystal_grow.temp_details    ? 
_exptl_crystal_grow.pH              5.6 
_exptl_crystal_grow.pdbx_details    'MPD, magnesium acetate, cacodylate, pH 5.6, EVAPORATION, temperature 298K' 
_exptl_crystal_grow.pdbx_pH_range   . 
# 
loop_
_exptl_crystal_grow_comp.crystal_id 
_exptl_crystal_grow_comp.id 
_exptl_crystal_grow_comp.sol_id 
_exptl_crystal_grow_comp.name 
_exptl_crystal_grow_comp.volume 
_exptl_crystal_grow_comp.conc 
_exptl_crystal_grow_comp.details 
1 1 1 MPD                 ? ? ? 
1 2 1 'magnesium acetate' ? ? ? 
1 3 1 cacodylate          ? ? ? 
1 4 1 h2o                 ? ? ? 
1 5 2 MPD                 ? ? ? 
1 6 2 'magnesium acetate' ? ? ? 
1 7 2 cacodylate          ? ? ? 
1 8 2 h2o                 ? ? ? 
# 
_diffrn.id                     1 
_diffrn.ambient_temp           103 
_diffrn.ambient_temp_details   ? 
_diffrn.crystal_id             1 
# 
_diffrn_detector.diffrn_id              1 
_diffrn_detector.detector               CCD 
_diffrn_detector.type                   'ADSC QUANTUM 4' 
_diffrn_detector.pdbx_collection_date   2005-03-30 
_diffrn_detector.details                mirrors 
# 
_diffrn_radiation.diffrn_id                        1 
_diffrn_radiation.wavelength_id                    1 
_diffrn_radiation.pdbx_monochromatic_or_laue_m_l   M 
_diffrn_radiation.monochromator                    GRAPHITE 
_diffrn_radiation.pdbx_diffrn_protocol             MAD 
_diffrn_radiation.pdbx_scattering_type             x-ray 
# 
loop_
_diffrn_radiation_wavelength.id 
_diffrn_radiation_wavelength.wavelength 
_diffrn_radiation_wavelength.wt 
1 0.9195 1.0 
2 0.9202 1.0 
3 0.9068 1.0 
# 
_diffrn_source.diffrn_id                   1 
_diffrn_source.source                      SYNCHROTRON 
_diffrn_source.type                        'APS BEAMLINE 14-BM-C' 
_diffrn_source.pdbx_synchrotron_site       APS 
_diffrn_source.pdbx_synchrotron_beamline   14-BM-C 
_diffrn_source.pdbx_wavelength             ? 
_diffrn_source.pdbx_wavelength_list        '0.9195, 0.9202, 0.9068' 
# 
_reflns.entry_id                     1ZZ5 
_reflns.observed_criterion_sigma_F   3 
_reflns.observed_criterion_sigma_I   3 
_reflns.d_resolution_high            3.0 
_reflns.d_resolution_low             30.0 
_reflns.number_all                   7800 
_reflns.number_obs                   6704 
_reflns.percent_possible_obs         86.2 
_reflns.pdbx_Rmerge_I_obs            0.046 
_reflns.pdbx_Rsym_value              0.046 
_reflns.pdbx_netI_over_sigmaI        26.8 
_reflns.B_iso_Wilson_estimate        ? 
_reflns.pdbx_redundancy              4.1 
_reflns.R_free_details               ? 
_reflns.pdbx_chi_squared             ? 
_reflns.pdbx_scaling_rejects         ? 
_reflns.pdbx_diffrn_id               1 
_reflns.pdbx_ordinal                 1 
# 
_reflns_shell.d_res_high             3.0 
_reflns_shell.d_res_low              3.11 
_reflns_shell.percent_possible_all   56.0 
_reflns_shell.Rmerge_I_obs           0.162 
_reflns_shell.pdbx_Rsym_value        ? 
_reflns_shell.meanI_over_sigI_obs    5.3 
_reflns_shell.pdbx_redundancy        2.8 
_reflns_shell.percent_possible_obs   ? 
_reflns_shell.number_unique_all      434 
_reflns_shell.number_measured_all    ? 
_reflns_shell.number_measured_obs    ? 
_reflns_shell.number_unique_obs      ? 
_reflns_shell.pdbx_chi_squared       ? 
_reflns_shell.pdbx_diffrn_id         ? 
_reflns_shell.pdbx_ordinal           1 
# 
_refine.entry_id                                 1ZZ5 
_refine.ls_d_res_high                            3.0 
_refine.ls_d_res_low                             8.0 
_refine.pdbx_ls_sigma_F                          0 
_refine.pdbx_ls_sigma_I                          0 
_refine.ls_number_reflns_all                     7462 
_refine.ls_number_reflns_obs                     5581 
_refine.ls_number_reflns_R_free                  606 
_refine.ls_percent_reflns_obs                    74.8 
_refine.ls_R_factor_all                          ? 
_refine.ls_R_factor_obs                          ? 
_refine.ls_R_factor_R_work                       0.233 
_refine.ls_R_factor_R_free                       0.281 
_refine.ls_redundancy_reflns_obs                 ? 
_refine.pdbx_data_cutoff_high_absF               ? 
_refine.pdbx_data_cutoff_low_absF                ? 
_refine.ls_number_parameters                     ? 
_refine.ls_number_restraints                     ? 
_refine.ls_percent_reflns_R_free                 ? 
_refine.ls_R_factor_R_free_error                 ? 
_refine.ls_R_factor_R_free_error_details         ? 
_refine.pdbx_method_to_determine_struct          MAD 
_refine.pdbx_starting_model                      ? 
_refine.pdbx_ls_cross_valid_method               THROUGHOUT 
_refine.pdbx_R_Free_selection_details            RANDOM 
_refine.pdbx_stereochem_target_val_spec_case     ? 
_refine.pdbx_stereochemistry_target_values       'Engh & Huber' 
_refine.solvent_model_details                    ? 
_refine.solvent_model_param_bsol                 ? 
_refine.solvent_model_param_ksol                 ? 
_refine.occupancy_max                            ? 
_refine.occupancy_min                            ? 
_refine.pdbx_isotropic_thermal_model             ? 
_refine.B_iso_mean                               ? 
_refine.aniso_B[1][1]                            ? 
_refine.aniso_B[1][2]                            ? 
_refine.aniso_B[1][3]                            ? 
_refine.aniso_B[2][2]                            ? 
_refine.aniso_B[2][3]                            ? 
_refine.aniso_B[3][3]                            ? 
_refine.details                                  ? 
_refine.correlation_coeff_Fo_to_Fc               ? 
_refine.correlation_coeff_Fo_to_Fc_free          ? 
_refine.pdbx_solvent_vdw_probe_radii             ? 
_refine.pdbx_solvent_ion_probe_radii             ? 
_refine.pdbx_solvent_shrinkage_radii             ? 
_refine.overall_SU_R_Cruickshank_DPI             ? 
_refine.overall_SU_R_free                        ? 
_refine.overall_SU_ML                            ? 
_refine.overall_SU_B                             ? 
_refine.pdbx_overall_ESU_R_Free                  ? 
_refine.pdbx_data_cutoff_high_rms_absF           ? 
_refine.pdbx_overall_ESU_R                       ? 
_refine.ls_wR_factor_R_free                      ? 
_refine.ls_wR_factor_R_work                      ? 
_refine.overall_FOM_free_R_set                   ? 
_refine.overall_FOM_work_R_set                   ? 
_refine.pdbx_refine_id                           'X-RAY DIFFRACTION' 
_refine.pdbx_diffrn_id                           1 
_refine.pdbx_TLS_residual_ADP_flag               ? 
_refine.pdbx_overall_phase_error                 ? 
_refine.pdbx_overall_SU_R_free_Cruickshank_DPI   ? 
_refine.pdbx_overall_SU_R_Blow_DPI               ? 
_refine.pdbx_overall_SU_R_free_Blow_DPI          ? 
# 
_refine_analyze.entry_id                        1ZZ5 
_refine_analyze.Luzzati_coordinate_error_obs    0.44 
_refine_analyze.Luzzati_sigma_a_obs             0.46 
_refine_analyze.Luzzati_d_res_low_obs           5.00 
_refine_analyze.Luzzati_coordinate_error_free   0.48 
_refine_analyze.Luzzati_sigma_a_free            0.44 
_refine_analyze.Luzzati_d_res_low_free          ? 
_refine_analyze.number_disordered_residues      ? 
_refine_analyze.occupancy_sum_non_hydrogen      ? 
_refine_analyze.occupancy_sum_hydrogen          ? 
_refine_analyze.pdbx_refine_id                  'X-RAY DIFFRACTION' 
# 
_refine_hist.pdbx_refine_id                   'X-RAY DIFFRACTION' 
_refine_hist.cycle_id                         LAST 
_refine_hist.pdbx_number_atoms_protein        0 
_refine_hist.pdbx_number_atoms_nucleic_acid   1228 
_refine_hist.pdbx_number_atoms_ligand         166 
_refine_hist.number_atoms_solvent             25 
_refine_hist.number_atoms_total               1419 
_refine_hist.d_res_high                       3.0 
_refine_hist.d_res_low                        8.0 
# 
loop_
_refine_ls_restr.type 
_refine_ls_restr.dev_ideal 
_refine_ls_restr.dev_ideal_target 
_refine_ls_restr.weight 
_refine_ls_restr.number 
_refine_ls_restr.pdbx_refine_id 
_refine_ls_restr.pdbx_restraint_function 
c_bond_d    0.0081 ? ? ? 'X-RAY DIFFRACTION' ? 
c_angle_deg 1.1209 ? ? ? 'X-RAY DIFFRACTION' ? 
# 
_refine_ls_shell.pdbx_total_number_of_bins_used   ? 
_refine_ls_shell.d_res_high                       3.0 
_refine_ls_shell.d_res_low                        3.19 
_refine_ls_shell.number_reflns_R_work             ? 
_refine_ls_shell.R_factor_R_work                  0.331 
_refine_ls_shell.percent_reflns_obs               37.8 
_refine_ls_shell.R_factor_R_free                  0.362 
_refine_ls_shell.R_factor_R_free_error            0.045 
_refine_ls_shell.percent_reflns_R_free            ? 
_refine_ls_shell.number_reflns_R_free             64 
_refine_ls_shell.redundancy_reflns_obs            ? 
_refine_ls_shell.pdbx_refine_id                   'X-RAY DIFFRACTION' 
_refine_ls_shell.number_reflns_all                ? 
_refine_ls_shell.R_factor_all                     ? 
# 
_struct.entry_id                  1ZZ5 
_struct.title                     'Molecular Recognition of RNA by Neomycin and a Restricted Neomycin Derivative' 
_struct.pdbx_model_details        ? 
_struct.pdbx_CASP_flag            ? 
_struct.pdbx_model_type_details   ? 
# 
_struct_keywords.entry_id        1ZZ5 
_struct_keywords.pdbx_keywords   RNA 
_struct_keywords.text            'Ribosome, RNA, A-site. double helix, restricted neomycin, cyclicneo, neocyclic' 
# 
loop_
_struct_asym.id 
_struct_asym.pdbx_blank_PDB_chainid_flag 
_struct_asym.pdbx_modified 
_struct_asym.entity_id 
_struct_asym.details 
A N N 1 ? 
B N N 2 ? 
C N N 1 ? 
D N N 2 ? 
E N N 3 ? 
F N N 4 ? 
G N N 4 ? 
H N N 4 ? 
I N N 4 ? 
J N N 3 ? 
K N N 5 ? 
L N N 5 ? 
M N N 5 ? 
N N N 5 ? 
# 
loop_
_struct_ref.id 
_struct_ref.entity_id 
_struct_ref.db_name 
_struct_ref.db_code 
_struct_ref.pdbx_db_accession 
_struct_ref.pdbx_db_isoform 
_struct_ref.pdbx_seq_one_letter_code 
_struct_ref.pdbx_align_begin 
1 1 PDB 1ZZ5 1ZZ5 ? ? ? 
2 2 PDB 1ZZ5 1ZZ5 ? ? ? 
# 
loop_
_struct_ref_seq.align_id 
_struct_ref_seq.ref_id 
_struct_ref_seq.pdbx_PDB_id_code 
_struct_ref_seq.pdbx_strand_id 
_struct_ref_seq.seq_align_beg 
_struct_ref_seq.pdbx_seq_align_beg_ins_code 
_struct_ref_seq.seq_align_end 
_struct_ref_seq.pdbx_seq_align_end_ins_code 
_struct_ref_seq.pdbx_db_accession 
_struct_ref_seq.db_align_beg 
_struct_ref_seq.pdbx_db_align_beg_ins_code 
_struct_ref_seq.db_align_end 
_struct_ref_seq.pdbx_db_align_end_ins_code 
_struct_ref_seq.pdbx_auth_seq_align_beg 
_struct_ref_seq.pdbx_auth_seq_align_end 
1 1 1ZZ5 A 1 ? 15 ? 1ZZ5 2  ? 16 ? 2  16 
2 2 1ZZ5 B 1 ? 14 ? 1ZZ5 21 ? 34 ? 21 34 
3 1 1ZZ5 C 1 ? 15 ? 1ZZ5 2  ? 16 ? 2  16 
4 2 1ZZ5 D 1 ? 14 ? 1ZZ5 21 ? 34 ? 21 34 
# 
loop_
_pdbx_struct_assembly.id 
_pdbx_struct_assembly.details 
_pdbx_struct_assembly.method_details 
_pdbx_struct_assembly.oligomeric_details 
_pdbx_struct_assembly.oligomeric_count 
1 author_defined_assembly ? dimeric 2 
2 author_defined_assembly ? dimeric 2 
# 
loop_
_pdbx_struct_assembly_gen.assembly_id 
_pdbx_struct_assembly_gen.oper_expression 
_pdbx_struct_assembly_gen.asym_id_list 
1 1 A,B,E,F,G,K,L 
2 1 C,D,H,I,J,M,N 
# 
_pdbx_struct_oper_list.id                   1 
_pdbx_struct_oper_list.type                 'identity operation' 
_pdbx_struct_oper_list.name                 1_555 
_pdbx_struct_oper_list.symmetry_operation   x,y,z 
_pdbx_struct_oper_list.matrix[1][1]         1.0000000000 
_pdbx_struct_oper_list.matrix[1][2]         0.0000000000 
_pdbx_struct_oper_list.matrix[1][3]         0.0000000000 
_pdbx_struct_oper_list.vector[1]            0.0000000000 
_pdbx_struct_oper_list.matrix[2][1]         0.0000000000 
_pdbx_struct_oper_list.matrix[2][2]         1.0000000000 
_pdbx_struct_oper_list.matrix[2][3]         0.0000000000 
_pdbx_struct_oper_list.vector[2]            0.0000000000 
_pdbx_struct_oper_list.matrix[3][1]         0.0000000000 
_pdbx_struct_oper_list.matrix[3][2]         0.0000000000 
_pdbx_struct_oper_list.matrix[3][3]         1.0000000000 
_pdbx_struct_oper_list.vector[3]            0.0000000000 
# 
loop_
_struct_biol.id 
_struct_biol.details 
_struct_biol.pdbx_parent_biol_id 
1 
;The chains A and B, C and D form two double-helix RNA biological unit. The two units are related by non-crystallographic symmetry in the asymmetric unit.
;
? 
2 ? ? 
# 
loop_
_struct_conn.id 
_struct_conn.conn_type_id 
_struct_conn.pdbx_leaving_atom_flag 
_struct_conn.pdbx_PDB_id 
_struct_conn.ptnr1_label_asym_id 
_struct_conn.ptnr1_label_comp_id 
_struct_conn.ptnr1_label_seq_id 
_struct_conn.ptnr1_label_atom_id 
_struct_conn.pdbx_ptnr1_label_alt_id 
_struct_conn.pdbx_ptnr1_PDB_ins_code 
_struct_conn.pdbx_ptnr1_standard_comp_id 
_struct_conn.ptnr1_symmetry 
_struct_conn.ptnr2_label_asym_id 
_struct_conn.ptnr2_label_comp_id 
_struct_conn.ptnr2_label_seq_id 
_struct_conn.ptnr2_label_atom_id 
_struct_conn.pdbx_ptnr2_label_alt_id 
_struct_conn.pdbx_ptnr2_PDB_ins_code 
_struct_conn.ptnr1_auth_asym_id 
_struct_conn.ptnr1_auth_comp_id 
_struct_conn.ptnr1_auth_seq_id 
_struct_conn.ptnr2_auth_asym_id 
_struct_conn.ptnr2_auth_comp_id 
_struct_conn.ptnr2_auth_seq_id 
_struct_conn.ptnr2_symmetry 
_struct_conn.pdbx_ptnr3_label_atom_id 
_struct_conn.pdbx_ptnr3_label_seq_id 
_struct_conn.pdbx_ptnr3_label_comp_id 
_struct_conn.pdbx_ptnr3_label_asym_id 
_struct_conn.pdbx_ptnr3_label_alt_id 
_struct_conn.pdbx_ptnr3_PDB_ins_code 
_struct_conn.details 
_struct_conn.pdbx_dist_value 
_struct_conn.pdbx_value_order 
_struct_conn.pdbx_role 
metalc1  metalc ? ? E MG  .  MG ? ? ? 1_555 K HOH .  O  ? ? A MG  100 A HOH 105 1_555 ? ? ? ? ? ? ?             2.243 ? ? 
metalc2  metalc ? ? E MG  .  MG ? ? ? 1_555 K HOH .  O  ? ? A MG  100 A HOH 106 1_555 ? ? ? ? ? ? ?             2.116 ? ? 
metalc3  metalc ? ? E MG  .  MG ? ? ? 1_555 K HOH .  O  ? ? A MG  100 A HOH 107 1_555 ? ? ? ? ? ? ?             2.003 ? ? 
metalc4  metalc ? ? E MG  .  MG ? ? ? 1_555 K HOH .  O  ? ? A MG  100 A HOH 108 1_555 ? ? ? ? ? ? ?             2.002 ? ? 
metalc5  metalc ? ? E MG  .  MG ? ? ? 1_555 K HOH .  O  ? ? A MG  100 A HOH 109 1_555 ? ? ? ? ? ? ?             2.015 ? ? 
metalc6  metalc ? ? E MG  .  MG ? ? ? 1_555 K HOH .  O  ? ? A MG  100 A HOH 110 1_555 ? ? ? ? ? ? ?             2.170 ? ? 
metalc7  metalc ? ? M HOH .  O  ? ? ? 1_555 J MG  .  MG ? ? C HOH 47  D MG  200 1_555 ? ? ? ? ? ? ?             2.244 ? ? 
metalc8  metalc ? ? J MG  .  MG ? ? ? 1_555 N HOH .  O  ? ? D MG  200 D HOH 201 1_555 ? ? ? ? ? ? ?             2.117 ? ? 
metalc9  metalc ? ? J MG  .  MG ? ? ? 1_555 N HOH .  O  ? ? D MG  200 D HOH 202 1_555 ? ? ? ? ? ? ?             2.004 ? ? 
metalc10 metalc ? ? J MG  .  MG ? ? ? 1_555 N HOH .  O  ? ? D MG  200 D HOH 203 1_555 ? ? ? ? ? ? ?             2.001 ? ? 
metalc11 metalc ? ? J MG  .  MG ? ? ? 1_555 N HOH .  O  ? ? D MG  200 D HOH 204 1_555 ? ? ? ? ? ? ?             2.014 ? ? 
metalc12 metalc ? ? J MG  .  MG ? ? ? 1_555 N HOH .  O  ? ? D MG  200 D HOH 205 1_555 ? ? ? ? ? ? ?             2.169 ? ? 
hydrog1  hydrog ? ? A G   1  N1 ? ? ? 1_555 B C   13 N3 ? ? A G   2   B C   33  1_555 ? ? ? ? ? ? WATSON-CRICK  ?     ? ? 
hydrog2  hydrog ? ? A G   1  N2 ? ? ? 1_555 B C   13 O2 ? ? A G   2   B C   33  1_555 ? ? ? ? ? ? WATSON-CRICK  ?     ? ? 
hydrog3  hydrog ? ? A G   1  O6 ? ? ? 1_555 B C   13 N4 ? ? A G   2   B C   33  1_555 ? ? ? ? ? ? WATSON-CRICK  ?     ? ? 
hydrog4  hydrog ? ? A U   2  N3 ? ? ? 1_555 B A   12 N1 ? ? A U   3   B A   32  1_555 ? ? ? ? ? ? WATSON-CRICK  ?     ? ? 
hydrog5  hydrog ? ? A U   2  O4 ? ? ? 1_555 B A   12 N6 ? ? A U   3   B A   32  1_555 ? ? ? ? ? ? WATSON-CRICK  ?     ? ? 
hydrog6  hydrog ? ? A G   3  N1 ? ? ? 1_555 B C   11 N3 ? ? A G   4   B C   31  1_555 ? ? ? ? ? ? WATSON-CRICK  ?     ? ? 
hydrog7  hydrog ? ? A G   3  N2 ? ? ? 1_555 B C   11 O2 ? ? A G   4   B C   31  1_555 ? ? ? ? ? ? WATSON-CRICK  ?     ? ? 
hydrog8  hydrog ? ? A G   3  O6 ? ? ? 1_555 B C   11 N4 ? ? A G   4   B C   31  1_555 ? ? ? ? ? ? WATSON-CRICK  ?     ? ? 
hydrog9  hydrog ? ? A G   4  N1 ? ? ? 1_555 B C   10 N3 ? ? A G   5   B C   30  1_555 ? ? ? ? ? ? 'G-C PAIR'    ?     ? ? 
hydrog10 hydrog ? ? A U   5  N3 ? ? ? 1_555 B A   9  N1 ? ? A U   6   B A   29  1_555 ? ? ? ? ? ? WATSON-CRICK  ?     ? ? 
hydrog11 hydrog ? ? A U   5  O4 ? ? ? 1_555 B A   9  N6 ? ? A U   6   B A   29  1_555 ? ? ? ? ? ? WATSON-CRICK  ?     ? ? 
hydrog12 hydrog ? ? A G   6  N1 ? ? ? 1_555 B C   8  N3 ? ? A G   7   B C   28  1_555 ? ? ? ? ? ? WATSON-CRICK  ?     ? ? 
hydrog13 hydrog ? ? A G   6  N2 ? ? ? 1_555 B C   8  O2 ? ? A G   7   B C   28  1_555 ? ? ? ? ? ? WATSON-CRICK  ?     ? ? 
hydrog14 hydrog ? ? A G   6  O6 ? ? ? 1_555 B C   8  N4 ? ? A G   7   B C   28  1_555 ? ? ? ? ? ? WATSON-CRICK  ?     ? ? 
hydrog15 hydrog ? ? A G   9  N1 ? ? ? 1_555 B C   6  N3 ? ? A G   10  B C   26  1_555 ? ? ? ? ? ? WATSON-CRICK  ?     ? ? 
hydrog16 hydrog ? ? A G   9  N2 ? ? ? 1_555 B C   6  O2 ? ? A G   10  B C   26  1_555 ? ? ? ? ? ? WATSON-CRICK  ?     ? ? 
hydrog17 hydrog ? ? A G   9  O6 ? ? ? 1_555 B C   6  N4 ? ? A G   10  B C   26  1_555 ? ? ? ? ? ? WATSON-CRICK  ?     ? ? 
hydrog18 hydrog ? ? A C   11 N3 ? ? ? 1_555 B G   4  N1 ? ? A C   12  B G   24  1_555 ? ? ? ? ? ? WATSON-CRICK  ?     ? ? 
hydrog19 hydrog ? ? A C   11 N4 ? ? ? 1_555 B G   4  O6 ? ? A C   12  B G   24  1_555 ? ? ? ? ? ? WATSON-CRICK  ?     ? ? 
hydrog20 hydrog ? ? A C   11 O2 ? ? ? 1_555 B G   4  N2 ? ? A C   12  B G   24  1_555 ? ? ? ? ? ? WATSON-CRICK  ?     ? ? 
hydrog21 hydrog ? ? A G   12 N1 ? ? ? 1_555 B C   3  N3 ? ? A G   13  B C   23  1_555 ? ? ? ? ? ? WATSON-CRICK  ?     ? ? 
hydrog22 hydrog ? ? A G   12 N2 ? ? ? 1_555 B C   3  O2 ? ? A G   13  B C   23  1_555 ? ? ? ? ? ? WATSON-CRICK  ?     ? ? 
hydrog23 hydrog ? ? A G   12 O6 ? ? ? 1_555 B C   3  N4 ? ? A G   13  B C   23  1_555 ? ? ? ? ? ? WATSON-CRICK  ?     ? ? 
hydrog24 hydrog ? ? A C   13 N3 ? ? ? 1_555 B G   2  N1 ? ? A C   14  B G   22  1_555 ? ? ? ? ? ? WATSON-CRICK  ?     ? ? 
hydrog25 hydrog ? ? A C   13 N4 ? ? ? 1_555 B G   2  O6 ? ? A C   14  B G   22  1_555 ? ? ? ? ? ? WATSON-CRICK  ?     ? ? 
hydrog26 hydrog ? ? A C   13 O2 ? ? ? 1_555 B G   2  N2 ? ? A C   14  B G   22  1_555 ? ? ? ? ? ? WATSON-CRICK  ?     ? ? 
hydrog27 hydrog ? ? A G   14 N1 ? ? ? 1_555 B C   1  N3 ? ? A G   15  B C   21  1_555 ? ? ? ? ? ? WATSON-CRICK  ?     ? ? 
hydrog28 hydrog ? ? A G   14 N2 ? ? ? 1_555 B C   1  O2 ? ? A G   15  B C   21  1_555 ? ? ? ? ? ? WATSON-CRICK  ?     ? ? 
hydrog29 hydrog ? ? A G   14 O6 ? ? ? 1_555 B C   1  N4 ? ? A G   15  B C   21  1_555 ? ? ? ? ? ? WATSON-CRICK  ?     ? ? 
hydrog30 hydrog ? ? B C   14 N3 ? ? ? 1_555 C G   15 N1 ? ? B C   34  C G   16  1_555 ? ? ? ? ? ? WATSON-CRICK  ?     ? ? 
hydrog31 hydrog ? ? B C   14 N4 ? ? ? 1_555 C G   15 O6 ? ? B C   34  C G   16  1_555 ? ? ? ? ? ? WATSON-CRICK  ?     ? ? 
hydrog32 hydrog ? ? B C   14 O2 ? ? ? 1_555 C G   15 N2 ? ? B C   34  C G   16  1_555 ? ? ? ? ? ? WATSON-CRICK  ?     ? ? 
hydrog33 hydrog ? ? C G   1  N1 ? ? ? 1_555 D C   13 N3 ? ? C G   2   D C   33  1_555 ? ? ? ? ? ? WATSON-CRICK  ?     ? ? 
hydrog34 hydrog ? ? C G   1  N2 ? ? ? 1_555 D C   13 O2 ? ? C G   2   D C   33  1_555 ? ? ? ? ? ? WATSON-CRICK  ?     ? ? 
hydrog35 hydrog ? ? C G   1  O6 ? ? ? 1_555 D C   13 N4 ? ? C G   2   D C   33  1_555 ? ? ? ? ? ? WATSON-CRICK  ?     ? ? 
hydrog36 hydrog ? ? C U   2  N3 ? ? ? 1_555 D A   12 N1 ? ? C U   3   D A   32  1_555 ? ? ? ? ? ? WATSON-CRICK  ?     ? ? 
hydrog37 hydrog ? ? C U   2  O4 ? ? ? 1_555 D A   12 N6 ? ? C U   3   D A   32  1_555 ? ? ? ? ? ? WATSON-CRICK  ?     ? ? 
hydrog38 hydrog ? ? C G   3  N1 ? ? ? 1_555 D C   11 N3 ? ? C G   4   D C   31  1_555 ? ? ? ? ? ? WATSON-CRICK  ?     ? ? 
hydrog39 hydrog ? ? C G   3  N2 ? ? ? 1_555 D C   11 O2 ? ? C G   4   D C   31  1_555 ? ? ? ? ? ? WATSON-CRICK  ?     ? ? 
hydrog40 hydrog ? ? C G   3  O6 ? ? ? 1_555 D C   11 N4 ? ? C G   4   D C   31  1_555 ? ? ? ? ? ? WATSON-CRICK  ?     ? ? 
hydrog41 hydrog ? ? C G   4  N1 ? ? ? 1_555 D C   10 N3 ? ? C G   5   D C   30  1_555 ? ? ? ? ? ? WATSON-CRICK  ?     ? ? 
hydrog42 hydrog ? ? C G   4  N2 ? ? ? 1_555 D C   10 O2 ? ? C G   5   D C   30  1_555 ? ? ? ? ? ? WATSON-CRICK  ?     ? ? 
hydrog43 hydrog ? ? C G   4  O6 ? ? ? 1_555 D C   10 N4 ? ? C G   5   D C   30  1_555 ? ? ? ? ? ? WATSON-CRICK  ?     ? ? 
hydrog44 hydrog ? ? C U   5  N3 ? ? ? 1_555 D A   9  N1 ? ? C U   6   D A   29  1_555 ? ? ? ? ? ? WATSON-CRICK  ?     ? ? 
hydrog45 hydrog ? ? C U   5  O4 ? ? ? 1_555 D A   9  N6 ? ? C U   6   D A   29  1_555 ? ? ? ? ? ? WATSON-CRICK  ?     ? ? 
hydrog46 hydrog ? ? C G   6  N1 ? ? ? 1_555 D C   8  N3 ? ? C G   7   D C   28  1_555 ? ? ? ? ? ? 'G-C PAIR'    ?     ? ? 
hydrog47 hydrog ? ? C G   9  N1 ? ? ? 1_555 D C   6  N3 ? ? C G   10  D C   26  1_555 ? ? ? ? ? ? WATSON-CRICK  ?     ? ? 
hydrog48 hydrog ? ? C G   9  N2 ? ? ? 1_555 D C   6  O2 ? ? C G   10  D C   26  1_555 ? ? ? ? ? ? WATSON-CRICK  ?     ? ? 
hydrog49 hydrog ? ? C G   9  O6 ? ? ? 1_555 D C   6  N4 ? ? C G   10  D C   26  1_555 ? ? ? ? ? ? WATSON-CRICK  ?     ? ? 
hydrog50 hydrog ? ? C U   10 O4 ? ? ? 1_555 D U   5  N3 ? ? C U   11  D U   25  1_555 ? ? ? ? ? ? 'U-U MISPAIR' ?     ? ? 
hydrog51 hydrog ? ? C C   11 N3 ? ? ? 1_555 D G   4  N1 ? ? C C   12  D G   24  1_555 ? ? ? ? ? ? WATSON-CRICK  ?     ? ? 
hydrog52 hydrog ? ? C C   11 N4 ? ? ? 1_555 D G   4  O6 ? ? C C   12  D G   24  1_555 ? ? ? ? ? ? WATSON-CRICK  ?     ? ? 
hydrog53 hydrog ? ? C C   11 O2 ? ? ? 1_555 D G   4  N2 ? ? C C   12  D G   24  1_555 ? ? ? ? ? ? WATSON-CRICK  ?     ? ? 
hydrog54 hydrog ? ? C G   12 N1 ? ? ? 1_555 D C   3  N3 ? ? C G   13  D C   23  1_555 ? ? ? ? ? ? WATSON-CRICK  ?     ? ? 
hydrog55 hydrog ? ? C G   12 N2 ? ? ? 1_555 D C   3  O2 ? ? C G   13  D C   23  1_555 ? ? ? ? ? ? WATSON-CRICK  ?     ? ? 
hydrog56 hydrog ? ? C G   12 O6 ? ? ? 1_555 D C   3  N4 ? ? C G   13  D C   23  1_555 ? ? ? ? ? ? WATSON-CRICK  ?     ? ? 
hydrog57 hydrog ? ? C C   13 N3 ? ? ? 1_555 D G   2  N1 ? ? C C   14  D G   22  1_555 ? ? ? ? ? ? WATSON-CRICK  ?     ? ? 
hydrog58 hydrog ? ? C C   13 N4 ? ? ? 1_555 D G   2  O6 ? ? C C   14  D G   22  1_555 ? ? ? ? ? ? WATSON-CRICK  ?     ? ? 
hydrog59 hydrog ? ? C C   13 O2 ? ? ? 1_555 D G   2  N2 ? ? C C   14  D G   22  1_555 ? ? ? ? ? ? WATSON-CRICK  ?     ? ? 
hydrog60 hydrog ? ? C G   14 N1 ? ? ? 1_555 D C   1  N3 ? ? C G   15  D C   21  1_555 ? ? ? ? ? ? WATSON-CRICK  ?     ? ? 
hydrog61 hydrog ? ? C G   14 N2 ? ? ? 1_555 D C   1  O2 ? ? C G   15  D C   21  1_555 ? ? ? ? ? ? WATSON-CRICK  ?     ? ? 
hydrog62 hydrog ? ? C G   14 O6 ? ? ? 1_555 D C   1  N4 ? ? C G   15  D C   21  1_555 ? ? ? ? ? ? WATSON-CRICK  ?     ? ? 
# 
loop_
_struct_conn_type.id 
_struct_conn_type.criteria 
_struct_conn_type.reference 
metalc ? ? 
hydrog ? ? 
# 
loop_
_pdbx_struct_conn_angle.id 
_pdbx_struct_conn_angle.ptnr1_label_atom_id 
_pdbx_struct_conn_angle.ptnr1_label_alt_id 
_pdbx_struct_conn_angle.ptnr1_label_asym_id 
_pdbx_struct_conn_angle.ptnr1_label_comp_id 
_pdbx_struct_conn_angle.ptnr1_label_seq_id 
_pdbx_struct_conn_angle.ptnr1_auth_atom_id 
_pdbx_struct_conn_angle.ptnr1_auth_asym_id 
_pdbx_struct_conn_angle.ptnr1_auth_comp_id 
_pdbx_struct_conn_angle.ptnr1_auth_seq_id 
_pdbx_struct_conn_angle.ptnr1_PDB_ins_code 
_pdbx_struct_conn_angle.ptnr1_symmetry 
_pdbx_struct_conn_angle.ptnr2_label_atom_id 
_pdbx_struct_conn_angle.ptnr2_label_alt_id 
_pdbx_struct_conn_angle.ptnr2_label_asym_id 
_pdbx_struct_conn_angle.ptnr2_label_comp_id 
_pdbx_struct_conn_angle.ptnr2_label_seq_id 
_pdbx_struct_conn_angle.ptnr2_auth_atom_id 
_pdbx_struct_conn_angle.ptnr2_auth_asym_id 
_pdbx_struct_conn_angle.ptnr2_auth_comp_id 
_pdbx_struct_conn_angle.ptnr2_auth_seq_id 
_pdbx_struct_conn_angle.ptnr2_PDB_ins_code 
_pdbx_struct_conn_angle.ptnr2_symmetry 
_pdbx_struct_conn_angle.ptnr3_label_atom_id 
_pdbx_struct_conn_angle.ptnr3_label_alt_id 
_pdbx_struct_conn_angle.ptnr3_label_asym_id 
_pdbx_struct_conn_angle.ptnr3_label_comp_id 
_pdbx_struct_conn_angle.ptnr3_label_seq_id 
_pdbx_struct_conn_angle.ptnr3_auth_atom_id 
_pdbx_struct_conn_angle.ptnr3_auth_asym_id 
_pdbx_struct_conn_angle.ptnr3_auth_comp_id 
_pdbx_struct_conn_angle.ptnr3_auth_seq_id 
_pdbx_struct_conn_angle.ptnr3_PDB_ins_code 
_pdbx_struct_conn_angle.ptnr3_symmetry 
_pdbx_struct_conn_angle.value 
_pdbx_struct_conn_angle.value_esd 
1  O ? K HOH . ? A HOH 105 ? 1_555 MG ? E MG . ? A MG 100 ? 1_555 O ? K HOH . ? A HOH 106 ? 1_555 85.8  ? 
2  O ? K HOH . ? A HOH 105 ? 1_555 MG ? E MG . ? A MG 100 ? 1_555 O ? K HOH . ? A HOH 107 ? 1_555 89.2  ? 
3  O ? K HOH . ? A HOH 106 ? 1_555 MG ? E MG . ? A MG 100 ? 1_555 O ? K HOH . ? A HOH 107 ? 1_555 82.7  ? 
4  O ? K HOH . ? A HOH 105 ? 1_555 MG ? E MG . ? A MG 100 ? 1_555 O ? K HOH . ? A HOH 108 ? 1_555 176.8 ? 
5  O ? K HOH . ? A HOH 106 ? 1_555 MG ? E MG . ? A MG 100 ? 1_555 O ? K HOH . ? A HOH 108 ? 1_555 91.2  ? 
6  O ? K HOH . ? A HOH 107 ? 1_555 MG ? E MG . ? A MG 100 ? 1_555 O ? K HOH . ? A HOH 108 ? 1_555 89.3  ? 
7  O ? K HOH . ? A HOH 105 ? 1_555 MG ? E MG . ? A MG 100 ? 1_555 O ? K HOH . ? A HOH 109 ? 1_555 89.6  ? 
8  O ? K HOH . ? A HOH 106 ? 1_555 MG ? E MG . ? A MG 100 ? 1_555 O ? K HOH . ? A HOH 109 ? 1_555 171.5 ? 
9  O ? K HOH . ? A HOH 107 ? 1_555 MG ? E MG . ? A MG 100 ? 1_555 O ? K HOH . ? A HOH 109 ? 1_555 90.2  ? 
10 O ? K HOH . ? A HOH 108 ? 1_555 MG ? E MG . ? A MG 100 ? 1_555 O ? K HOH . ? A HOH 109 ? 1_555 93.3  ? 
11 O ? K HOH . ? A HOH 105 ? 1_555 MG ? E MG . ? A MG 100 ? 1_555 O ? K HOH . ? A HOH 110 ? 1_555 94.0  ? 
12 O ? K HOH . ? A HOH 106 ? 1_555 MG ? E MG . ? A MG 100 ? 1_555 O ? K HOH . ? A HOH 110 ? 1_555 98.0  ? 
13 O ? K HOH . ? A HOH 107 ? 1_555 MG ? E MG . ? A MG 100 ? 1_555 O ? K HOH . ? A HOH 110 ? 1_555 176.8 ? 
14 O ? K HOH . ? A HOH 108 ? 1_555 MG ? E MG . ? A MG 100 ? 1_555 O ? K HOH . ? A HOH 110 ? 1_555 87.5  ? 
15 O ? K HOH . ? A HOH 109 ? 1_555 MG ? E MG . ? A MG 100 ? 1_555 O ? K HOH . ? A HOH 110 ? 1_555 89.4  ? 
16 O ? M HOH . ? C HOH 47  ? 1_555 MG ? J MG . ? D MG 200 ? 1_555 O ? N HOH . ? D HOH 201 ? 1_555 85.7  ? 
17 O ? M HOH . ? C HOH 47  ? 1_555 MG ? J MG . ? D MG 200 ? 1_555 O ? N HOH . ? D HOH 202 ? 1_555 89.2  ? 
18 O ? N HOH . ? D HOH 201 ? 1_555 MG ? J MG . ? D MG 200 ? 1_555 O ? N HOH . ? D HOH 202 ? 1_555 82.6  ? 
19 O ? M HOH . ? C HOH 47  ? 1_555 MG ? J MG . ? D MG 200 ? 1_555 O ? N HOH . ? D HOH 203 ? 1_555 176.7 ? 
20 O ? N HOH . ? D HOH 201 ? 1_555 MG ? J MG . ? D MG 200 ? 1_555 O ? N HOH . ? D HOH 203 ? 1_555 91.2  ? 
21 O ? N HOH . ? D HOH 202 ? 1_555 MG ? J MG . ? D MG 200 ? 1_555 O ? N HOH . ? D HOH 203 ? 1_555 89.4  ? 
22 O ? M HOH . ? C HOH 47  ? 1_555 MG ? J MG . ? D MG 200 ? 1_555 O ? N HOH . ? D HOH 204 ? 1_555 89.6  ? 
23 O ? N HOH . ? D HOH 201 ? 1_555 MG ? J MG . ? D MG 200 ? 1_555 O ? N HOH . ? D HOH 204 ? 1_555 171.4 ? 
24 O ? N HOH . ? D HOH 202 ? 1_555 MG ? J MG . ? D MG 200 ? 1_555 O ? N HOH . ? D HOH 204 ? 1_555 90.1  ? 
25 O ? N HOH . ? D HOH 203 ? 1_555 MG ? J MG . ? D MG 200 ? 1_555 O ? N HOH . ? D HOH 204 ? 1_555 93.3  ? 
26 O ? M HOH . ? C HOH 47  ? 1_555 MG ? J MG . ? D MG 200 ? 1_555 O ? N HOH . ? D HOH 205 ? 1_555 94.0  ? 
27 O ? N HOH . ? D HOH 201 ? 1_555 MG ? J MG . ? D MG 200 ? 1_555 O ? N HOH . ? D HOH 205 ? 1_555 98.0  ? 
28 O ? N HOH . ? D HOH 202 ? 1_555 MG ? J MG . ? D MG 200 ? 1_555 O ? N HOH . ? D HOH 205 ? 1_555 176.8 ? 
29 O ? N HOH . ? D HOH 203 ? 1_555 MG ? J MG . ? D MG 200 ? 1_555 O ? N HOH . ? D HOH 205 ? 1_555 87.5  ? 
30 O ? N HOH . ? D HOH 204 ? 1_555 MG ? J MG . ? D MG 200 ? 1_555 O ? N HOH . ? D HOH 205 ? 1_555 89.5  ? 
# 
loop_
_struct_site.id 
_struct_site.pdbx_evidence_code 
_struct_site.pdbx_auth_asym_id 
_struct_site.pdbx_auth_comp_id 
_struct_site.pdbx_auth_seq_id 
_struct_site.pdbx_auth_ins_code 
_struct_site.pdbx_num_residues 
_struct_site.details 
AC1 Software A MG  100 ? 6  'BINDING SITE FOR RESIDUE MG A 100' 
AC2 Software D MG  200 ? 6  'BINDING SITE FOR RESIDUE MG D 200' 
AC3 Software C CNY 41  ? 9  'BINDING SITE FOR RESIDUE CNY C 41' 
AC4 Software A CNY 42  ? 10 'BINDING SITE FOR RESIDUE CNY A 42' 
AC5 Software A CNY 43  ? 10 'BINDING SITE FOR RESIDUE CNY A 43' 
AC6 Software C CNY 44  ? 9  'BINDING SITE FOR RESIDUE CNY C 44' 
1   ?        ? ?   ?   ? ?  ?                                   
# 
loop_
_struct_site_gen.id 
_struct_site_gen.site_id 
_struct_site_gen.pdbx_num_res 
_struct_site_gen.label_comp_id 
_struct_site_gen.label_asym_id 
_struct_site_gen.label_seq_id 
_struct_site_gen.pdbx_auth_ins_code 
_struct_site_gen.auth_comp_id 
_struct_site_gen.auth_asym_id 
_struct_site_gen.auth_seq_id 
_struct_site_gen.label_atom_id 
_struct_site_gen.label_alt_id 
_struct_site_gen.symmetry 
_struct_site_gen.details 
1  AC1 6  HOH K .  ? HOH A 105 . ? 1_555 ? 
2  AC1 6  HOH K .  ? HOH A 106 . ? 1_555 ? 
3  AC1 6  HOH K .  ? HOH A 107 . ? 1_555 ? 
4  AC1 6  HOH K .  ? HOH A 108 . ? 1_555 ? 
5  AC1 6  HOH K .  ? HOH A 109 . ? 1_555 ? 
6  AC1 6  HOH K .  ? HOH A 110 . ? 1_555 ? 
7  AC2 6  HOH M .  ? HOH C 47  . ? 1_555 ? 
8  AC2 6  HOH N .  ? HOH D 201 . ? 1_555 ? 
9  AC2 6  HOH N .  ? HOH D 202 . ? 1_555 ? 
10 AC2 6  HOH N .  ? HOH D 203 . ? 1_555 ? 
11 AC2 6  HOH N .  ? HOH D 204 . ? 1_555 ? 
12 AC2 6  HOH N .  ? HOH D 205 . ? 1_555 ? 
13 AC3 9  U   C 5  ? U   C 6   . ? 1_555 ? 
14 AC3 9  G   C 6  ? G   C 7   . ? 1_555 ? 
15 AC3 9  A   C 7  ? A   C 8   . ? 1_555 ? 
16 AC3 9  A   C 8  ? A   C 9   . ? 1_555 ? 
17 AC3 9  G   C 9  ? G   C 10  . ? 1_555 ? 
18 AC3 9  U   C 10 ? U   C 11  . ? 1_555 ? 
19 AC3 9  HOH M .  ? HOH C 45  . ? 1_555 ? 
20 AC3 9  U   D 5  ? U   D 25  . ? 1_555 ? 
21 AC3 9  A   D 7  ? A   D 27  . ? 1_555 ? 
22 AC4 10 G   A 6  ? G   A 7   . ? 1_555 ? 
23 AC4 10 A   A 7  ? A   A 8   . ? 1_555 ? 
24 AC4 10 A   A 8  ? A   A 9   . ? 1_555 ? 
25 AC4 10 G   A 9  ? G   A 10  . ? 1_555 ? 
26 AC4 10 U   A 10 ? U   A 11  . ? 1_555 ? 
27 AC4 10 HOH K .  ? HOH A 101 . ? 1_555 ? 
28 AC4 10 G   B 4  ? G   B 24  . ? 1_555 ? 
29 AC4 10 U   B 5  ? U   B 25  . ? 1_555 ? 
30 AC4 10 C   B 6  ? C   B 26  . ? 1_555 ? 
31 AC4 10 A   B 7  ? A   B 27  . ? 1_555 ? 
32 AC5 10 U   A 10 ? U   A 11  . ? 1_555 ? 
33 AC5 10 C   A 11 ? C   A 12  . ? 1_555 ? 
34 AC5 10 C   A 13 ? C   A 14  . ? 1_555 ? 
35 AC5 10 G   A 14 ? G   A 15  . ? 1_555 ? 
36 AC5 10 G   A 15 ? G   A 16  . ? 1_555 ? 
37 AC5 10 A   B 12 ? A   B 32  . ? 3_645 ? 
38 AC5 10 C   B 13 ? C   B 33  . ? 3_645 ? 
39 AC5 10 C   B 14 ? C   B 34  . ? 3_645 ? 
40 AC5 10 G   C 1  ? G   C 2   . ? 2_665 ? 
41 AC5 10 C   D 14 ? C   D 34  . ? 2_665 ? 
42 AC6 9  G   A 1  ? G   A 2   . ? 1_555 ? 
43 AC6 9  C   B 14 ? C   B 34  . ? 1_555 ? 
44 AC6 9  U   C 10 ? U   C 11  . ? 1_555 ? 
45 AC6 9  C   C 11 ? C   C 12  . ? 1_555 ? 
46 AC6 9  C   C 13 ? C   C 14  . ? 1_555 ? 
47 AC6 9  G   C 14 ? G   C 15  . ? 1_555 ? 
48 AC6 9  G   C 15 ? G   C 16  . ? 1_555 ? 
49 AC6 9  C   D 13 ? C   D 33  . ? 4_465 ? 
50 AC6 9  C   D 14 ? C   D 34  . ? 4_465 ? 
# 
_pdbx_validate_planes.id              1 
_pdbx_validate_planes.PDB_model_num   1 
_pdbx_validate_planes.auth_comp_id    G 
_pdbx_validate_planes.auth_asym_id    B 
_pdbx_validate_planes.auth_seq_id     24 
_pdbx_validate_planes.PDB_ins_code    ? 
_pdbx_validate_planes.label_alt_id    ? 
_pdbx_validate_planes.rmsd            0.056 
_pdbx_validate_planes.type            'SIDE CHAIN' 
# 
_struct_site_keywords.site_id   1 
_struct_site_keywords.text      bis-intercalation 
# 
loop_
_chem_comp_atom.comp_id 
_chem_comp_atom.atom_id 
_chem_comp_atom.type_symbol 
_chem_comp_atom.pdbx_aromatic_flag 
_chem_comp_atom.pdbx_stereo_config 
_chem_comp_atom.pdbx_ordinal 
A   OP3    O  N N 1   
A   P      P  N N 2   
A   OP1    O  N N 3   
A   OP2    O  N N 4   
A   "O5'"  O  N N 5   
A   "C5'"  C  N N 6   
A   "C4'"  C  N R 7   
A   "O4'"  O  N N 8   
A   "C3'"  C  N S 9   
A   "O3'"  O  N N 10  
A   "C2'"  C  N R 11  
A   "O2'"  O  N N 12  
A   "C1'"  C  N R 13  
A   N9     N  Y N 14  
A   C8     C  Y N 15  
A   N7     N  Y N 16  
A   C5     C  Y N 17  
A   C6     C  Y N 18  
A   N6     N  N N 19  
A   N1     N  Y N 20  
A   C2     C  Y N 21  
A   N3     N  Y N 22  
A   C4     C  Y N 23  
A   HOP3   H  N N 24  
A   HOP2   H  N N 25  
A   "H5'"  H  N N 26  
A   "H5''" H  N N 27  
A   "H4'"  H  N N 28  
A   "H3'"  H  N N 29  
A   "HO3'" H  N N 30  
A   "H2'"  H  N N 31  
A   "HO2'" H  N N 32  
A   "H1'"  H  N N 33  
A   H8     H  N N 34  
A   H61    H  N N 35  
A   H62    H  N N 36  
A   H2     H  N N 37  
C   OP3    O  N N 38  
C   P      P  N N 39  
C   OP1    O  N N 40  
C   OP2    O  N N 41  
C   "O5'"  O  N N 42  
C   "C5'"  C  N N 43  
C   "C4'"  C  N R 44  
C   "O4'"  O  N N 45  
C   "C3'"  C  N S 46  
C   "O3'"  O  N N 47  
C   "C2'"  C  N R 48  
C   "O2'"  O  N N 49  
C   "C1'"  C  N R 50  
C   N1     N  N N 51  
C   C2     C  N N 52  
C   O2     O  N N 53  
C   N3     N  N N 54  
C   C4     C  N N 55  
C   N4     N  N N 56  
C   C5     C  N N 57  
C   C6     C  N N 58  
C   HOP3   H  N N 59  
C   HOP2   H  N N 60  
C   "H5'"  H  N N 61  
C   "H5''" H  N N 62  
C   "H4'"  H  N N 63  
C   "H3'"  H  N N 64  
C   "HO3'" H  N N 65  
C   "H2'"  H  N N 66  
C   "HO2'" H  N N 67  
C   "H1'"  H  N N 68  
C   H41    H  N N 69  
C   H42    H  N N 70  
C   H5     H  N N 71  
C   H6     H  N N 72  
CNY C11    C  N R 73  
CNY O11    O  N N 74  
CNY C21    C  N R 75  
CNY N21    N  N N 76  
CNY C31    C  N R 77  
CNY O31    O  N N 78  
CNY C41    C  N S 79  
CNY O41    O  N N 80  
CNY C51    C  N R 81  
CNY O51    O  N N 82  
CNY C61    C  N N 83  
CNY N61    N  N N 84  
CNY C12    C  N R 85  
CNY N12    N  N N 86  
CNY C22    C  N N 87  
CNY C32    C  N S 88  
CNY N32    N  N N 89  
CNY C42    C  N R 90  
CNY C52    C  N R 91  
CNY O52    O  N N 92  
CNY C62    C  N S 93  
CNY O62    O  N N 94  
CNY C13    C  N S 95  
CNY C23    C  N R 96  
CNY O23    O  N N 97  
CNY C33    C  N S 98  
CNY O33    O  N N 99  
CNY C43    C  N R 100 
CNY O43    O  N N 101 
CNY C53    C  N N 102 
CNY C14    C  N R 103 
CNY C24    C  N R 104 
CNY N24    N  N N 105 
CNY C34    C  N R 106 
CNY O34    O  N N 107 
CNY C44    C  N S 108 
CNY O44    O  N N 109 
CNY C54    C  N S 110 
CNY O54    O  N N 111 
CNY C64    C  N N 112 
CNY N64    N  N N 113 
CNY H11    H  N N 114 
CNY H21    H  N N 115 
CNY H1     H  N N 116 
CNY H31    H  N N 117 
CNY H2     H  N N 118 
CNY H41    H  N N 119 
CNY H3     H  N N 120 
CNY H51    H  N N 121 
CNY H611   H  N N 122 
CNY H612   H  N N 123 
CNY H11A   H  N N 124 
CNY H12A   H  N N 125 
CNY H12    H  N N 126 
CNY H121   H  N N 127 
CNY H122   H  N N 128 
CNY H221   H  N N 129 
CNY H222   H  N N 130 
CNY H32    H  N N 131 
CNY H321   H  N N 132 
CNY H322   H  N N 133 
CNY H42    H  N N 134 
CNY H52    H  N N 135 
CNY H62    H  N N 136 
CNY H4     H  N N 137 
CNY H13    H  N N 138 
CNY H23    H  N N 139 
CNY H5     H  N N 140 
CNY H33    H  N N 141 
CNY H43    H  N N 142 
CNY H531   H  N N 143 
CNY H532   H  N N 144 
CNY H14    H  N N 145 
CNY H24    H  N N 146 
CNY H241   H  N N 147 
CNY H242   H  N N 148 
CNY H34    H  N N 149 
CNY H6     H  N N 150 
CNY H44    H  N N 151 
CNY H7     H  N N 152 
CNY H54    H  N N 153 
CNY H641   H  N N 154 
CNY H642   H  N N 155 
CNY H21A   H  N N 156 
CNY H22    H  N N 157 
G   OP3    O  N N 158 
G   P      P  N N 159 
G   OP1    O  N N 160 
G   OP2    O  N N 161 
G   "O5'"  O  N N 162 
G   "C5'"  C  N N 163 
G   "C4'"  C  N R 164 
G   "O4'"  O  N N 165 
G   "C3'"  C  N S 166 
G   "O3'"  O  N N 167 
G   "C2'"  C  N R 168 
G   "O2'"  O  N N 169 
G   "C1'"  C  N R 170 
G   N9     N  Y N 171 
G   C8     C  Y N 172 
G   N7     N  Y N 173 
G   C5     C  Y N 174 
G   C6     C  N N 175 
G   O6     O  N N 176 
G   N1     N  N N 177 
G   C2     C  N N 178 
G   N2     N  N N 179 
G   N3     N  N N 180 
G   C4     C  Y N 181 
G   HOP3   H  N N 182 
G   HOP2   H  N N 183 
G   "H5'"  H  N N 184 
G   "H5''" H  N N 185 
G   "H4'"  H  N N 186 
G   "H3'"  H  N N 187 
G   "HO3'" H  N N 188 
G   "H2'"  H  N N 189 
G   "HO2'" H  N N 190 
G   "H1'"  H  N N 191 
G   H8     H  N N 192 
G   H1     H  N N 193 
G   H21    H  N N 194 
G   H22    H  N N 195 
HOH O      O  N N 196 
HOH H1     H  N N 197 
HOH H2     H  N N 198 
MG  MG     MG N N 199 
U   OP3    O  N N 200 
U   P      P  N N 201 
U   OP1    O  N N 202 
U   OP2    O  N N 203 
U   "O5'"  O  N N 204 
U   "C5'"  C  N N 205 
U   "C4'"  C  N R 206 
U   "O4'"  O  N N 207 
U   "C3'"  C  N S 208 
U   "O3'"  O  N N 209 
U   "C2'"  C  N R 210 
U   "O2'"  O  N N 211 
U   "C1'"  C  N R 212 
U   N1     N  N N 213 
U   C2     C  N N 214 
U   O2     O  N N 215 
U   N3     N  N N 216 
U   C4     C  N N 217 
U   O4     O  N N 218 
U   C5     C  N N 219 
U   C6     C  N N 220 
U   HOP3   H  N N 221 
U   HOP2   H  N N 222 
U   "H5'"  H  N N 223 
U   "H5''" H  N N 224 
U   "H4'"  H  N N 225 
U   "H3'"  H  N N 226 
U   "HO3'" H  N N 227 
U   "H2'"  H  N N 228 
U   "HO2'" H  N N 229 
U   "H1'"  H  N N 230 
U   H3     H  N N 231 
U   H5     H  N N 232 
U   H6     H  N N 233 
# 
loop_
_chem_comp_bond.comp_id 
_chem_comp_bond.atom_id_1 
_chem_comp_bond.atom_id_2 
_chem_comp_bond.value_order 
_chem_comp_bond.pdbx_aromatic_flag 
_chem_comp_bond.pdbx_stereo_config 
_chem_comp_bond.pdbx_ordinal 
A   OP3   P      sing N N 1   
A   OP3   HOP3   sing N N 2   
A   P     OP1    doub N N 3   
A   P     OP2    sing N N 4   
A   P     "O5'"  sing N N 5   
A   OP2   HOP2   sing N N 6   
A   "O5'" "C5'"  sing N N 7   
A   "C5'" "C4'"  sing N N 8   
A   "C5'" "H5'"  sing N N 9   
A   "C5'" "H5''" sing N N 10  
A   "C4'" "O4'"  sing N N 11  
A   "C4'" "C3'"  sing N N 12  
A   "C4'" "H4'"  sing N N 13  
A   "O4'" "C1'"  sing N N 14  
A   "C3'" "O3'"  sing N N 15  
A   "C3'" "C2'"  sing N N 16  
A   "C3'" "H3'"  sing N N 17  
A   "O3'" "HO3'" sing N N 18  
A   "C2'" "O2'"  sing N N 19  
A   "C2'" "C1'"  sing N N 20  
A   "C2'" "H2'"  sing N N 21  
A   "O2'" "HO2'" sing N N 22  
A   "C1'" N9     sing N N 23  
A   "C1'" "H1'"  sing N N 24  
A   N9    C8     sing Y N 25  
A   N9    C4     sing Y N 26  
A   C8    N7     doub Y N 27  
A   C8    H8     sing N N 28  
A   N7    C5     sing Y N 29  
A   C5    C6     sing Y N 30  
A   C5    C4     doub Y N 31  
A   C6    N6     sing N N 32  
A   C6    N1     doub Y N 33  
A   N6    H61    sing N N 34  
A   N6    H62    sing N N 35  
A   N1    C2     sing Y N 36  
A   C2    N3     doub Y N 37  
A   C2    H2     sing N N 38  
A   N3    C4     sing Y N 39  
C   OP3   P      sing N N 40  
C   OP3   HOP3   sing N N 41  
C   P     OP1    doub N N 42  
C   P     OP2    sing N N 43  
C   P     "O5'"  sing N N 44  
C   OP2   HOP2   sing N N 45  
C   "O5'" "C5'"  sing N N 46  
C   "C5'" "C4'"  sing N N 47  
C   "C5'" "H5'"  sing N N 48  
C   "C5'" "H5''" sing N N 49  
C   "C4'" "O4'"  sing N N 50  
C   "C4'" "C3'"  sing N N 51  
C   "C4'" "H4'"  sing N N 52  
C   "O4'" "C1'"  sing N N 53  
C   "C3'" "O3'"  sing N N 54  
C   "C3'" "C2'"  sing N N 55  
C   "C3'" "H3'"  sing N N 56  
C   "O3'" "HO3'" sing N N 57  
C   "C2'" "O2'"  sing N N 58  
C   "C2'" "C1'"  sing N N 59  
C   "C2'" "H2'"  sing N N 60  
C   "O2'" "HO2'" sing N N 61  
C   "C1'" N1     sing N N 62  
C   "C1'" "H1'"  sing N N 63  
C   N1    C2     sing N N 64  
C   N1    C6     sing N N 65  
C   C2    O2     doub N N 66  
C   C2    N3     sing N N 67  
C   N3    C4     doub N N 68  
C   C4    N4     sing N N 69  
C   C4    C5     sing N N 70  
C   N4    H41    sing N N 71  
C   N4    H42    sing N N 72  
C   C5    C6     doub N N 73  
C   C5    H5     sing N N 74  
C   C6    H6     sing N N 75  
CNY C11   O11    sing N N 76  
CNY C11   C21    sing N N 77  
CNY C11   O51    sing N N 78  
CNY C11   H11    sing N N 79  
CNY O11   C42    sing N N 80  
CNY C21   N21    sing N N 81  
CNY C21   C31    sing N N 82  
CNY C21   H21    sing N N 83  
CNY N21   C53    sing N N 84  
CNY N21   H1     sing N N 85  
CNY C31   O31    sing N N 86  
CNY C31   C41    sing N N 87  
CNY C31   H31    sing N N 88  
CNY O31   H2     sing N N 89  
CNY C41   O41    sing N N 90  
CNY C41   C51    sing N N 91  
CNY C41   H41    sing N N 92  
CNY O41   H3     sing N N 93  
CNY C51   O51    sing N N 94  
CNY C51   C61    sing N N 95  
CNY C51   H51    sing N N 96  
CNY C61   N61    sing N N 97  
CNY C61   H611   sing N N 98  
CNY C61   H612   sing N N 99  
CNY N61   H11A   sing N N 100 
CNY N61   H12A   sing N N 101 
CNY C12   N12    sing N N 102 
CNY C12   C22    sing N N 103 
CNY C12   C62    sing N N 104 
CNY C12   H12    sing N N 105 
CNY N12   H121   sing N N 106 
CNY N12   H122   sing N N 107 
CNY C22   C32    sing N N 108 
CNY C22   H221   sing N N 109 
CNY C22   H222   sing N N 110 
CNY C32   N32    sing N N 111 
CNY C32   C42    sing N N 112 
CNY C32   H32    sing N N 113 
CNY N32   H321   sing N N 114 
CNY N32   H322   sing N N 115 
CNY C42   C52    sing N N 116 
CNY C42   H42    sing N N 117 
CNY C52   O52    sing N N 118 
CNY C52   C62    sing N N 119 
CNY C52   H52    sing N N 120 
CNY O52   C13    sing N N 121 
CNY C62   O62    sing N N 122 
CNY C62   H62    sing N N 123 
CNY O62   H4     sing N N 124 
CNY C13   C23    sing N N 125 
CNY C13   O43    sing N N 126 
CNY C13   H13    sing N N 127 
CNY C23   O23    sing N N 128 
CNY C23   C33    sing N N 129 
CNY C23   H23    sing N N 130 
CNY O23   H5     sing N N 131 
CNY C33   O33    sing N N 132 
CNY C33   C43    sing N N 133 
CNY C33   H33    sing N N 134 
CNY O33   C14    sing N N 135 
CNY C43   O43    sing N N 136 
CNY C43   C53    sing N N 137 
CNY C43   H43    sing N N 138 
CNY C53   H531   sing N N 139 
CNY C53   H532   sing N N 140 
CNY C14   C24    sing N N 141 
CNY C14   O54    sing N N 142 
CNY C14   H14    sing N N 143 
CNY C24   N24    sing N N 144 
CNY C24   C34    sing N N 145 
CNY C24   H24    sing N N 146 
CNY N24   H241   sing N N 147 
CNY N24   H242   sing N N 148 
CNY C34   O34    sing N N 149 
CNY C34   C44    sing N N 150 
CNY C34   H34    sing N N 151 
CNY O34   H6     sing N N 152 
CNY C44   O44    sing N N 153 
CNY C44   C54    sing N N 154 
CNY C44   H44    sing N N 155 
CNY O44   H7     sing N N 156 
CNY C54   O54    sing N N 157 
CNY C54   C64    sing N N 158 
CNY C54   H54    sing N N 159 
CNY C64   N64    sing N N 160 
CNY C64   H641   sing N N 161 
CNY C64   H642   sing N N 162 
CNY N64   H21A   sing N N 163 
CNY N64   H22    sing N N 164 
G   OP3   P      sing N N 165 
G   OP3   HOP3   sing N N 166 
G   P     OP1    doub N N 167 
G   P     OP2    sing N N 168 
G   P     "O5'"  sing N N 169 
G   OP2   HOP2   sing N N 170 
G   "O5'" "C5'"  sing N N 171 
G   "C5'" "C4'"  sing N N 172 
G   "C5'" "H5'"  sing N N 173 
G   "C5'" "H5''" sing N N 174 
G   "C4'" "O4'"  sing N N 175 
G   "C4'" "C3'"  sing N N 176 
G   "C4'" "H4'"  sing N N 177 
G   "O4'" "C1'"  sing N N 178 
G   "C3'" "O3'"  sing N N 179 
G   "C3'" "C2'"  sing N N 180 
G   "C3'" "H3'"  sing N N 181 
G   "O3'" "HO3'" sing N N 182 
G   "C2'" "O2'"  sing N N 183 
G   "C2'" "C1'"  sing N N 184 
G   "C2'" "H2'"  sing N N 185 
G   "O2'" "HO2'" sing N N 186 
G   "C1'" N9     sing N N 187 
G   "C1'" "H1'"  sing N N 188 
G   N9    C8     sing Y N 189 
G   N9    C4     sing Y N 190 
G   C8    N7     doub Y N 191 
G   C8    H8     sing N N 192 
G   N7    C5     sing Y N 193 
G   C5    C6     sing N N 194 
G   C5    C4     doub Y N 195 
G   C6    O6     doub N N 196 
G   C6    N1     sing N N 197 
G   N1    C2     sing N N 198 
G   N1    H1     sing N N 199 
G   C2    N2     sing N N 200 
G   C2    N3     doub N N 201 
G   N2    H21    sing N N 202 
G   N2    H22    sing N N 203 
G   N3    C4     sing N N 204 
HOH O     H1     sing N N 205 
HOH O     H2     sing N N 206 
U   OP3   P      sing N N 207 
U   OP3   HOP3   sing N N 208 
U   P     OP1    doub N N 209 
U   P     OP2    sing N N 210 
U   P     "O5'"  sing N N 211 
U   OP2   HOP2   sing N N 212 
U   "O5'" "C5'"  sing N N 213 
U   "C5'" "C4'"  sing N N 214 
U   "C5'" "H5'"  sing N N 215 
U   "C5'" "H5''" sing N N 216 
U   "C4'" "O4'"  sing N N 217 
U   "C4'" "C3'"  sing N N 218 
U   "C4'" "H4'"  sing N N 219 
U   "O4'" "C1'"  sing N N 220 
U   "C3'" "O3'"  sing N N 221 
U   "C3'" "C2'"  sing N N 222 
U   "C3'" "H3'"  sing N N 223 
U   "O3'" "HO3'" sing N N 224 
U   "C2'" "O2'"  sing N N 225 
U   "C2'" "C1'"  sing N N 226 
U   "C2'" "H2'"  sing N N 227 
U   "O2'" "HO2'" sing N N 228 
U   "C1'" N1     sing N N 229 
U   "C1'" "H1'"  sing N N 230 
U   N1    C2     sing N N 231 
U   N1    C6     sing N N 232 
U   C2    O2     doub N N 233 
U   C2    N3     sing N N 234 
U   N3    C4     sing N N 235 
U   N3    H3     sing N N 236 
U   C4    O4     doub N N 237 
U   C4    C5     sing N N 238 
U   C5    C6     doub N N 239 
U   C5    H5     sing N N 240 
U   C6    H6     sing N N 241 
# 
loop_
_ndb_struct_conf_na.entry_id 
_ndb_struct_conf_na.feature 
1ZZ5 'double helix'         
1ZZ5 'a-form double helix'  
1ZZ5 'mismatched base pair' 
1ZZ5 'internal loop'        
# 
loop_
_ndb_struct_na_base_pair.model_number 
_ndb_struct_na_base_pair.i_label_asym_id 
_ndb_struct_na_base_pair.i_label_comp_id 
_ndb_struct_na_base_pair.i_label_seq_id 
_ndb_struct_na_base_pair.i_symmetry 
_ndb_struct_na_base_pair.j_label_asym_id 
_ndb_struct_na_base_pair.j_label_comp_id 
_ndb_struct_na_base_pair.j_label_seq_id 
_ndb_struct_na_base_pair.j_symmetry 
_ndb_struct_na_base_pair.shear 
_ndb_struct_na_base_pair.stretch 
_ndb_struct_na_base_pair.stagger 
_ndb_struct_na_base_pair.buckle 
_ndb_struct_na_base_pair.propeller 
_ndb_struct_na_base_pair.opening 
_ndb_struct_na_base_pair.pair_number 
_ndb_struct_na_base_pair.pair_name 
_ndb_struct_na_base_pair.i_auth_asym_id 
_ndb_struct_na_base_pair.i_auth_seq_id 
_ndb_struct_na_base_pair.i_PDB_ins_code 
_ndb_struct_na_base_pair.j_auth_asym_id 
_ndb_struct_na_base_pair.j_auth_seq_id 
_ndb_struct_na_base_pair.j_PDB_ins_code 
_ndb_struct_na_base_pair.hbond_type_28 
_ndb_struct_na_base_pair.hbond_type_12 
1 B C 8  1_555 A G 6  1_555 -0.253 0.095  0.172  -2.798  -16.458 -0.175  1  B_C28:G7_A  B 28 ? A 7  ? 19 1 
1 B A 9  1_555 A U 5  1_555 -0.371 -0.289 0.102  -0.949  -12.504 2.904   2  B_A29:U6_A  B 29 ? A 6  ? 20 1 
1 B C 10 1_555 A G 4  1_555 1.405  -0.234 0.350  0.376   -18.377 -15.890 3  B_C30:G5_A  B 30 ? A 5  ? ?  ? 
1 B C 11 1_555 A G 3  1_555 0.295  -0.327 -0.082 1.042   -14.811 -6.826  4  B_C31:G4_A  B 31 ? A 4  ? 19 1 
1 B A 12 1_555 A U 2  1_555 1.271  -0.114 0.019  -8.665  -13.072 -6.125  5  B_A32:U3_A  B 32 ? A 3  ? 20 1 
1 B C 13 1_555 A G 1  1_555 0.321  -0.291 0.699  -11.513 -13.219 -11.406 6  B_C33:G2_A  B 33 ? A 2  ? 19 1 
1 B C 14 1_555 C G 15 1_555 0.243  0.152  -0.185 5.565   -2.904  -1.521  7  B_C34:G16_C B 34 ? C 16 ? 19 1 
1 D C 1  1_555 C G 14 1_555 0.403  -0.270 -0.274 5.476   -2.218  -6.075  8  D_C21:G15_C D 21 ? C 15 ? 19 1 
1 D G 2  1_555 C C 13 1_555 0.367  -0.234 -0.227 -1.839  -6.485  -0.580  9  D_G22:C14_C D 22 ? C 14 ? 19 1 
1 D C 3  1_555 C G 12 1_555 0.090  -0.068 -0.094 8.276   -12.470 6.422   10 D_C23:G13_C D 23 ? C 13 ? 19 1 
1 D G 4  1_555 C C 11 1_555 1.057  -0.167 -0.199 -8.923  -3.312  -1.452  11 D_G24:C12_C D 24 ? C 12 ? 19 1 
1 D U 5  1_555 C U 10 1_555 0.394  -1.314 0.266  5.792   4.049   -12.464 12 D_U25:U11_C D 25 ? C 11 ? ?  ? 
1 D C 6  1_555 C G 9  1_555 0.551  0.155  -0.513 8.179   -0.023  -2.322  13 D_C26:G10_C D 26 ? C 10 ? 19 1 
1 A G 9  1_555 B C 6  1_555 -0.773 -0.141 -0.663 -8.528  -8.048  2.650   14 A_G10:C26_B A 10 ? B 26 ? 19 1 
1 A C 11 1_555 B G 4  1_555 -1.309 0.063  -0.474 14.873  -8.515  1.528   15 A_C12:G24_B A 12 ? B 24 ? 19 1 
1 A G 12 1_555 B C 3  1_555 -1.379 -0.378 0.156  -3.677  -9.820  2.905   16 A_G13:C23_B A 13 ? B 23 ? 19 1 
1 A C 13 1_555 B G 2  1_555 0.441  -0.237 -0.047 5.266   -12.586 0.236   17 A_C14:G22_B A 14 ? B 22 ? 19 1 
1 A G 14 1_555 B C 1  1_555 -0.383 -0.267 -0.404 -10.436 -3.689  -4.190  18 A_G15:C21_B A 15 ? B 21 ? 19 1 
1 C G 1  1_555 D C 13 1_555 -0.703 -0.312 0.663  7.701   -13.029 -8.186  19 C_G2:C33_D  C 2  ? D 33 ? 19 1 
1 C U 2  1_555 D A 12 1_555 0.112  0.173  -0.078 7.236   -16.279 6.622   20 C_U3:A32_D  C 3  ? D 32 ? 20 1 
1 C G 3  1_555 D C 11 1_555 -0.467 -0.370 -0.003 1.027   -14.757 -6.994  21 C_G4:C31_D  C 4  ? D 31 ? 19 1 
1 C G 4  1_555 D C 10 1_555 -0.349 -0.029 0.144  -5.029  -16.743 -8.601  22 C_G5:C30_D  C 5  ? D 30 ? 19 1 
1 C U 5  1_555 D A 9  1_555 0.306  -0.145 0.284  -3.518  -16.300 14.143  23 C_U6:A29_D  C 6  ? D 29 ? 20 1 
1 C G 6  1_555 D C 8  1_555 0.387  0.229  0.311  -0.953  -15.197 5.328   24 C_G7:C28_D  C 7  ? D 28 ? ?  1 
# 
loop_
_ndb_struct_na_base_pair_step.model_number 
_ndb_struct_na_base_pair_step.i_label_asym_id_1 
_ndb_struct_na_base_pair_step.i_label_comp_id_1 
_ndb_struct_na_base_pair_step.i_label_seq_id_1 
_ndb_struct_na_base_pair_step.i_symmetry_1 
_ndb_struct_na_base_pair_step.j_label_asym_id_1 
_ndb_struct_na_base_pair_step.j_label_comp_id_1 
_ndb_struct_na_base_pair_step.j_label_seq_id_1 
_ndb_struct_na_base_pair_step.j_symmetry_1 
_ndb_struct_na_base_pair_step.i_label_asym_id_2 
_ndb_struct_na_base_pair_step.i_label_comp_id_2 
_ndb_struct_na_base_pair_step.i_label_seq_id_2 
_ndb_struct_na_base_pair_step.i_symmetry_2 
_ndb_struct_na_base_pair_step.j_label_asym_id_2 
_ndb_struct_na_base_pair_step.j_label_comp_id_2 
_ndb_struct_na_base_pair_step.j_label_seq_id_2 
_ndb_struct_na_base_pair_step.j_symmetry_2 
_ndb_struct_na_base_pair_step.shift 
_ndb_struct_na_base_pair_step.slide 
_ndb_struct_na_base_pair_step.rise 
_ndb_struct_na_base_pair_step.tilt 
_ndb_struct_na_base_pair_step.roll 
_ndb_struct_na_base_pair_step.twist 
_ndb_struct_na_base_pair_step.x_displacement 
_ndb_struct_na_base_pair_step.y_displacement 
_ndb_struct_na_base_pair_step.helical_rise 
_ndb_struct_na_base_pair_step.inclination 
_ndb_struct_na_base_pair_step.tip 
_ndb_struct_na_base_pair_step.helical_twist 
_ndb_struct_na_base_pair_step.step_number 
_ndb_struct_na_base_pair_step.step_name 
_ndb_struct_na_base_pair_step.i_auth_asym_id_1 
_ndb_struct_na_base_pair_step.i_auth_seq_id_1 
_ndb_struct_na_base_pair_step.i_PDB_ins_code_1 
_ndb_struct_na_base_pair_step.j_auth_asym_id_1 
_ndb_struct_na_base_pair_step.j_auth_seq_id_1 
_ndb_struct_na_base_pair_step.j_PDB_ins_code_1 
_ndb_struct_na_base_pair_step.i_auth_asym_id_2 
_ndb_struct_na_base_pair_step.i_auth_seq_id_2 
_ndb_struct_na_base_pair_step.i_PDB_ins_code_2 
_ndb_struct_na_base_pair_step.j_auth_asym_id_2 
_ndb_struct_na_base_pair_step.j_auth_seq_id_2 
_ndb_struct_na_base_pair_step.j_PDB_ins_code_2 
1 B C 8  1_555 A G 6  1_555 B A 9  1_555 A U 5  1_555 -0.067 -1.869 3.170 -1.766 8.695  31.886 -4.602  -0.150 2.585 15.456 3.139   
33.066 1  BB_C28A29:U6G7_AA   B 28 ? A 7  ? B 29 ? A 6  ? 
1 B A 9  1_555 A U 5  1_555 B C 10 1_555 A G 4  1_555 -1.107 -1.431 3.275 -5.607 7.171  40.788 -2.753  0.971  3.109 10.137 7.926   
41.749 2  BB_A29C30:G5U6_AA   B 29 ? A 6  ? B 30 ? A 5  ? 
1 B C 10 1_555 A G 4  1_555 B C 11 1_555 A G 3  1_555 0.209  -2.002 3.189 2.550  0.154  27.214 -4.274  0.176  3.184 0.327  -5.404  
27.331 3  BB_C30C31:G4G5_AA   B 30 ? A 5  ? B 31 ? A 4  ? 
1 B C 11 1_555 A G 3  1_555 B A 12 1_555 A U 2  1_555 -0.084 -1.988 3.437 3.230  7.436  36.863 -4.029  0.544  2.977 11.588 -5.033  
37.714 4  BB_C31A32:U3G4_AA   B 31 ? A 4  ? B 32 ? A 3  ? 
1 B A 12 1_555 A U 2  1_555 B C 13 1_555 A G 1  1_555 0.217  -2.653 3.125 2.533  7.007  28.231 -6.582  0.045  2.420 14.057 -5.082  
29.178 5  BB_A32C33:G2U3_AA   B 32 ? A 3  ? B 33 ? A 2  ? 
1 B C 13 1_555 A G 1  1_555 B C 14 1_555 C G 15 1_555 -2.806 -1.759 2.780 5.454  7.358  11.610 -10.146 13.359 0.282 30.831 -22.852 
14.777 6  BB_C33C34:G16G2_CA  B 33 ? A 2  ? B 34 ? C 16 ? 
1 B C 14 1_555 C G 15 1_555 D C 1  1_555 C G 14 1_555 -1.083 -2.302 3.341 -1.618 -1.646 36.415 -3.439  1.496  3.482 -2.631 2.586   
36.486 7  BD_C34C21:G15G16_CC B 34 ? C 16 ? D 21 ? C 15 ? 
1 D C 1  1_555 C G 14 1_555 D G 2  1_555 C C 13 1_555 -0.468 -1.774 3.519 2.693  7.117  27.491 -5.232  1.567  2.918 14.624 -5.534  
28.505 8  DD_C21G22:C14G15_CC D 21 ? C 15 ? D 22 ? C 14 ? 
1 D G 2  1_555 C C 13 1_555 D C 3  1_555 C G 12 1_555 0.798  -1.476 3.006 1.469  4.652  30.974 -3.513  -1.230 2.794 8.643  -2.729  
31.346 9  DD_G22C23:G13C14_CC D 22 ? C 14 ? D 23 ? C 13 ? 
1 D C 3  1_555 C G 12 1_555 D G 4  1_555 C C 11 1_555 0.263  -1.668 3.499 0.531  12.458 38.265 -3.839  -0.323 2.845 18.418 -0.785  
40.173 10 DD_C23G24:C12G13_CC D 23 ? C 13 ? D 24 ? C 12 ? 
1 D G 4  1_555 C C 11 1_555 D U 5  1_555 C U 10 1_555 -0.846 -2.092 2.767 -1.707 2.573  26.416 -5.105  1.470  2.604 5.606  3.718   
26.592 11 DD_G24U25:U11C12_CC D 24 ? C 12 ? D 25 ? C 11 ? 
1 D U 5  1_555 C U 10 1_555 D C 6  1_555 C G 9  1_555 0.897  -2.450 3.247 5.182  0.060  29.102 -4.817  -0.641 3.348 0.118  -10.211 
29.550 12 DD_U25C26:G10U11_CC D 25 ? C 11 ? D 26 ? C 10 ? 
1 A G 9  1_555 B C 6  1_555 A C 11 1_555 B G 4  1_555 -0.884 -3.674 5.941 -4.814 5.399  54.415 -4.561  0.449  5.634 5.875  5.238   
54.857 13 AA_G10C12:G24C26_BB A 10 ? B 26 ? A 12 ? B 24 ? 
1 A C 11 1_555 B G 4  1_555 A G 12 1_555 B C 3  1_555 -0.125 -1.941 3.536 -7.939 11.823 28.653 -5.625  -1.180 2.508 22.239 14.933  
31.931 14 AA_C12G13:C23G24_BB A 12 ? B 24 ? A 13 ? B 23 ? 
1 A G 12 1_555 B C 3  1_555 A C 13 1_555 B G 2  1_555 -0.575 -1.274 3.083 -1.107 2.529  43.433 -1.946  0.676  3.021 3.413  1.494   
43.517 15 AA_G13C14:G22C23_BB A 13 ? B 23 ? A 14 ? B 22 ? 
1 A C 13 1_555 B G 2  1_555 A G 14 1_555 B C 1  1_555 0.390  -1.814 3.732 -1.627 7.749  23.977 -6.534  -1.393 2.975 18.034 3.786   
25.232 16 AA_C14G15:C21G22_BB A 14 ? B 22 ? A 15 ? B 21 ? 
1 C G 1  1_555 D C 13 1_555 C U 2  1_555 D A 12 1_555 -0.117 -2.115 3.125 0.708  4.673  38.148 -3.747  0.259  2.853 7.116  -1.079  
38.429 17 CC_G2U3:A32C33_DD   C 2  ? D 33 ? C 3  ? D 32 ? 
1 C U 2  1_555 D A 12 1_555 C G 3  1_555 D C 11 1_555 -0.732 -2.013 3.367 -3.698 8.723  27.570 -5.821  0.685  2.691 17.656 7.486   
29.123 18 CC_U3G4:C31A32_DD   C 3  ? D 32 ? C 4  ? D 31 ? 
1 C G 3  1_555 D C 11 1_555 C G 4  1_555 D C 10 1_555 0.126  -2.215 3.435 -1.321 4.613  30.475 -5.062  -0.494 3.066 8.709  2.493   
30.842 19 CC_G4G5:C30C31_DD   C 4  ? D 31 ? C 5  ? D 30 ? 
1 C G 4  1_555 D C 10 1_555 C U 5  1_555 D A 9  1_555 1.219  -1.010 3.214 2.962  8.814  34.869 -2.835  -1.566 2.970 14.395 -4.838  
36.050 20 CC_G5U6:A29C30_DD   C 5  ? D 30 ? C 6  ? D 29 ? 
1 C U 5  1_555 D A 9  1_555 C G 6  1_555 D C 8  1_555 -0.256 -1.420 3.118 -1.315 8.456  34.160 -3.489  0.246  2.708 14.122 2.196   
35.184 21 CC_U6G7:C28A29_DD   C 6  ? D 29 ? C 7  ? D 28 ? 
# 
_atom_sites.entry_id                    1ZZ5 
_atom_sites.fract_transf_matrix[1][1]   0.00710744 
_atom_sites.fract_transf_matrix[1][2]   -0.01576567 
_atom_sites.fract_transf_matrix[1][3]   0.00945163 
_atom_sites.fract_transf_matrix[2][1]   0.00738165 
_atom_sites.fract_transf_matrix[2][2]   -0.00683037 
_atom_sites.fract_transf_matrix[2][3]   -0.01694417 
_atom_sites.fract_transf_matrix[3][1]   0.00590227 
_atom_sites.fract_transf_matrix[3][2]   0.00338445 
_atom_sites.fract_transf_matrix[3][3]   0.00120699 
_atom_sites.fract_transf_vector[1]      0.649239 
_atom_sites.fract_transf_vector[2]      0.598988 
_atom_sites.fract_transf_vector[3]      0.162560 
# 
loop_
_atom_type.symbol 
C  
MG 
N  
O  
P  
# 
loop_
_atom_site.group_PDB 
_atom_site.id 
_atom_site.type_symbol 
_atom_site.label_atom_id 
_atom_site.label_alt_id 
_atom_site.label_comp_id 
_atom_site.label_asym_id 
_atom_site.label_entity_id 
_atom_site.label_seq_id 
_atom_site.pdbx_PDB_ins_code 
_atom_site.Cartn_x 
_atom_site.Cartn_y 
_atom_site.Cartn_z 
_atom_site.occupancy 
_atom_site.B_iso_or_equiv 
_atom_site.pdbx_formal_charge 
_atom_site.auth_seq_id 
_atom_site.auth_comp_id 
_atom_site.auth_asym_id 
_atom_site.auth_atom_id 
_atom_site.pdbx_PDB_model_num 
ATOM   1    O  "O5'" . G   A 1 1  ? 6.398   -0.501  4.704   1.00 78.08  ? 2   G   A "O5'" 1 
ATOM   2    C  "C5'" . G   A 1 1  ? 6.559   0.506   3.700   1.00 76.24  ? 2   G   A "C5'" 1 
ATOM   3    C  "C4'" . G   A 1 1  ? 6.705   -0.086  2.322   1.00 75.67  ? 2   G   A "C4'" 1 
ATOM   4    O  "O4'" . G   A 1 1  ? 5.413   -0.522  1.823   1.00 75.18  ? 2   G   A "O4'" 1 
ATOM   5    C  "C3'" . G   A 1 1  ? 7.216   0.891   1.291   1.00 75.04  ? 2   G   A "C3'" 1 
ATOM   6    O  "O3'" . G   A 1 1  ? 8.634   0.856   1.337   1.00 77.73  ? 2   G   A "O3'" 1 
ATOM   7    C  "C2'" . G   A 1 1  ? 6.664   0.314   -0.008  1.00 75.37  ? 2   G   A "C2'" 1 
ATOM   8    O  "O2'" . G   A 1 1  ? 7.440   -0.763  -0.500  1.00 76.33  ? 2   G   A "O2'" 1 
ATOM   9    C  "C1'" . G   A 1 1  ? 5.302   -0.217  0.445   1.00 74.28  ? 2   G   A "C1'" 1 
ATOM   10   N  N9    . G   A 1 1  ? 4.185   0.711   0.280   1.00 73.59  ? 2   G   A N9    1 
ATOM   11   C  C8    . G   A 1 1  ? 3.451   1.305   1.280   1.00 73.53  ? 2   G   A C8    1 
ATOM   12   N  N7    . G   A 1 1  ? 2.498   2.073   0.831   1.00 71.94  ? 2   G   A N7    1 
ATOM   13   C  C5    . G   A 1 1  ? 2.607   1.981   -0.547  1.00 72.13  ? 2   G   A C5    1 
ATOM   14   C  C6    . G   A 1 1  ? 1.838   2.583   -1.566  1.00 72.05  ? 2   G   A C6    1 
ATOM   15   O  O6    . G   A 1 1  ? 0.866   3.324   -1.453  1.00 72.46  ? 2   G   A O6    1 
ATOM   16   N  N1    . G   A 1 1  ? 2.298   2.242   -2.828  1.00 71.50  ? 2   G   A N1    1 
ATOM   17   C  C2    . G   A 1 1  ? 3.355   1.406   -3.077  1.00 72.69  ? 2   G   A C2    1 
ATOM   18   N  N2    . G   A 1 1  ? 3.653   1.190   -4.361  1.00 72.33  ? 2   G   A N2    1 
ATOM   19   N  N3    . G   A 1 1  ? 4.072   0.823   -2.134  1.00 72.76  ? 2   G   A N3    1 
ATOM   20   C  C4    . G   A 1 1  ? 3.649   1.153   -0.902  1.00 72.70  ? 2   G   A C4    1 
ATOM   21   P  P     . U   A 1 2  ? 9.487   2.087   0.745   1.00 80.91  ? 3   U   A P     1 
ATOM   22   O  OP1   . U   A 1 2  ? 10.927  1.828   1.053   1.00 78.77  ? 3   U   A OP1   1 
ATOM   23   O  OP2   . U   A 1 2  ? 8.858   3.371   1.181   1.00 79.40  ? 3   U   A OP2   1 
ATOM   24   O  "O5'" . U   A 1 2  ? 9.303   1.972   -0.832  1.00 77.39  ? 3   U   A "O5'" 1 
ATOM   25   C  "C5'" . U   A 1 2  ? 9.510   3.109   -1.640  1.00 75.14  ? 3   U   A "C5'" 1 
ATOM   26   C  "C4'" . U   A 1 2  ? 8.981   2.879   -3.029  1.00 73.88  ? 3   U   A "C4'" 1 
ATOM   27   O  "O4'" . U   A 1 2  ? 7.595   2.449   -2.997  1.00 73.73  ? 3   U   A "O4'" 1 
ATOM   28   C  "C3'" . U   A 1 2  ? 8.930   4.162   -3.826  1.00 72.45  ? 3   U   A "C3'" 1 
ATOM   29   O  "O3'" . U   A 1 2  ? 10.214  4.449   -4.316  1.00 71.46  ? 3   U   A "O3'" 1 
ATOM   30   C  "C2'" . U   A 1 2  ? 7.886   3.861   -4.886  1.00 71.33  ? 3   U   A "C2'" 1 
ATOM   31   O  "O2'" . U   A 1 2  ? 8.392   3.019   -5.891  1.00 72.76  ? 3   U   A "O2'" 1 
ATOM   32   C  "C1'" . U   A 1 2  ? 6.880   3.063   -4.066  1.00 71.37  ? 3   U   A "C1'" 1 
ATOM   33   N  N1    . U   A 1 2  ? 5.773   3.836   -3.486  1.00 70.03  ? 3   U   A N1    1 
ATOM   34   C  C2    . U   A 1 2  ? 4.947   4.560   -4.332  1.00 69.58  ? 3   U   A C2    1 
ATOM   35   O  O2    . U   A 1 2  ? 5.168   4.705   -5.525  1.00 68.26  ? 3   U   A O2    1 
ATOM   36   N  N3    . U   A 1 2  ? 3.865   5.129   -3.715  1.00 69.09  ? 3   U   A N3    1 
ATOM   37   C  C4    . U   A 1 2  ? 3.562   5.087   -2.366  1.00 69.12  ? 3   U   A C4    1 
ATOM   38   O  O4    . U   A 1 2  ? 2.525   5.609   -1.961  1.00 70.39  ? 3   U   A O4    1 
ATOM   39   C  C5    . U   A 1 2  ? 4.499   4.385   -1.565  1.00 67.99  ? 3   U   A C5    1 
ATOM   40   C  C6    . U   A 1 2  ? 5.542   3.799   -2.133  1.00 68.74  ? 3   U   A C6    1 
ATOM   41   P  P     . G   A 1 3  ? 10.811  5.910   -4.095  1.00 71.38  ? 4   G   A P     1 
ATOM   42   O  OP1   . G   A 1 3  ? 12.287  5.779   -4.186  1.00 70.76  ? 4   G   A OP1   1 
ATOM   43   O  OP2   . G   A 1 3  ? 10.197  6.494   -2.873  1.00 68.18  ? 4   G   A OP2   1 
ATOM   44   O  "O5'" . G   A 1 3  ? 10.282  6.654   -5.393  1.00 69.64  ? 4   G   A "O5'" 1 
ATOM   45   C  "C5'" . G   A 1 3  ? 9.857   7.990   -5.343  1.00 70.36  ? 4   G   A "C5'" 1 
ATOM   46   C  "C4'" . G   A 1 3  ? 8.779   8.206   -6.359  1.00 70.20  ? 4   G   A "C4'" 1 
ATOM   47   O  "O4'" . G   A 1 3  ? 7.645   7.385   -6.015  1.00 70.25  ? 4   G   A "O4'" 1 
ATOM   48   C  "C3'" . G   A 1 3  ? 8.234   9.612   -6.354  1.00 70.95  ? 4   G   A "C3'" 1 
ATOM   49   O  "O3'" . G   A 1 3  ? 9.086   10.425  -7.130  1.00 71.41  ? 4   G   A "O3'" 1 
ATOM   50   C  "C2'" . G   A 1 3  ? 6.846   9.414   -6.935  1.00 70.84  ? 4   G   A "C2'" 1 
ATOM   51   O  "O2'" . G   A 1 3  ? 6.816   9.250   -8.334  1.00 71.17  ? 4   G   A "O2'" 1 
ATOM   52   C  "C1'" . G   A 1 3  ? 6.453   8.100   -6.271  1.00 70.65  ? 4   G   A "C1'" 1 
ATOM   53   N  N9    . G   A 1 3  ? 5.741   8.280   -5.010  1.00 71.55  ? 4   G   A N9    1 
ATOM   54   C  C8    . G   A 1 3  ? 6.019   7.698   -3.795  1.00 71.28  ? 4   G   A C8    1 
ATOM   55   N  N7    . G   A 1 3  ? 5.143   7.994   -2.873  1.00 70.71  ? 4   G   A N7    1 
ATOM   56   C  C5    . G   A 1 3  ? 4.246   8.840   -3.513  1.00 71.91  ? 4   G   A C5    1 
ATOM   57   C  C6    . G   A 1 3  ? 3.066   9.471   -3.032  1.00 73.25  ? 4   G   A C6    1 
ATOM   58   O  O6    . G   A 1 3  ? 2.550   9.395   -1.907  1.00 73.81  ? 4   G   A O6    1 
ATOM   59   N  N1    . G   A 1 3  ? 2.466   10.251  -4.019  1.00 73.29  ? 4   G   A N1    1 
ATOM   60   C  C2    . G   A 1 3  ? 2.930   10.394  -5.307  1.00 72.86  ? 4   G   A C2    1 
ATOM   61   N  N2    . G   A 1 3  ? 2.207   11.188  -6.119  1.00 73.27  ? 4   G   A N2    1 
ATOM   62   N  N3    . G   A 1 3  ? 4.018   9.800   -5.768  1.00 71.58  ? 4   G   A N3    1 
ATOM   63   C  C4    . G   A 1 3  ? 4.618   9.044   -4.826  1.00 71.30  ? 4   G   A C4    1 
ATOM   64   P  P     . G   A 1 4  ? 10.300  11.191  -6.416  1.00 74.20  ? 5   G   A P     1 
ATOM   65   O  OP1   . G   A 1 4  ? 11.597  10.816  -7.063  1.00 71.51  ? 5   G   A OP1   1 
ATOM   66   O  OP2   . G   A 1 4  ? 10.132  11.049  -4.938  1.00 70.59  ? 5   G   A OP2   1 
ATOM   67   O  "O5'" . G   A 1 4  ? 9.993   12.702  -6.776  1.00 73.81  ? 5   G   A "O5'" 1 
ATOM   68   C  "C5'" . G   A 1 4  ? 9.130   13.474  -5.956  1.00 72.97  ? 5   G   A "C5'" 1 
ATOM   69   C  "C4'" . G   A 1 4  ? 7.866   13.816  -6.702  1.00 70.49  ? 5   G   A "C4'" 1 
ATOM   70   O  "O4'" . G   A 1 4  ? 6.892   12.761  -6.501  1.00 68.79  ? 5   G   A "O4'" 1 
ATOM   71   C  "C3'" . G   A 1 4  ? 7.177   15.057  -6.173  1.00 70.62  ? 5   G   A "C3'" 1 
ATOM   72   O  "O3'" . G   A 1 4  ? 7.733   16.195  -6.799  1.00 70.53  ? 5   G   A "O3'" 1 
ATOM   73   C  "C2'" . G   A 1 4  ? 5.753   14.815  -6.612  1.00 70.70  ? 5   G   A "C2'" 1 
ATOM   74   O  "O2'" . G   A 1 4  ? 5.670   15.031  -8.004  1.00 71.46  ? 5   G   A "O2'" 1 
ATOM   75   C  "C1'" . G   A 1 4  ? 5.614   13.328  -6.286  1.00 69.39  ? 5   G   A "C1'" 1 
ATOM   76   N  N9    . G   A 1 4  ? 5.250   13.091  -4.892  1.00 68.69  ? 5   G   A N9    1 
ATOM   77   C  C8    . G   A 1 4  ? 5.939   12.337  -3.972  1.00 68.27  ? 5   G   A C8    1 
ATOM   78   N  N7    . G   A 1 4  ? 5.372   12.312  -2.797  1.00 67.52  ? 5   G   A N7    1 
ATOM   79   C  C5    . G   A 1 4  ? 4.244   13.103  -2.945  1.00 68.39  ? 5   G   A C5    1 
ATOM   80   C  C6    . G   A 1 4  ? 3.238   13.458  -2.006  1.00 68.55  ? 5   G   A C6    1 
ATOM   81   O  O6    . G   A 1 4  ? 3.155   13.151  -0.809  1.00 67.19  ? 5   G   A O6    1 
ATOM   82   N  N1    . G   A 1 4  ? 2.257   14.255  -2.586  1.00 70.03  ? 5   G   A N1    1 
ATOM   83   C  C2    . G   A 1 4  ? 2.250   14.670  -3.901  1.00 71.58  ? 5   G   A C2    1 
ATOM   84   N  N2    . G   A 1 4  ? 1.204   15.419  -4.286  1.00 73.21  ? 5   G   A N2    1 
ATOM   85   N  N3    . G   A 1 4  ? 3.195   14.366  -4.779  1.00 70.75  ? 5   G   A N3    1 
ATOM   86   C  C4    . G   A 1 4  ? 4.149   13.583  -4.238  1.00 69.06  ? 5   G   A C4    1 
ATOM   87   P  P     . U   A 1 5  ? 8.683   17.160  -5.952  1.00 72.92  ? 6   U   A P     1 
ATOM   88   O  OP1   . U   A 1 5  ? 9.338   18.093  -6.911  1.00 70.70  ? 6   U   A OP1   1 
ATOM   89   O  OP2   . U   A 1 5  ? 9.522   16.323  -5.053  1.00 70.17  ? 6   U   A OP2   1 
ATOM   90   O  "O5'" . U   A 1 5  ? 7.641   17.959  -5.045  1.00 73.98  ? 6   U   A "O5'" 1 
ATOM   91   C  "C5'" . U   A 1 5  ? 6.676   18.820  -5.642  1.00 75.62  ? 6   U   A "C5'" 1 
ATOM   92   C  "C4'" . U   A 1 5  ? 5.546   19.120  -4.680  1.00 76.87  ? 6   U   A "C4'" 1 
ATOM   93   O  "O4'" . U   A 1 5  ? 4.884   17.890  -4.293  1.00 78.36  ? 6   U   A "O4'" 1 
ATOM   94   C  "C3'" . U   A 1 5  ? 5.899   19.731  -3.340  1.00 77.69  ? 6   U   A "C3'" 1 
ATOM   95   O  "O3'" . U   A 1 5  ? 6.119   21.120  -3.458  1.00 79.57  ? 6   U   A "O3'" 1 
ATOM   96   C  "C2'" . U   A 1 5  ? 4.624   19.475  -2.555  1.00 78.19  ? 6   U   A "C2'" 1 
ATOM   97   O  "O2'" . U   A 1 5  ? 3.580   20.346  -2.938  1.00 77.80  ? 6   U   A "O2'" 1 
ATOM   98   C  "C1'" . U   A 1 5  ? 4.279   18.061  -3.017  1.00 78.29  ? 6   U   A "C1'" 1 
ATOM   99   N  N1    . U   A 1 5  ? 4.809   17.042  -2.100  1.00 78.14  ? 6   U   A N1    1 
ATOM   100  C  C2    . U   A 1 5  ? 4.072   16.761  -0.969  1.00 77.40  ? 6   U   A C2    1 
ATOM   101  O  O2    . U   A 1 5  ? 3.030   17.331  -0.707  1.00 78.28  ? 6   U   A O2    1 
ATOM   102  N  N3    . U   A 1 5  ? 4.603   15.797  -0.154  1.00 76.49  ? 6   U   A N3    1 
ATOM   103  C  C4    . U   A 1 5  ? 5.780   15.114  -0.347  1.00 77.91  ? 6   U   A C4    1 
ATOM   104  O  O4    . U   A 1 5  ? 6.132   14.265  0.472   1.00 79.18  ? 6   U   A O4    1 
ATOM   105  C  C5    . U   A 1 5  ? 6.490   15.473  -1.532  1.00 78.27  ? 6   U   A C5    1 
ATOM   106  C  C6    . U   A 1 5  ? 5.989   16.399  -2.351  1.00 77.86  ? 6   U   A C6    1 
ATOM   107  P  P     . G   A 1 6  ? 7.157   21.839  -2.474  1.00 80.32  ? 7   G   A P     1 
ATOM   108  O  OP1   . G   A 1 6  ? 7.355   23.191  -3.047  1.00 80.51  ? 7   G   A OP1   1 
ATOM   109  O  OP2   . G   A 1 6  ? 8.331   20.949  -2.278  1.00 80.06  ? 7   G   A OP2   1 
ATOM   110  O  "O5'" . G   A 1 6  ? 6.348   21.952  -1.106  1.00 79.17  ? 7   G   A "O5'" 1 
ATOM   111  C  "C5'" . G   A 1 6  ? 5.163   22.730  -1.048  1.00 79.97  ? 7   G   A "C5'" 1 
ATOM   112  C  "C4'" . G   A 1 6  ? 4.442   22.523  0.265   1.00 79.91  ? 7   G   A "C4'" 1 
ATOM   113  O  "O4'" . G   A 1 6  ? 4.000   21.148  0.377   1.00 78.60  ? 7   G   A "O4'" 1 
ATOM   114  C  "C3'" . G   A 1 6  ? 5.224   22.748  1.543   1.00 79.42  ? 7   G   A "C3'" 1 
ATOM   115  O  "O3'" . G   A 1 6  ? 5.286   24.141  1.849   1.00 81.45  ? 7   G   A "O3'" 1 
ATOM   116  C  "C2'" . G   A 1 6  ? 4.333   22.025  2.547   1.00 78.98  ? 7   G   A "C2'" 1 
ATOM   117  O  "O2'" . G   A 1 6  ? 3.174   22.775  2.838   1.00 78.51  ? 7   G   A "O2'" 1 
ATOM   118  C  "C1'" . G   A 1 6  ? 3.909   20.790  1.747   1.00 77.71  ? 7   G   A "C1'" 1 
ATOM   119  N  N9    . G   A 1 6  ? 4.756   19.620  1.977   1.00 76.05  ? 7   G   A N9    1 
ATOM   120  C  C8    . G   A 1 6  ? 5.857   19.255  1.245   1.00 75.51  ? 7   G   A C8    1 
ATOM   121  N  N7    . G   A 1 6  ? 6.452   18.190  1.708   1.00 74.87  ? 7   G   A N7    1 
ATOM   122  C  C5    . G   A 1 6  ? 5.691   17.819  2.807   1.00 74.14  ? 7   G   A C5    1 
ATOM   123  C  C6    . G   A 1 6  ? 5.860   16.747  3.711   1.00 73.95  ? 7   G   A C6    1 
ATOM   124  O  O6    . G   A 1 6  ? 6.755   15.888  3.731   1.00 74.14  ? 7   G   A O6    1 
ATOM   125  N  N1    . G   A 1 6  ? 4.861   16.729  4.674   1.00 72.13  ? 7   G   A N1    1 
ATOM   126  C  C2    . G   A 1 6  ? 3.841   17.627  4.762   1.00 71.99  ? 7   G   A C2    1 
ATOM   127  N  N2    . G   A 1 6  ? 2.987   17.434  5.773   1.00 70.79  ? 7   G   A N2    1 
ATOM   128  N  N3    . G   A 1 6  ? 3.671   18.641  3.927   1.00 72.83  ? 7   G   A N3    1 
ATOM   129  C  C4    . G   A 1 6  ? 4.630   18.677  2.980   1.00 74.05  ? 7   G   A C4    1 
ATOM   130  P  P     . A   A 1 7  ? 6.679   24.948  1.698   1.00 83.32  ? 8   A   A P     1 
ATOM   131  O  OP1   . A   A 1 7  ? 6.531   25.792  0.481   1.00 83.37  ? 8   A   A OP1   1 
ATOM   132  O  OP2   . A   A 1 7  ? 7.863   24.052  1.818   1.00 81.77  ? 8   A   A OP2   1 
ATOM   133  O  "O5'" . A   A 1 7  ? 6.657   25.923  2.958   1.00 82.60  ? 8   A   A "O5'" 1 
ATOM   134  C  "C5'" . A   A 1 7  ? 6.700   25.413  4.292   1.00 82.81  ? 8   A   A "C5'" 1 
ATOM   135  C  "C4'" . A   A 1 7  ? 7.668   26.228  5.121   1.00 82.36  ? 8   A   A "C4'" 1 
ATOM   136  O  "O4'" . A   A 1 7  ? 7.267   27.612  5.046   1.00 83.64  ? 8   A   A "O4'" 1 
ATOM   137  C  "C3'" . A   A 1 7  ? 7.751   25.928  6.615   1.00 80.32  ? 8   A   A "C3'" 1 
ATOM   138  O  "O3'" . A   A 1 7  ? 8.695   24.885  6.858   1.00 74.47  ? 8   A   A "O3'" 1 
ATOM   139  C  "C2'" . A   A 1 7  ? 8.253   27.253  7.195   1.00 82.12  ? 8   A   A "C2'" 1 
ATOM   140  O  "O2'" . A   A 1 7  ? 9.662   27.386  7.217   1.00 83.76  ? 8   A   A "O2'" 1 
ATOM   141  C  "C1'" . A   A 1 7  ? 7.668   28.280  6.220   1.00 84.32  ? 8   A   A "C1'" 1 
ATOM   142  N  N9    . A   A 1 7  ? 6.527   29.021  6.735   1.00 86.51  ? 8   A   A N9    1 
ATOM   143  C  C8    . A   A 1 7  ? 5.212   28.973  6.334   1.00 87.12  ? 8   A   A C8    1 
ATOM   144  N  N7    . A   A 1 7  ? 4.426   29.767  7.020   1.00 88.47  ? 8   A   A N7    1 
ATOM   145  C  C5    . A   A 1 7  ? 5.285   30.378  7.928   1.00 88.32  ? 8   A   A C5    1 
ATOM   146  C  C6    . A   A 1 7  ? 5.068   31.308  8.940   1.00 88.93  ? 8   A   A C6    1 
ATOM   147  N  N6    . A   A 1 7  ? 3.868   31.823  9.210   1.00 92.05  ? 8   A   A N6    1 
ATOM   148  N  N1    . A   A 1 7  ? 6.129   31.702  9.677   1.00 88.69  ? 8   A   A N1    1 
ATOM   149  C  C2    . A   A 1 7  ? 7.331   31.191  9.391   1.00 88.75  ? 8   A   A C2    1 
ATOM   150  N  N3    . A   A 1 7  ? 7.666   30.307  8.455   1.00 88.07  ? 8   A   A N3    1 
ATOM   151  C  C4    . A   A 1 7  ? 6.579   29.933  7.756   1.00 87.57  ? 8   A   A C4    1 
ATOM   152  P  P     . A   A 1 8  ? 8.316   23.674  7.843   1.00 70.60  ? 9   A   A P     1 
ATOM   153  O  OP1   . A   A 1 8  ? 9.363   22.646  7.655   1.00 71.32  ? 9   A   A OP1   1 
ATOM   154  O  OP2   . A   A 1 8  ? 6.887   23.316  7.672   1.00 67.50  ? 9   A   A OP2   1 
ATOM   155  O  "O5'" . A   A 1 8  ? 8.498   24.270  9.306   1.00 69.25  ? 9   A   A "O5'" 1 
ATOM   156  C  "C5'" . A   A 1 8  ? 9.787   24.536  9.850   1.00 64.99  ? 9   A   A "C5'" 1 
ATOM   157  C  "C4'" . A   A 1 8  ? 9.643   25.296  11.147  1.00 64.27  ? 9   A   A "C4'" 1 
ATOM   158  O  "O4'" . A   A 1 8  ? 9.047   26.589  10.867  1.00 63.69  ? 9   A   A "O4'" 1 
ATOM   159  C  "C3'" . A   A 1 8  ? 8.719   24.645  12.166  1.00 62.32  ? 9   A   A "C3'" 1 
ATOM   160  O  "O3'" . A   A 1 8  ? 9.446   23.717  12.982  1.00 60.70  ? 9   A   A "O3'" 1 
ATOM   161  C  "C2'" . A   A 1 8  ? 8.199   25.841  12.966  1.00 61.64  ? 9   A   A "C2'" 1 
ATOM   162  O  "O2'" . A   A 1 8  ? 9.044   26.241  14.025  1.00 57.66  ? 9   A   A "O2'" 1 
ATOM   163  C  "C1'" . A   A 1 8  ? 8.155   26.943  11.903  1.00 62.66  ? 9   A   A "C1'" 1 
ATOM   164  N  N9    . A   A 1 8  ? 6.850   27.162  11.289  1.00 63.84  ? 9   A   A N9    1 
ATOM   165  C  C8    . A   A 1 8  ? 6.341   26.529  10.195  1.00 65.05  ? 9   A   A C8    1 
ATOM   166  N  N7    . A   A 1 8  ? 5.159   26.961  9.835   1.00 66.31  ? 9   A   A N7    1 
ATOM   167  C  C5    . A   A 1 8  ? 4.871   27.941  10.762  1.00 65.46  ? 9   A   A C5    1 
ATOM   168  C  C6    . A   A 1 8  ? 3.781   28.783  10.912  1.00 67.32  ? 9   A   A C6    1 
ATOM   169  N  N6    . A   A 1 8  ? 2.728   28.775  10.096  1.00 70.54  ? 9   A   A N6    1 
ATOM   170  N  N1    . A   A 1 8  ? 3.800   29.656  11.936  1.00 68.22  ? 9   A   A N1    1 
ATOM   171  C  C2    . A   A 1 8  ? 4.860   29.661  12.747  1.00 67.48  ? 9   A   A C2    1 
ATOM   172  N  N3    . A   A 1 8  ? 5.951   28.916  12.706  1.00 66.68  ? 9   A   A N3    1 
ATOM   173  C  C4    . A   A 1 8  ? 5.896   28.067  11.673  1.00 65.51  ? 9   A   A C4    1 
ATOM   174  P  P     . G   A 1 9  ? 9.401   22.144  12.649  1.00 60.65  ? 10  G   A P     1 
ATOM   175  O  OP1   . G   A 1 9  ? 10.453  21.807  11.660  1.00 60.46  ? 10  G   A OP1   1 
ATOM   176  O  OP2   . G   A 1 9  ? 7.992   21.806  12.343  1.00 61.48  ? 10  G   A OP2   1 
ATOM   177  O  "O5'" . G   A 1 9  ? 9.787   21.439  14.017  1.00 56.38  ? 10  G   A "O5'" 1 
ATOM   178  C  "C5'" . G   A 1 9  ? 8.843   21.302  15.066  1.00 54.30  ? 10  G   A "C5'" 1 
ATOM   179  C  "C4'" . G   A 1 9  ? 8.740   19.851  15.481  1.00 54.76  ? 10  G   A "C4'" 1 
ATOM   180  O  "O4'" . G   A 1 9  ? 7.887   19.145  14.540  1.00 54.13  ? 10  G   A "O4'" 1 
ATOM   181  C  "C3'" . G   A 1 9  ? 10.031  19.042  15.478  1.00 54.93  ? 10  G   A "C3'" 1 
ATOM   182  O  "O3'" . G   A 1 9  ? 10.828  19.194  16.649  1.00 56.48  ? 10  G   A "O3'" 1 
ATOM   183  C  "C2'" . G   A 1 9  ? 9.500   17.625  15.354  1.00 54.79  ? 10  G   A "C2'" 1 
ATOM   184  O  "O2'" . G   A 1 9  ? 8.964   17.150  16.566  1.00 56.09  ? 10  G   A "O2'" 1 
ATOM   185  C  "C1'" . G   A 1 9  ? 8.369   17.827  14.351  1.00 55.19  ? 10  G   A "C1'" 1 
ATOM   186  N  N9    . G   A 1 9  ? 8.846   17.705  12.979  1.00 57.25  ? 10  G   A N9    1 
ATOM   187  C  C8    . G   A 1 9  ? 8.885   18.680  12.012  1.00 58.12  ? 10  G   A C8    1 
ATOM   188  N  N7    . G   A 1 9  ? 9.425   18.271  10.900  1.00 59.27  ? 10  G   A N7    1 
ATOM   189  C  C5    . G   A 1 9  ? 9.753   16.947  11.150  1.00 60.30  ? 10  G   A C5    1 
ATOM   190  C  C6    . G   A 1 9  ? 10.395  15.989  10.331  1.00 63.91  ? 10  G   A C6    1 
ATOM   191  O  O6    . G   A 1 9  ? 10.845  16.128  9.191   1.00 68.33  ? 10  G   A O6    1 
ATOM   192  N  N1    . G   A 1 9  ? 10.510  14.763  10.973  1.00 63.47  ? 10  G   A N1    1 
ATOM   193  C  C2    . G   A 1 9  ? 10.074  14.502  12.242  1.00 63.18  ? 10  G   A C2    1 
ATOM   194  N  N2    . G   A 1 9  ? 10.242  13.254  12.683  1.00 64.28  ? 10  G   A N2    1 
ATOM   195  N  N3    . G   A 1 9  ? 9.509   15.396  13.024  1.00 60.82  ? 10  G   A N3    1 
ATOM   196  C  C4    . G   A 1 9  ? 9.378   16.584  12.418  1.00 58.42  ? 10  G   A C4    1 
ATOM   197  P  P     . U   A 1 10 ? 12.429  19.073  16.528  1.00 61.51  ? 11  U   A P     1 
ATOM   198  O  OP1   . U   A 1 10 ? 13.034  19.635  17.748  1.00 60.08  ? 11  U   A OP1   1 
ATOM   199  O  OP2   . U   A 1 10 ? 12.835  19.614  15.200  1.00 59.49  ? 11  U   A OP2   1 
ATOM   200  O  "O5'" . U   A 1 10 ? 12.684  17.502  16.510  1.00 62.16  ? 11  U   A "O5'" 1 
ATOM   201  C  "C5'" . U   A 1 10 ? 12.069  16.636  17.458  1.00 66.25  ? 11  U   A "C5'" 1 
ATOM   202  C  "C4'" . U   A 1 10 ? 12.476  15.202  17.191  1.00 69.89  ? 11  U   A "C4'" 1 
ATOM   203  O  "O4'" . U   A 1 10 ? 12.007  14.817  15.876  1.00 70.69  ? 11  U   A "O4'" 1 
ATOM   204  C  "C3'" . U   A 1 10 ? 13.970  14.940  17.109  1.00 72.14  ? 11  U   A "C3'" 1 
ATOM   205  O  "O3'" . U   A 1 10 ? 14.538  14.796  18.407  1.00 75.20  ? 11  U   A "O3'" 1 
ATOM   206  C  "C2'" . U   A 1 10 ? 14.031  13.647  16.300  1.00 71.35  ? 11  U   A "C2'" 1 
ATOM   207  O  "O2'" . U   A 1 10 ? 13.760  12.472  17.036  1.00 69.73  ? 11  U   A "O2'" 1 
ATOM   208  C  "C1'" . U   A 1 10 ? 12.883  13.855  15.322  1.00 70.91  ? 11  U   A "C1'" 1 
ATOM   209  N  N1    . U   A 1 10 ? 13.312  14.304  13.994  1.00 71.11  ? 11  U   A N1    1 
ATOM   210  C  C2    . U   A 1 10 ? 14.026  13.408  13.231  1.00 72.63  ? 11  U   A C2    1 
ATOM   211  O  O2    . U   A 1 10 ? 14.328  12.302  13.632  1.00 74.58  ? 11  U   A O2    1 
ATOM   212  N  N3    . U   A 1 10 ? 14.372  13.850  11.983  1.00 73.30  ? 11  U   A N3    1 
ATOM   213  C  C4    . U   A 1 10 ? 14.077  15.076  11.436  1.00 74.52  ? 11  U   A C4    1 
ATOM   214  O  O4    . U   A 1 10 ? 14.392  15.308  10.266  1.00 76.17  ? 11  U   A O4    1 
ATOM   215  C  C5    . U   A 1 10 ? 13.351  15.955  12.301  1.00 73.40  ? 11  U   A C5    1 
ATOM   216  C  C6    . U   A 1 10 ? 13.005  15.547  13.522  1.00 71.05  ? 11  U   A C6    1 
ATOM   217  P  P     . C   A 1 11 ? 15.997  15.399  18.710  1.00 77.15  ? 12  C   A P     1 
ATOM   218  O  OP1   . C   A 1 11 ? 16.050  15.453  20.195  1.00 76.81  ? 12  C   A OP1   1 
ATOM   219  O  OP2   . C   A 1 11 ? 16.254  16.631  17.917  1.00 75.85  ? 12  C   A OP2   1 
ATOM   220  O  "O5'" . C   A 1 11 ? 16.997  14.297  18.135  1.00 78.33  ? 12  C   A "O5'" 1 
ATOM   221  C  "C5'" . C   A 1 11 ? 16.828  12.918  18.451  1.00 81.22  ? 12  C   A "C5'" 1 
ATOM   222  C  "C4'" . C   A 1 11 ? 17.501  12.044  17.414  1.00 83.32  ? 12  C   A "C4'" 1 
ATOM   223  O  "O4'" . C   A 1 11 ? 16.796  12.109  16.151  1.00 83.39  ? 12  C   A "O4'" 1 
ATOM   224  C  "C3'" . C   A 1 11 ? 18.931  12.402  17.049  1.00 84.81  ? 12  C   A "C3'" 1 
ATOM   225  O  "O3'" . C   A 1 11 ? 19.814  11.880  18.034  1.00 88.52  ? 12  C   A "O3'" 1 
ATOM   226  C  "C2'" . C   A 1 11 ? 19.110  11.715  15.696  1.00 84.02  ? 12  C   A "C2'" 1 
ATOM   227  O  "O2'" . C   A 1 11 ? 19.490  10.360  15.803  1.00 84.47  ? 12  C   A "O2'" 1 
ATOM   228  C  "C1'" . C   A 1 11 ? 17.699  11.798  15.106  1.00 83.14  ? 12  C   A "C1'" 1 
ATOM   229  N  N1    . C   A 1 11 ? 17.565  12.796  14.036  1.00 82.68  ? 12  C   A N1    1 
ATOM   230  C  C2    . C   A 1 11 ? 17.886  12.410  12.745  1.00 82.77  ? 12  C   A C2    1 
ATOM   231  O  O2    . C   A 1 11 ? 18.263  11.243  12.556  1.00 83.80  ? 12  C   A O2    1 
ATOM   232  N  N3    . C   A 1 11 ? 17.785  13.308  11.733  1.00 81.35  ? 12  C   A N3    1 
ATOM   233  C  C4    . C   A 1 11 ? 17.387  14.550  11.988  1.00 80.24  ? 12  C   A C4    1 
ATOM   234  N  N4    . C   A 1 11 ? 17.313  15.403  10.968  1.00 79.58  ? 12  C   A N4    1 
ATOM   235  C  C5    . C   A 1 11 ? 17.048  14.974  13.302  1.00 81.16  ? 12  C   A C5    1 
ATOM   236  C  C6    . C   A 1 11 ? 17.148  14.072  14.291  1.00 81.89  ? 12  C   A C6    1 
ATOM   237  P  P     . G   A 1 12 ? 21.395  12.135  17.911  1.00 90.84  ? 13  G   A P     1 
ATOM   238  O  OP1   . G   A 1 12 ? 21.999  11.634  19.173  1.00 90.68  ? 13  G   A OP1   1 
ATOM   239  O  OP2   . G   A 1 12 ? 21.637  13.544  17.496  1.00 90.23  ? 13  G   A OP2   1 
ATOM   240  O  "O5'" . G   A 1 12 ? 21.842  11.184  16.711  1.00 91.08  ? 13  G   A "O5'" 1 
ATOM   241  C  "C5'" . G   A 1 12 ? 23.102  11.377  16.090  1.00 92.50  ? 13  G   A "C5'" 1 
ATOM   242  C  "C4'" . G   A 1 12 ? 23.170  10.673  14.757  1.00 93.46  ? 13  G   A "C4'" 1 
ATOM   243  O  "O4'" . G   A 1 12 ? 22.022  11.008  13.939  1.00 93.07  ? 13  G   A "O4'" 1 
ATOM   244  C  "C3'" . G   A 1 12 ? 24.356  11.152  13.940  1.00 95.20  ? 13  G   A "C3'" 1 
ATOM   245  O  "O3'" . G   A 1 12 ? 25.541  10.463  14.308  1.00 97.06  ? 13  G   A "O3'" 1 
ATOM   246  C  "C2'" . G   A 1 12 ? 23.932  10.870  12.507  1.00 94.86  ? 13  G   A "C2'" 1 
ATOM   247  O  "O2'" . G   A 1 12 ? 24.197  9.542   12.112  1.00 95.22  ? 13  G   A "O2'" 1 
ATOM   248  C  "C1'" . G   A 1 12 ? 22.425  11.129  12.577  1.00 93.42  ? 13  G   A "C1'" 1 
ATOM   249  N  N9    . G   A 1 12 ? 22.009  12.442  12.085  1.00 92.52  ? 13  G   A N9    1 
ATOM   250  C  C8    . G   A 1 12 ? 21.205  13.335  12.748  1.00 93.07  ? 13  G   A C8    1 
ATOM   251  N  N7    . G   A 1 12 ? 20.952  14.413  12.057  1.00 92.85  ? 13  G   A N7    1 
ATOM   252  C  C5    . G   A 1 12 ? 21.637  14.230  10.864  1.00 91.61  ? 13  G   A C5    1 
ATOM   253  C  C6    . G   A 1 12 ? 21.730  15.075  9.713   1.00 90.97  ? 13  G   A C6    1 
ATOM   254  O  O6    . G   A 1 12 ? 21.206  16.186  9.519   1.00 88.77  ? 13  G   A O6    1 
ATOM   255  N  N1    . G   A 1 12 ? 22.537  14.510  8.733   1.00 90.64  ? 13  G   A N1    1 
ATOM   256  C  C2    . G   A 1 12 ? 23.181  13.301  8.844   1.00 90.55  ? 13  G   A C2    1 
ATOM   257  N  N2    . G   A 1 12 ? 23.933  12.949  7.796   1.00 90.49  ? 13  G   A N2    1 
ATOM   258  N  N3    . G   A 1 12 ? 23.098  12.502  9.905   1.00 90.84  ? 13  G   A N3    1 
ATOM   259  C  C4    . G   A 1 12 ? 22.311  13.024  10.868  1.00 91.59  ? 13  G   A C4    1 
ATOM   260  P  P     . C   A 1 13 ? 26.906  11.286  14.480  1.00 98.68  ? 14  C   A P     1 
ATOM   261  O  OP1   . C   A 1 13 ? 27.414  10.989  15.854  1.00 97.92  ? 14  C   A OP1   1 
ATOM   262  O  OP2   . C   A 1 13 ? 26.623  12.699  14.084  1.00 98.03  ? 14  C   A OP2   1 
ATOM   263  O  "O5'" . C   A 1 13 ? 27.853  10.645  13.369  1.00 97.46  ? 14  C   A "O5'" 1 
ATOM   264  C  "C5'" . C   A 1 13 ? 27.311  10.249  12.113  1.00 96.69  ? 14  C   A "C5'" 1 
ATOM   265  C  "C4'" . C   A 1 13 ? 27.884  11.106  11.019  1.00 97.40  ? 14  C   A "C4'" 1 
ATOM   266  O  "O4'" . C   A 1 13 ? 26.801  11.743  10.286  1.00 97.19  ? 14  C   A "O4'" 1 
ATOM   267  C  "C3'" . C   A 1 13 ? 28.681  12.299  11.504  1.00 97.50  ? 14  C   A "C3'" 1 
ATOM   268  O  "O3'" . C   A 1 13 ? 29.999  11.946  11.905  1.00 98.24  ? 14  C   A "O3'" 1 
ATOM   269  C  "C2'" . C   A 1 13 ? 28.675  13.198  10.276  1.00 97.82  ? 14  C   A "C2'" 1 
ATOM   270  O  "O2'" . C   A 1 13 ? 29.606  12.777  9.299   1.00 97.94  ? 14  C   A "O2'" 1 
ATOM   271  C  "C1'" . C   A 1 13 ? 27.248  12.994  9.767   1.00 97.86  ? 14  C   A "C1'" 1 
ATOM   272  N  N1    . C   A 1 13 ? 26.326  14.072  10.199  1.00 98.69  ? 14  C   A N1    1 
ATOM   273  C  C2    . C   A 1 13 ? 25.994  15.099  9.279   1.00 98.56  ? 14  C   A C2    1 
ATOM   274  O  O2    . C   A 1 13 ? 26.492  15.081  8.144   1.00 99.28  ? 14  C   A O2    1 
ATOM   275  N  N3    . C   A 1 13 ? 25.151  16.082  9.658   1.00 97.91  ? 14  C   A N3    1 
ATOM   276  C  C4    . C   A 1 13 ? 24.639  16.084  10.890  1.00 98.36  ? 14  C   A C4    1 
ATOM   277  N  N4    . C   A 1 13 ? 23.784  17.065  11.208  1.00 97.92  ? 14  C   A N4    1 
ATOM   278  C  C5    . C   A 1 13 ? 24.971  15.073  11.850  1.00 98.74  ? 14  C   A C5    1 
ATOM   279  C  C6    . C   A 1 13 ? 25.805  14.092  11.464  1.00 98.44  ? 14  C   A C6    1 
ATOM   280  P  P     . G   A 1 14 ? 31.014  13.104  12.393  1.00 98.82  ? 15  G   A P     1 
ATOM   281  O  OP1   . G   A 1 14 ? 32.264  12.425  12.835  1.00 98.35  ? 15  G   A OP1   1 
ATOM   282  O  OP2   . G   A 1 14 ? 30.318  14.038  13.329  1.00 97.89  ? 15  G   A OP2   1 
ATOM   283  O  "O5'" . G   A 1 14 ? 31.321  13.909  11.055  1.00 95.23  ? 15  G   A "O5'" 1 
ATOM   284  C  "C5'" . G   A 1 14 ? 31.614  15.286  11.095  1.00 91.97  ? 15  G   A "C5'" 1 
ATOM   285  C  "C4'" . G   A 1 14 ? 31.454  15.876  9.728   1.00 90.28  ? 15  G   A "C4'" 1 
ATOM   286  O  "O4'" . G   A 1 14 ? 30.076  15.709  9.296   1.00 89.95  ? 15  G   A "O4'" 1 
ATOM   287  C  "C3'" . G   A 1 14 ? 31.679  17.370  9.689   1.00 89.75  ? 15  G   A "C3'" 1 
ATOM   288  O  "O3'" . G   A 1 14 ? 33.063  17.675  9.618   1.00 88.45  ? 15  G   A "O3'" 1 
ATOM   289  C  "C2'" . G   A 1 14 ? 30.872  17.773  8.462   1.00 90.64  ? 15  G   A "C2'" 1 
ATOM   290  O  "O2'" . G   A 1 14 ? 31.504  17.440  7.242   1.00 91.11  ? 15  G   A "O2'" 1 
ATOM   291  C  "C1'" . G   A 1 14 ? 29.629  16.897  8.642   1.00 90.56  ? 15  G   A "C1'" 1 
ATOM   292  N  N9    . G   A 1 14 ? 28.598  17.537  9.470   1.00 90.12  ? 15  G   A N9    1 
ATOM   293  C  C8    . G   A 1 14 ? 28.040  17.048  10.633  1.00 89.87  ? 15  G   A C8    1 
ATOM   294  N  N7    . G   A 1 14 ? 27.147  17.847  11.153  1.00 88.43  ? 15  G   A N7    1 
ATOM   295  C  C5    . G   A 1 14 ? 27.112  18.935  10.287  1.00 88.03  ? 15  G   A C5    1 
ATOM   296  C  C6    . G   A 1 14 ? 26.338  20.128  10.337  1.00 87.47  ? 15  G   A C6    1 
ATOM   297  O  O6    . G   A 1 14 ? 25.524  20.488  11.192  1.00 86.64  ? 15  G   A O6    1 
ATOM   298  N  N1    . G   A 1 14 ? 26.596  20.950  9.253   1.00 86.58  ? 15  G   A N1    1 
ATOM   299  C  C2    . G   A 1 14 ? 27.497  20.682  8.258   1.00 87.26  ? 15  G   A C2    1 
ATOM   300  N  N2    . G   A 1 14 ? 27.595  21.613  7.295   1.00 87.56  ? 15  G   A N2    1 
ATOM   301  N  N3    . G   A 1 14 ? 28.245  19.588  8.207   1.00 86.92  ? 15  G   A N3    1 
ATOM   302  C  C4    . G   A 1 14 ? 27.997  18.760  9.242   1.00 88.08  ? 15  G   A C4    1 
ATOM   303  P  P     . G   A 1 15 ? 33.657  18.853  10.540  1.00 88.78  ? 16  G   A P     1 
ATOM   304  O  OP1   . G   A 1 15 ? 35.130  18.900  10.335  1.00 89.77  ? 16  G   A OP1   1 
ATOM   305  O  OP2   . G   A 1 15 ? 33.127  18.652  11.921  1.00 88.15  ? 16  G   A OP2   1 
ATOM   306  O  "O5'" . G   A 1 15 ? 33.034  20.177  9.890   1.00 85.21  ? 16  G   A "O5'" 1 
ATOM   307  C  "C5'" . G   A 1 15 ? 33.152  20.423  8.484   1.00 81.11  ? 16  G   A "C5'" 1 
ATOM   308  C  "C4'" . G   A 1 15 ? 32.391  21.671  8.084   1.00 79.67  ? 16  G   A "C4'" 1 
ATOM   309  O  "O4'" . G   A 1 15 ? 30.951  21.448  8.145   1.00 79.71  ? 16  G   A "O4'" 1 
ATOM   310  C  "C3'" . G   A 1 15 ? 32.590  22.908  8.945   1.00 78.64  ? 16  G   A "C3'" 1 
ATOM   311  O  "O3'" . G   A 1 15 ? 33.851  23.566  8.869   1.00 79.80  ? 16  G   A "O3'" 1 
ATOM   312  C  "C2'" . G   A 1 15 ? 31.368  23.739  8.571   1.00 77.81  ? 16  G   A "C2'" 1 
ATOM   313  O  "O2'" . G   A 1 15 ? 31.453  24.318  7.287   1.00 76.32  ? 16  G   A "O2'" 1 
ATOM   314  C  "C1'" . G   A 1 15 ? 30.293  22.655  8.542   1.00 77.25  ? 16  G   A "C1'" 1 
ATOM   315  N  N9    . G   A 1 15 ? 29.696  22.446  9.863   1.00 74.95  ? 16  G   A N9    1 
ATOM   316  C  C8    . G   A 1 15 ? 29.988  21.437  10.755  1.00 73.41  ? 16  G   A C8    1 
ATOM   317  N  N7    . G   A 1 15 ? 29.272  21.492  11.843  1.00 71.87  ? 16  G   A N7    1 
ATOM   318  C  C5    . G   A 1 15 ? 28.460  22.606  11.666  1.00 72.01  ? 16  G   A C5    1 
ATOM   319  C  C6    . G   A 1 15 ? 27.456  23.161  12.513  1.00 70.87  ? 16  G   A C6    1 
ATOM   320  O  O6    . G   A 1 15 ? 27.056  22.744  13.612  1.00 69.61  ? 16  G   A O6    1 
ATOM   321  N  N1    . G   A 1 15 ? 26.894  24.310  11.956  1.00 69.08  ? 16  G   A N1    1 
ATOM   322  C  C2    . G   A 1 15 ? 27.241  24.847  10.743  1.00 68.46  ? 16  G   A C2    1 
ATOM   323  N  N2    . G   A 1 15 ? 26.594  25.957  10.395  1.00 66.08  ? 16  G   A N2    1 
ATOM   324  N  N3    . G   A 1 15 ? 28.158  24.331  9.933   1.00 69.51  ? 16  G   A N3    1 
ATOM   325  C  C4    . G   A 1 15 ? 28.723  23.218  10.455  1.00 72.51  ? 16  G   A C4    1 
ATOM   326  O  "O5'" . C   B 2 1  ? 20.772  27.532  8.029   1.00 73.90  ? 21  C   B "O5'" 1 
ATOM   327  C  "C5'" . C   B 2 1  ? 21.485  28.282  7.041   1.00 74.01  ? 21  C   B "C5'" 1 
ATOM   328  C  "C4'" . C   B 2 1  ? 22.680  27.573  6.443   1.00 74.75  ? 21  C   B "C4'" 1 
ATOM   329  O  "O4'" . C   B 2 1  ? 23.672  27.312  7.469   1.00 74.96  ? 21  C   B "O4'" 1 
ATOM   330  C  "C3'" . C   B 2 1  ? 22.416  26.196  5.869   1.00 76.96  ? 21  C   B "C3'" 1 
ATOM   331  O  "O3'" . C   B 2 1  ? 21.849  26.298  4.576   1.00 80.80  ? 21  C   B "O3'" 1 
ATOM   332  C  "C2'" . C   B 2 1  ? 23.812  25.591  5.848   1.00 76.31  ? 21  C   B "C2'" 1 
ATOM   333  O  "O2'" . C   B 2 1  ? 24.612  26.070  4.788   1.00 76.93  ? 21  C   B "O2'" 1 
ATOM   334  C  "C1'" . C   B 2 1  ? 24.376  26.118  7.165   1.00 74.22  ? 21  C   B "C1'" 1 
ATOM   335  N  N1    . C   B 2 1  ? 24.193  25.182  8.281   1.00 72.90  ? 21  C   B N1    1 
ATOM   336  C  C2    . C   B 2 1  ? 25.087  24.133  8.422   1.00 73.18  ? 21  C   B C2    1 
ATOM   337  O  O2    . C   B 2 1  ? 25.976  23.996  7.570   1.00 74.82  ? 21  C   B O2    1 
ATOM   338  N  N3    . C   B 2 1  ? 24.970  23.288  9.475   1.00 71.94  ? 21  C   B N3    1 
ATOM   339  C  C4    . C   B 2 1  ? 23.991  23.470  10.361  1.00 71.90  ? 21  C   B C4    1 
ATOM   340  N  N4    . C   B 2 1  ? 23.931  22.644  11.408  1.00 71.98  ? 21  C   B N4    1 
ATOM   341  C  C5    . C   B 2 1  ? 23.034  24.516  10.219  1.00 72.35  ? 21  C   B C5    1 
ATOM   342  C  C6    . C   B 2 1  ? 23.173  25.342  9.174   1.00 72.37  ? 21  C   B C6    1 
ATOM   343  P  P     . G   B 2 2  ? 20.969  25.089  3.999   1.00 82.09  ? 22  G   B P     1 
ATOM   344  O  OP1   . G   B 2 2  ? 20.359  25.613  2.747   1.00 81.53  ? 22  G   B OP1   1 
ATOM   345  O  OP2   . G   B 2 2  ? 20.088  24.550  5.074   1.00 81.70  ? 22  G   B OP2   1 
ATOM   346  O  "O5'" . G   B 2 2  ? 22.073  23.996  3.653   1.00 81.15  ? 22  G   B "O5'" 1 
ATOM   347  C  "C5'" . G   B 2 2  ? 23.011  24.233  2.619   1.00 83.08  ? 22  G   B "C5'" 1 
ATOM   348  C  "C4'" . G   B 2 2  ? 23.948  23.067  2.496   1.00 85.49  ? 22  G   B "C4'" 1 
ATOM   349  O  "O4'" . G   B 2 2  ? 24.671  22.933  3.744   1.00 85.06  ? 22  G   B "O4'" 1 
ATOM   350  C  "C3'" . G   B 2 2  ? 23.311  21.698  2.307   1.00 87.23  ? 22  G   B "C3'" 1 
ATOM   351  O  "O3'" . G   B 2 2  ? 22.944  21.436  0.947   1.00 91.17  ? 22  G   B "O3'" 1 
ATOM   352  C  "C2'" . G   B 2 2  ? 24.423  20.772  2.791   1.00 86.28  ? 22  G   B "C2'" 1 
ATOM   353  O  "O2'" . G   B 2 2  ? 25.445  20.574  1.833   1.00 86.56  ? 22  G   B "O2'" 1 
ATOM   354  C  "C1'" . G   B 2 2  ? 24.979  21.565  3.977   1.00 83.69  ? 22  G   B "C1'" 1 
ATOM   355  N  N9    . G   B 2 2  ? 24.379  21.165  5.245   1.00 80.68  ? 22  G   B N9    1 
ATOM   356  C  C8    . G   B 2 2  ? 23.357  21.791  5.915   1.00 79.99  ? 22  G   B C8    1 
ATOM   357  N  N7    . G   B 2 2  ? 23.000  21.167  7.005   1.00 79.43  ? 22  G   B N7    1 
ATOM   358  C  C5    . G   B 2 2  ? 23.852  20.071  7.067   1.00 78.71  ? 22  G   B C5    1 
ATOM   359  C  C6    . G   B 2 2  ? 23.934  19.013  8.024   1.00 77.81  ? 22  G   B C6    1 
ATOM   360  O  O6    . G   B 2 2  ? 23.265  18.843  9.054   1.00 76.86  ? 22  G   B O6    1 
ATOM   361  N  N1    . G   B 2 2  ? 24.915  18.091  7.679   1.00 77.56  ? 22  G   B N1    1 
ATOM   362  C  C2    . G   B 2 2  ? 25.716  18.172  6.563   1.00 78.08  ? 22  G   B C2    1 
ATOM   363  N  N2    . G   B 2 2  ? 26.574  17.158  6.381   1.00 78.42  ? 22  G   B N2    1 
ATOM   364  N  N3    . G   B 2 2  ? 25.670  19.163  5.683   1.00 77.71  ? 22  G   B N3    1 
ATOM   365  C  C4    . G   B 2 2  ? 24.716  20.064  5.990   1.00 78.71  ? 22  G   B C4    1 
ATOM   366  P  P     . C   B 2 3  ? 21.920  20.229  0.617   1.00 94.46  ? 23  C   B P     1 
ATOM   367  O  OP1   . C   B 2 3  ? 21.942  19.977  -0.850  1.00 94.28  ? 23  C   B OP1   1 
ATOM   368  O  OP2   . C   B 2 3  ? 20.625  20.491  1.295   1.00 94.01  ? 23  C   B OP2   1 
ATOM   369  O  "O5'" . C   B 2 3  ? 22.599  18.964  1.309   1.00 94.80  ? 23  C   B "O5'" 1 
ATOM   370  C  "C5'" . C   B 2 3  ? 23.694  18.307  0.682   1.00 95.17  ? 23  C   B "C5'" 1 
ATOM   371  C  "C4'" . C   B 2 3  ? 23.977  16.988  1.362   1.00 95.74  ? 23  C   B "C4'" 1 
ATOM   372  O  "O4'" . C   B 2 3  ? 24.411  17.242  2.723   1.00 93.48  ? 23  C   B "O4'" 1 
ATOM   373  C  "C3'" . C   B 2 3  ? 22.803  16.029  1.533   1.00 95.07  ? 23  C   B "C3'" 1 
ATOM   374  O  "O3'" . C   B 2 3  ? 22.520  15.274  0.355   1.00 96.52  ? 23  C   B "O3'" 1 
ATOM   375  C  "C2'" . C   B 2 3  ? 23.305  15.146  2.667   1.00 94.67  ? 23  C   B "C2'" 1 
ATOM   376  O  "O2'" . C   B 2 3  ? 24.261  14.191  2.249   1.00 95.32  ? 23  C   B "O2'" 1 
ATOM   377  C  "C1'" . C   B 2 3  ? 23.977  16.186  3.563   1.00 92.32  ? 23  C   B "C1'" 1 
ATOM   378  N  N1    . C   B 2 3  ? 23.015  16.741  4.511   1.00 89.97  ? 23  C   B N1    1 
ATOM   379  C  C2    . C   B 2 3  ? 22.869  16.136  5.775   1.00 88.61  ? 23  C   B C2    1 
ATOM   380  O  O2    . C   B 2 3  ? 23.572  15.145  6.060   1.00 86.68  ? 23  C   B O2    1 
ATOM   381  N  N3    . C   B 2 3  ? 21.969  16.651  6.648   1.00 87.75  ? 23  C   B N3    1 
ATOM   382  C  C4    . C   B 2 3  ? 21.242  17.720  6.302   1.00 87.29  ? 23  C   B C4    1 
ATOM   383  N  N4    . C   B 2 3  ? 20.377  18.204  7.191   1.00 87.35  ? 23  C   B N4    1 
ATOM   384  C  C5    . C   B 2 3  ? 21.373  18.344  5.025   1.00 87.91  ? 23  C   B C5    1 
ATOM   385  C  C6    . C   B 2 3  ? 22.263  17.831  4.172   1.00 88.03  ? 23  C   B C6    1 
ATOM   386  P  P     . G   B 2 4  ? 21.074  14.578  0.181   1.00 98.67  ? 24  G   B P     1 
ATOM   387  O  OP1   . G   B 2 4  ? 21.121  13.794  -1.086  1.00 98.02  ? 24  G   B OP1   1 
ATOM   388  O  OP2   . G   B 2 4  ? 20.016  15.614  0.357   1.00 97.47  ? 24  G   B OP2   1 
ATOM   389  O  "O5'" . G   B 2 4  ? 20.996  13.539  1.394   1.00 96.56  ? 24  G   B "O5'" 1 
ATOM   390  C  "C5'" . G   B 2 4  ? 21.766  12.341  1.361   1.00 96.55  ? 24  G   B "C5'" 1 
ATOM   391  C  "C4'" . G   B 2 4  ? 21.551  11.528  2.616   1.00 96.22  ? 24  G   B "C4'" 1 
ATOM   392  O  "O4'" . G   B 2 4  ? 22.086  12.245  3.760   1.00 96.22  ? 24  G   B "O4'" 1 
ATOM   393  C  "C3'" . G   B 2 4  ? 20.113  11.250  3.018   1.00 96.22  ? 24  G   B "C3'" 1 
ATOM   394  O  "O3'" . G   B 2 4  ? 19.519  10.190  2.276   1.00 97.94  ? 24  G   B "O3'" 1 
ATOM   395  C  "C2'" . G   B 2 4  ? 20.277  10.894  4.489   1.00 96.42  ? 24  G   B "C2'" 1 
ATOM   396  O  "O2'" . G   B 2 4  ? 20.737  9.577   4.702   1.00 96.98  ? 24  G   B "O2'" 1 
ATOM   397  C  "C1'" . G   B 2 4  ? 21.326  11.922  4.922   1.00 96.09  ? 24  G   B "C1'" 1 
ATOM   398  N  N9    . G   B 2 4  ? 20.654  13.131  5.408   1.00 95.20  ? 24  G   B N9    1 
ATOM   399  C  C8    . G   B 2 4  ? 20.393  14.285  4.708   1.00 93.98  ? 24  G   B C8    1 
ATOM   400  N  N7    . G   B 2 4  ? 19.656  15.132  5.376   1.00 93.26  ? 24  G   B N7    1 
ATOM   401  C  C5    . G   B 2 4  ? 19.439  14.510  6.600   1.00 93.16  ? 24  G   B C5    1 
ATOM   402  C  C6    . G   B 2 4  ? 18.675  14.928  7.730   1.00 92.83  ? 24  G   B C6    1 
ATOM   403  O  O6    . G   B 2 4  ? 17.994  15.954  7.871   1.00 92.45  ? 24  G   B O6    1 
ATOM   404  N  N1    . G   B 2 4  ? 18.738  13.999  8.760   1.00 92.15  ? 24  G   B N1    1 
ATOM   405  C  C2    . G   B 2 4  ? 19.423  12.816  8.711   1.00 92.63  ? 24  G   B C2    1 
ATOM   406  N  N2    . G   B 2 4  ? 19.351  12.051  9.807   1.00 93.06  ? 24  G   B N2    1 
ATOM   407  N  N3    . G   B 2 4  ? 20.122  12.407  7.666   1.00 93.03  ? 24  G   B N3    1 
ATOM   408  C  C4    . G   B 2 4  ? 20.083  13.295  6.653   1.00 93.39  ? 24  G   B C4    1 
ATOM   409  P  P     . U   B 2 5  ? 17.911  10.066  2.214   1.00 99.98  ? 25  U   B P     1 
ATOM   410  O  OP1   . U   B 2 5  ? 17.583  9.052   1.166   1.00 98.88  ? 25  U   B OP1   1 
ATOM   411  O  OP2   . U   B 2 5  ? 17.316  11.433  2.125   1.00 99.08  ? 25  U   B OP2   1 
ATOM   412  O  "O5'" . U   B 2 5  ? 17.521  9.466   3.641   1.00 98.89  ? 25  U   B "O5'" 1 
ATOM   413  C  "C5'" . U   B 2 5  ? 18.119  8.265   4.103   1.00 97.80  ? 25  U   B "C5'" 1 
ATOM   414  C  "C4'" . U   B 2 5  ? 17.738  8.009   5.533   1.00 97.53  ? 25  U   B "C4'" 1 
ATOM   415  O  "O4'" . U   B 2 5  ? 18.282  9.053   6.388   1.00 97.34  ? 25  U   B "O4'" 1 
ATOM   416  C  "C3'" . U   B 2 5  ? 16.256  8.053   5.852   1.00 97.48  ? 25  U   B "C3'" 1 
ATOM   417  O  "O3'" . U   B 2 5  ? 15.586  6.857   5.483   1.00 98.36  ? 25  U   B "O3'" 1 
ATOM   418  C  "C2'" . U   B 2 5  ? 16.288  8.211   7.366   1.00 97.30  ? 25  U   B "C2'" 1 
ATOM   419  O  "O2'" . U   B 2 5  ? 16.572  6.990   8.032   1.00 96.42  ? 25  U   B "O2'" 1 
ATOM   420  C  "C1'" . U   B 2 5  ? 17.436  9.213   7.527   1.00 97.24  ? 25  U   B "C1'" 1 
ATOM   421  N  N1    . U   B 2 5  ? 16.916  10.590  7.553   1.00 96.71  ? 25  U   B N1    1 
ATOM   422  C  C2    . U   B 2 5  ? 16.405  11.061  8.758   1.00 95.55  ? 25  U   B C2    1 
ATOM   423  O  O2    . U   B 2 5  ? 16.417  10.401  9.785   1.00 94.30  ? 25  U   B O2    1 
ATOM   424  N  N3    . U   B 2 5  ? 15.879  12.334  8.710   1.00 94.76  ? 25  U   B N3    1 
ATOM   425  C  C4    . U   B 2 5  ? 15.823  13.172  7.608   1.00 94.45  ? 25  U   B C4    1 
ATOM   426  O  O4    . U   B 2 5  ? 15.282  14.275  7.711   1.00 92.60  ? 25  U   B O4    1 
ATOM   427  C  C5    . U   B 2 5  ? 16.395  12.625  6.411   1.00 95.13  ? 25  U   B C5    1 
ATOM   428  C  C6    . U   B 2 5  ? 16.911  11.384  6.423   1.00 96.13  ? 25  U   B C6    1 
ATOM   429  P  P     . C   B 2 6  ? 14.011  6.897   5.152   1.00 98.57  ? 26  C   B P     1 
ATOM   430  O  OP1   . C   B 2 6  ? 13.632  5.485   4.848   1.00 98.15  ? 26  C   B OP1   1 
ATOM   431  O  OP2   . C   B 2 6  ? 13.764  7.970   4.136   1.00 97.97  ? 26  C   B OP2   1 
ATOM   432  O  "O5'" . C   B 2 6  ? 13.307  7.325   6.520   1.00 95.42  ? 26  C   B "O5'" 1 
ATOM   433  C  "C5'" . C   B 2 6  ? 13.405  6.503   7.677   1.00 93.01  ? 26  C   B "C5'" 1 
ATOM   434  C  "C4'" . C   B 2 6  ? 12.822  7.211   8.879   1.00 91.82  ? 26  C   B "C4'" 1 
ATOM   435  O  "O4'" . C   B 2 6  ? 13.554  8.449   9.118   1.00 92.14  ? 26  C   B "O4'" 1 
ATOM   436  C  "C3'" . C   B 2 6  ? 11.389  7.708   8.767   1.00 91.19  ? 26  C   B "C3'" 1 
ATOM   437  O  "O3'" . C   B 2 6  ? 10.417  6.686   8.939   1.00 89.60  ? 26  C   B "O3'" 1 
ATOM   438  C  "C2'" . C   B 2 6  ? 11.327  8.715   9.912   1.00 91.49  ? 26  C   B "C2'" 1 
ATOM   439  O  "O2'" . C   B 2 6  ? 11.148  8.099   11.176  1.00 91.45  ? 26  C   B "O2'" 1 
ATOM   440  C  "C1'" . C   B 2 6  ? 12.712  9.364   9.819   1.00 91.14  ? 26  C   B "C1'" 1 
ATOM   441  N  N1    . C   B 2 6  ? 12.649  10.638  9.085   1.00 90.08  ? 26  C   B N1    1 
ATOM   442  C  C2    . C   B 2 6  ? 12.302  11.794  9.790   1.00 90.04  ? 26  C   B C2    1 
ATOM   443  O  O2    . C   B 2 6  ? 12.142  11.717  11.019  1.00 90.62  ? 26  C   B O2    1 
ATOM   444  N  N3    . C   B 2 6  ? 12.154  12.961  9.118   1.00 88.42  ? 26  C   B N3    1 
ATOM   445  C  C4    . C   B 2 6  ? 12.353  12.996  7.799   1.00 88.15  ? 26  C   B C4    1 
ATOM   446  N  N4    . C   B 2 6  ? 12.150  14.142  7.168   1.00 87.06  ? 26  C   B N4    1 
ATOM   447  C  C5    . C   B 2 6  ? 12.756  11.844  7.066   1.00 88.77  ? 26  C   B C5    1 
ATOM   448  C  C6    . C   B 2 6  ? 12.892  10.696  7.741   1.00 89.74  ? 26  C   B C6    1 
ATOM   449  P  P     . A   B 2 7  ? 8.912   6.929   8.416   1.00 89.11  ? 27  A   B P     1 
ATOM   450  O  OP1   . A   B 2 7  ? 8.169   5.667   8.644   1.00 90.99  ? 27  A   B OP1   1 
ATOM   451  O  OP2   . A   B 2 7  ? 8.952   7.512   7.044   1.00 88.70  ? 27  A   B OP2   1 
ATOM   452  O  "O5'" . A   B 2 7  ? 8.314   8.004   9.435   1.00 87.88  ? 27  A   B "O5'" 1 
ATOM   453  C  "C5'" . A   B 2 7  ? 8.119   7.682   10.816  1.00 84.98  ? 27  A   B "C5'" 1 
ATOM   454  C  "C4'" . A   B 2 7  ? 7.601   8.886   11.569  1.00 83.70  ? 27  A   B "C4'" 1 
ATOM   455  O  "O4'" . A   B 2 7  ? 8.560   9.968   11.428  1.00 83.72  ? 27  A   B "O4'" 1 
ATOM   456  C  "C3'" . A   B 2 7  ? 6.322   9.502   11.037  1.00 83.25  ? 27  A   B "C3'" 1 
ATOM   457  O  "O3'" . A   B 2 7  ? 5.164   8.838   11.501  1.00 83.93  ? 27  A   B "O3'" 1 
ATOM   458  C  "C2'" . A   B 2 7  ? 6.390   10.921  11.577  1.00 82.86  ? 27  A   B "C2'" 1 
ATOM   459  O  "O2'" . A   B 2 7  ? 5.984   11.009  12.930  1.00 83.06  ? 27  A   B "O2'" 1 
ATOM   460  C  "C1'" . A   B 2 7  ? 7.884   11.217  11.443  1.00 82.53  ? 27  A   B "C1'" 1 
ATOM   461  N  N9    . A   B 2 7  ? 8.226   11.939  10.218  1.00 82.01  ? 27  A   B N9    1 
ATOM   462  C  C8    . A   B 2 7  ? 8.953   11.491  9.137   1.00 82.10  ? 27  A   B C8    1 
ATOM   463  N  N7    . A   B 2 7  ? 9.096   12.388  8.187   1.00 81.81  ? 27  A   B N7    1 
ATOM   464  C  C5    . A   B 2 7  ? 8.416   13.499  8.675   1.00 80.70  ? 27  A   B C5    1 
ATOM   465  C  C6    . A   B 2 7  ? 8.196   14.783  8.144   1.00 78.74  ? 27  A   B C6    1 
ATOM   466  N  N6    . A   B 2 7  ? 8.656   15.181  6.963   1.00 77.43  ? 27  A   B N6    1 
ATOM   467  N  N1    . A   B 2 7  ? 7.476   15.653  8.880   1.00 78.40  ? 27  A   B N1    1 
ATOM   468  C  C2    . A   B 2 7  ? 7.011   15.254  10.068  1.00 80.20  ? 27  A   B C2    1 
ATOM   469  N  N3    . A   B 2 7  ? 7.152   14.077  10.678  1.00 81.21  ? 27  A   B N3    1 
ATOM   470  C  C4    . A   B 2 7  ? 7.874   13.235  9.921   1.00 81.48  ? 27  A   B C4    1 
ATOM   471  P  P     . C   B 2 8  ? 3.938   8.627   10.490  1.00 85.33  ? 28  C   B P     1 
ATOM   472  O  OP1   . C   B 2 8  ? 3.012   7.632   11.079  1.00 85.49  ? 28  C   B OP1   1 
ATOM   473  O  OP2   . C   B 2 8  ? 4.553   8.364   9.151   1.00 84.79  ? 28  C   B OP2   1 
ATOM   474  O  "O5'" . C   B 2 8  ? 3.216   10.052  10.428  1.00 83.59  ? 28  C   B "O5'" 1 
ATOM   475  C  "C5'" . C   B 2 8  ? 2.589   10.613  11.576  1.00 81.56  ? 28  C   B "C5'" 1 
ATOM   476  C  "C4'" . C   B 2 8  ? 2.224   12.066  11.329  1.00 80.59  ? 28  C   B "C4'" 1 
ATOM   477  O  "O4'" . C   B 2 8  ? 3.428   12.856  11.130  1.00 79.67  ? 28  C   B "O4'" 1 
ATOM   478  C  "C3'" . C   B 2 8  ? 1.420   12.372  10.078  1.00 81.05  ? 28  C   B "C3'" 1 
ATOM   479  O  "O3'" . C   B 2 8  ? 0.042   12.045  10.218  1.00 82.52  ? 28  C   B "O3'" 1 
ATOM   480  C  "C2'" . C   B 2 8  ? 1.663   13.868  9.913   1.00 79.32  ? 28  C   B "C2'" 1 
ATOM   481  O  "O2'" . C   B 2 8  ? 0.904   14.677  10.793  1.00 77.80  ? 28  C   B "O2'" 1 
ATOM   482  C  "C1'" . C   B 2 8  ? 3.145   13.955  10.271  1.00 78.30  ? 28  C   B "C1'" 1 
ATOM   483  N  N1    . C   B 2 8  ? 3.985   13.823  9.078   1.00 76.36  ? 28  C   B N1    1 
ATOM   484  C  C2    . C   B 2 8  ? 3.966   14.838  8.123   1.00 76.90  ? 28  C   B C2    1 
ATOM   485  O  O2    . C   B 2 8  ? 3.289   15.861  8.343   1.00 78.25  ? 28  C   B O2    1 
ATOM   486  N  N3    . C   B 2 8  ? 4.686   14.686  6.988   1.00 75.78  ? 28  C   B N3    1 
ATOM   487  C  C4    . C   B 2 8  ? 5.411   13.585  6.803   1.00 73.62  ? 28  C   B C4    1 
ATOM   488  N  N4    . C   B 2 8  ? 6.076   13.458  5.658   1.00 73.53  ? 28  C   B N4    1 
ATOM   489  C  C5    . C   B 2 8  ? 5.478   12.560  7.778   1.00 74.10  ? 28  C   B C5    1 
ATOM   490  C  C6    . C   B 2 8  ? 4.758   12.717  8.890   1.00 74.87  ? 28  C   B C6    1 
ATOM   491  P  P     . A   B 2 9  ? -0.758  11.464  8.954   1.00 81.23  ? 29  A   B P     1 
ATOM   492  O  OP1   . A   B 2 9  ? -2.032  10.913  9.479   1.00 80.37  ? 29  A   B OP1   1 
ATOM   493  O  OP2   . A   B 2 9  ? 0.176   10.581  8.191   1.00 80.47  ? 29  A   B OP2   1 
ATOM   494  O  "O5'" . A   B 2 9  ? -1.038  12.761  8.068   1.00 80.88  ? 29  A   B "O5'" 1 
ATOM   495  C  "C5'" . A   B 2 9  ? -1.663  13.914  8.632   1.00 80.14  ? 29  A   B "C5'" 1 
ATOM   496  C  "C4'" . A   B 2 9  ? -1.705  15.048  7.624   1.00 79.23  ? 29  A   B "C4'" 1 
ATOM   497  O  "O4'" . A   B 2 9  ? -0.356  15.475  7.311   1.00 77.78  ? 29  A   B "O4'" 1 
ATOM   498  C  "C3'" . A   B 2 9  ? -2.285  14.709  6.265   1.00 79.87  ? 29  A   B "C3'" 1 
ATOM   499  O  "O3'" . A   B 2 9  ? -3.708  14.702  6.271   1.00 81.35  ? 29  A   B "O3'" 1 
ATOM   500  C  "C2'" . A   B 2 9  ? -1.693  15.801  5.383   1.00 78.34  ? 29  A   B "C2'" 1 
ATOM   501  O  "O2'" . A   B 2 9  ? -2.351  17.041  5.514   1.00 77.33  ? 29  A   B "O2'" 1 
ATOM   502  C  "C1'" . A   B 2 9  ? -0.290  15.919  5.967   1.00 76.51  ? 29  A   B "C1'" 1 
ATOM   503  N  N9    . A   B 2 9  ? 0.726   15.125  5.286   1.00 75.21  ? 29  A   B N9    1 
ATOM   504  C  C8    . A   B 2 9  ? 1.298   13.964  5.732   1.00 75.77  ? 29  A   B C8    1 
ATOM   505  N  N7    . A   B 2 9  ? 2.265   13.522  4.964   1.00 75.63  ? 29  A   B N7    1 
ATOM   506  C  C5    . A   B 2 9  ? 2.317   14.443  3.931   1.00 75.62  ? 29  A   B C5    1 
ATOM   507  C  C6    . A   B 2 9  ? 3.158   14.557  2.810   1.00 76.33  ? 29  A   B C6    1 
ATOM   508  N  N6    . A   B 2 9  ? 4.149   13.707  2.540   1.00 76.04  ? 29  A   B N6    1 
ATOM   509  N  N1    . A   B 2 9  ? 2.950   15.592  1.971   1.00 77.05  ? 29  A   B N1    1 
ATOM   510  C  C2    . A   B 2 9  ? 1.959   16.450  2.252   1.00 77.82  ? 29  A   B C2    1 
ATOM   511  N  N3    . A   B 2 9  ? 1.107   16.454  3.282   1.00 77.27  ? 29  A   B N3    1 
ATOM   512  C  C4    . A   B 2 9  ? 1.349   15.416  4.098   1.00 75.56  ? 29  A   B C4    1 
ATOM   513  P  P     . C   B 2 10 ? -4.493  13.569  5.436   1.00 82.88  ? 30  C   B P     1 
ATOM   514  O  OP1   . C   B 2 10 ? -5.925  13.616  5.871   1.00 80.85  ? 30  C   B OP1   1 
ATOM   515  O  OP2   . C   B 2 10 ? -3.722  12.286  5.546   1.00 80.75  ? 30  C   B OP2   1 
ATOM   516  O  "O5'" . C   B 2 10 ? -4.381  14.077  3.928   1.00 80.38  ? 30  C   B "O5'" 1 
ATOM   517  C  "C5'" . C   B 2 10 ? -5.102  15.221  3.498   1.00 80.28  ? 30  C   B "C5'" 1 
ATOM   518  C  "C4'" . C   B 2 10 ? -4.501  15.778  2.230   1.00 80.29  ? 30  C   B "C4'" 1 
ATOM   519  O  "O4'" . C   B 2 10 ? -3.081  16.003  2.438   1.00 80.49  ? 30  C   B "O4'" 1 
ATOM   520  C  "C3'" . C   B 2 10 ? -4.496  14.883  1.009   1.00 80.05  ? 30  C   B "C3'" 1 
ATOM   521  O  "O3'" . C   B 2 10 ? -5.750  14.818  0.354   1.00 80.10  ? 30  C   B "O3'" 1 
ATOM   522  C  "C2'" . C   B 2 10 ? -3.454  15.577  0.150   1.00 80.38  ? 30  C   B "C2'" 1 
ATOM   523  O  "O2'" . C   B 2 10 ? -3.931  16.797  -0.382  1.00 82.30  ? 30  C   B "O2'" 1 
ATOM   524  C  "C1'" . C   B 2 10 ? -2.395  15.898  1.198   1.00 80.26  ? 30  C   B "C1'" 1 
ATOM   525  N  N1    . C   B 2 10 ? -1.378  14.841  1.305   1.00 80.05  ? 30  C   B N1    1 
ATOM   526  C  C2    . C   B 2 10 ? -0.414  14.719  0.284   1.00 80.53  ? 30  C   B C2    1 
ATOM   527  O  O2    . C   B 2 10 ? -0.435  15.521  -0.671  1.00 79.94  ? 30  C   B O2    1 
ATOM   528  N  N3    . C   B 2 10 ? 0.512   13.737  0.363   1.00 80.61  ? 30  C   B N3    1 
ATOM   529  C  C4    . C   B 2 10 ? 0.500   12.896  1.402   1.00 81.51  ? 30  C   B C4    1 
ATOM   530  N  N4    . C   B 2 10 ? 1.419   11.922  1.428   1.00 82.74  ? 30  C   B N4    1 
ATOM   531  C  C5    . C   B 2 10 ? -0.458  13.010  2.458   1.00 80.77  ? 30  C   B C5    1 
ATOM   532  C  C6    . C   B 2 10 ? -1.367  13.985  2.370   1.00 79.46  ? 30  C   B C6    1 
ATOM   533  P  P     . C   B 2 11 ? -6.142  13.482  -0.444  1.00 81.02  ? 31  C   B P     1 
ATOM   534  O  OP1   . C   B 2 11 ? -7.574  13.605  -0.816  1.00 81.00  ? 31  C   B OP1   1 
ATOM   535  O  OP2   . C   B 2 11 ? -5.691  12.308  0.358   1.00 79.79  ? 31  C   B OP2   1 
ATOM   536  O  "O5'" . C   B 2 11 ? -5.262  13.579  -1.769  1.00 79.00  ? 31  C   B "O5'" 1 
ATOM   537  C  "C5'" . C   B 2 11 ? -5.443  14.672  -2.665  1.00 78.51  ? 31  C   B "C5'" 1 
ATOM   538  C  "C4'" . C   B 2 11 ? -4.420  14.636  -3.774  1.00 77.32  ? 31  C   B "C4'" 1 
ATOM   539  O  "O4'" . C   B 2 11 ? -3.103  14.802  -3.200  1.00 77.45  ? 31  C   B "O4'" 1 
ATOM   540  C  "C3'" . C   B 2 11 ? -4.286  13.336  -4.540  1.00 77.92  ? 31  C   B "C3'" 1 
ATOM   541  O  "O3'" . C   B 2 11 ? -5.272  13.149  -5.533  1.00 77.90  ? 31  C   B "O3'" 1 
ATOM   542  C  "C2'" . C   B 2 11 ? -2.904  13.485  -5.151  1.00 77.86  ? 31  C   B "C2'" 1 
ATOM   543  O  "O2'" . C   B 2 11 ? -2.846  14.360  -6.261  1.00 79.00  ? 31  C   B "O2'" 1 
ATOM   544  C  "C1'" . C   B 2 11 ? -2.149  14.100  -3.981  1.00 76.63  ? 31  C   B "C1'" 1 
ATOM   545  N  N1    . C   B 2 11 ? -1.547  13.047  -3.158  1.00 74.87  ? 31  C   B N1    1 
ATOM   546  C  C2    . C   B 2 11 ? -0.359  12.490  -3.594  1.00 74.99  ? 31  C   B C2    1 
ATOM   547  O  O2    . C   B 2 11 ? 0.145   12.920  -4.645  1.00 74.68  ? 31  C   B O2    1 
ATOM   548  N  N3    . C   B 2 11 ? 0.220   11.505  -2.871  1.00 74.29  ? 31  C   B N3    1 
ATOM   549  C  C4    . C   B 2 11 ? -0.343  11.097  -1.742  1.00 73.27  ? 31  C   B C4    1 
ATOM   550  N  N4    . C   B 2 11 ? 0.280   10.145  -1.051  1.00 72.28  ? 31  C   B N4    1 
ATOM   551  C  C5    . C   B 2 11 ? -1.566  11.652  -1.269  1.00 73.53  ? 31  C   B C5    1 
ATOM   552  C  C6    . C   B 2 11 ? -2.130  12.618  -2.003  1.00 73.29  ? 31  C   B C6    1 
ATOM   553  P  P     . A   B 2 12 ? -5.584  11.661  -6.035  1.00 80.20  ? 32  A   B P     1 
ATOM   554  O  OP1   . A   B 2 12 ? -6.676  11.759  -7.042  1.00 80.97  ? 32  A   B OP1   1 
ATOM   555  O  OP2   . A   B 2 12 ? -5.760  10.790  -4.841  1.00 79.86  ? 32  A   B OP2   1 
ATOM   556  O  "O5'" . A   B 2 12 ? -4.228  11.206  -6.743  1.00 78.20  ? 32  A   B "O5'" 1 
ATOM   557  C  "C5'" . A   B 2 12 ? -3.838  11.749  -8.009  1.00 75.08  ? 32  A   B "C5'" 1 
ATOM   558  C  "C4'" . A   B 2 12 ? -2.628  11.015  -8.561  1.00 71.99  ? 32  A   B "C4'" 1 
ATOM   559  O  "O4'" . A   B 2 12 ? -1.515  11.214  -7.654  1.00 71.41  ? 32  A   B "O4'" 1 
ATOM   560  C  "C3'" . A   B 2 12 ? -2.714  9.498   -8.658  1.00 70.26  ? 32  A   B "C3'" 1 
ATOM   561  O  "O3'" . A   B 2 12 ? -3.361  9.002   -9.818  1.00 67.83  ? 32  A   B "O3'" 1 
ATOM   562  C  "C2'" . A   B 2 12 ? -1.250  9.120   -8.699  1.00 70.44  ? 32  A   B "C2'" 1 
ATOM   563  O  "O2'" . A   B 2 12 ? -0.680  9.411   -9.957  1.00 70.78  ? 32  A   B "O2'" 1 
ATOM   564  C  "C1'" . A   B 2 12 ? -0.693  10.052  -7.632  1.00 70.99  ? 32  A   B "C1'" 1 
ATOM   565  N  N9    . A   B 2 12 ? -0.785  9.443   -6.303  1.00 70.61  ? 32  A   B N9    1 
ATOM   566  C  C8    . A   B 2 12 ? -1.763  9.616   -5.345  1.00 71.10  ? 32  A   B C8    1 
ATOM   567  N  N7    . A   B 2 12 ? -1.566  8.911   -4.258  1.00 70.73  ? 32  A   B N7    1 
ATOM   568  C  C5    . A   B 2 12 ? -0.382  8.229   -4.515  1.00 69.10  ? 32  A   B C5    1 
ATOM   569  C  C6    . A   B 2 12 ? 0.356   7.320   -3.759  1.00 67.51  ? 32  A   B C6    1 
ATOM   570  N  N6    . A   B 2 12 ? -0.002  6.913   -2.548  1.00 67.34  ? 32  A   B N6    1 
ATOM   571  N  N1    . A   B 2 12 ? 1.488   6.828   -4.297  1.00 67.41  ? 32  A   B N1    1 
ATOM   572  C  C2    . A   B 2 12 ? 1.840   7.227   -5.518  1.00 67.26  ? 32  A   B C2    1 
ATOM   573  N  N3    . A   B 2 12 ? 1.229   8.080   -6.333  1.00 67.95  ? 32  A   B N3    1 
ATOM   574  C  C4    . A   B 2 12 ? 0.109   8.551   -5.765  1.00 69.05  ? 32  A   B C4    1 
ATOM   575  P  P     . C   B 2 13 ? -3.752  7.445   -9.883  1.00 66.44  ? 33  C   B P     1 
ATOM   576  O  OP1   . C   B 2 13 ? -4.435  7.235   -11.174 1.00 66.30  ? 33  C   B OP1   1 
ATOM   577  O  OP2   . C   B 2 13 ? -4.404  7.012   -8.615  1.00 64.51  ? 33  C   B OP2   1 
ATOM   578  O  "O5'" . C   B 2 13 ? -2.341  6.716   -9.942  1.00 66.02  ? 33  C   B "O5'" 1 
ATOM   579  C  "C5'" . C   B 2 13 ? -2.258  5.304   -9.883  1.00 62.92  ? 33  C   B "C5'" 1 
ATOM   580  C  "C4'" . C   B 2 13 ? -0.821  4.858   -9.918  1.00 60.65  ? 33  C   B "C4'" 1 
ATOM   581  O  "O4'" . C   B 2 13 ? -0.123  5.516   -8.837  1.00 59.83  ? 33  C   B "O4'" 1 
ATOM   582  C  "C3'" . C   B 2 13 ? -0.673  3.377   -9.633  1.00 61.39  ? 33  C   B "C3'" 1 
ATOM   583  O  "O3'" . C   B 2 13 ? -0.766  2.602   -10.813 1.00 59.77  ? 33  C   B "O3'" 1 
ATOM   584  C  "C2'" . C   B 2 13 ? 0.683   3.288   -8.956  1.00 61.63  ? 33  C   B "C2'" 1 
ATOM   585  O  "O2'" . C   B 2 13 ? 1.765   3.269   -9.848  1.00 65.57  ? 33  C   B "O2'" 1 
ATOM   586  C  "C1'" . C   B 2 13 ? 0.700   4.589   -8.165  1.00 59.33  ? 33  C   B "C1'" 1 
ATOM   587  N  N1    . C   B 2 13 ? 0.161   4.411   -6.830  1.00 56.29  ? 33  C   B N1    1 
ATOM   588  C  C2    . C   B 2 13 ? 0.839   3.604   -5.962  1.00 55.30  ? 33  C   B C2    1 
ATOM   589  O  O2    . C   B 2 13 ? 1.848   3.031   -6.377  1.00 54.60  ? 33  C   B O2    1 
ATOM   590  N  N3    . C   B 2 13 ? 0.382   3.454   -4.695  1.00 54.98  ? 33  C   B N3    1 
ATOM   591  C  C4    . C   B 2 13 ? -0.737  4.076   -4.321  1.00 54.64  ? 33  C   B C4    1 
ATOM   592  N  N4    . C   B 2 13 ? -1.170  3.916   -3.073  1.00 53.47  ? 33  C   B N4    1 
ATOM   593  C  C5    . C   B 2 13 ? -1.466  4.894   -5.212  1.00 55.18  ? 33  C   B C5    1 
ATOM   594  C  C6    . C   B 2 13 ? -0.987  5.035   -6.447  1.00 55.60  ? 33  C   B C6    1 
ATOM   595  P  P     . C   B 2 14 ? -1.801  1.386   -10.860 1.00 61.91  ? 34  C   B P     1 
ATOM   596  O  OP1   . C   B 2 14 ? -2.322  1.255   -12.247 1.00 59.55  ? 34  C   B OP1   1 
ATOM   597  O  OP2   . C   B 2 14 ? -2.755  1.608   -9.737  1.00 60.31  ? 34  C   B OP2   1 
ATOM   598  O  "O5'" . C   B 2 14 ? -0.899  0.114   -10.532 1.00 58.11  ? 34  C   B "O5'" 1 
ATOM   599  C  "C5'" . C   B 2 14 ? -0.082  -0.462  -11.539 1.00 58.80  ? 34  C   B "C5'" 1 
ATOM   600  C  "C4'" . C   B 2 14 ? 0.879   -1.456  -10.941 1.00 59.14  ? 34  C   B "C4'" 1 
ATOM   601  O  "O4'" . C   B 2 14 ? 1.643   -0.794  -9.912  1.00 59.55  ? 34  C   B "O4'" 1 
ATOM   602  C  "C3'" . C   B 2 14 ? 0.265   -2.637  -10.221 1.00 61.67  ? 34  C   B "C3'" 1 
ATOM   603  O  "O3'" . C   B 2 14 ? -0.100  -3.694  -11.131 1.00 64.92  ? 34  C   B "O3'" 1 
ATOM   604  C  "C2'" . C   B 2 14 ? 1.398   -3.068  -9.305  1.00 61.30  ? 34  C   B "C2'" 1 
ATOM   605  O  "O2'" . C   B 2 14 ? 2.352   -3.828  -10.015 1.00 64.13  ? 34  C   B "O2'" 1 
ATOM   606  C  "C1'" . C   B 2 14 ? 1.999   -1.720  -8.907  1.00 58.21  ? 34  C   B "C1'" 1 
ATOM   607  N  N1    . C   B 2 14 ? 1.490   -1.215  -7.632  1.00 55.55  ? 34  C   B N1    1 
ATOM   608  C  C2    . C   B 2 14 ? 2.103   -1.621  -6.467  1.00 55.50  ? 34  C   B C2    1 
ATOM   609  O  O2    . C   B 2 14 ? 3.097   -2.343  -6.543  1.00 56.12  ? 34  C   B O2    1 
ATOM   610  N  N3    . C   B 2 14 ? 1.608   -1.207  -5.276  1.00 56.64  ? 34  C   B N3    1 
ATOM   611  C  C4    . C   B 2 14 ? 0.544   -0.395  -5.241  1.00 54.98  ? 34  C   B C4    1 
ATOM   612  N  N4    . C   B 2 14 ? 0.072   -0.027  -4.046  1.00 53.32  ? 34  C   B N4    1 
ATOM   613  C  C5    . C   B 2 14 ? -0.082  0.067   -6.430  1.00 53.72  ? 34  C   B C5    1 
ATOM   614  C  C6    . C   B 2 14 ? 0.418   -0.367  -7.592  1.00 55.20  ? 34  C   B C6    1 
ATOM   615  O  "O5'" . G   C 1 1  ? -24.052 -20.189 3.321   1.00 80.46  ? 2   G   C "O5'" 1 
ATOM   616  C  "C5'" . G   C 1 1  ? -22.994 -20.823 2.585   1.00 78.62  ? 2   G   C "C5'" 1 
ATOM   617  C  "C4'" . G   C 1 1  ? -22.826 -22.249 3.027   1.00 78.13  ? 2   G   C "C4'" 1 
ATOM   618  O  "O4'" . G   C 1 1  ? -23.964 -23.027 2.584   1.00 76.69  ? 2   G   C "O4'" 1 
ATOM   619  C  "C3'" . G   C 1 1  ? -21.620 -22.960 2.454   1.00 77.37  ? 2   G   C "C3'" 1 
ATOM   620  O  "O3'" . G   C 1 1  ? -20.505 -22.718 3.295   1.00 80.26  ? 2   G   C "O3'" 1 
ATOM   621  C  "C2'" . G   C 1 1  ? -22.044 -24.416 2.545   1.00 77.44  ? 2   G   C "C2'" 1 
ATOM   622  O  "O2'" . G   C 1 1  ? -21.854 -24.946 3.844   1.00 77.37  ? 2   G   C "O2'" 1 
ATOM   623  C  "C1'" . G   C 1 1  ? -23.536 -24.318 2.213   1.00 76.42  ? 2   G   C "C1'" 1 
ATOM   624  N  N9    . G   C 1 1  ? -23.803 -24.487 0.790   1.00 75.75  ? 2   G   C N9    1 
ATOM   625  C  C8    . G   C 1 1  ? -24.393 -23.583 -0.064  1.00 75.16  ? 2   G   C C8    1 
ATOM   626  N  N7    . G   C 1 1  ? -24.484 -24.022 -1.291  1.00 73.89  ? 2   G   C N7    1 
ATOM   627  C  C5    . G   C 1 1  ? -23.929 -25.292 -1.240  1.00 73.06  ? 2   G   C C5    1 
ATOM   628  C  C6    . G   C 1 1  ? -23.754 -26.253 -2.255  1.00 72.33  ? 2   G   C C6    1 
ATOM   629  O  O6    . G   C 1 1  ? -24.061 -26.178 -3.437  1.00 72.44  ? 2   G   C O6    1 
ATOM   630  N  N1    . G   C 1 1  ? -23.148 -27.400 -1.775  1.00 73.29  ? 2   G   C N1    1 
ATOM   631  C  C2    . G   C 1 1  ? -22.759 -27.604 -0.476  1.00 74.64  ? 2   G   C C2    1 
ATOM   632  N  N2    . G   C 1 1  ? -22.193 -28.794 -0.204  1.00 74.75  ? 2   G   C N2    1 
ATOM   633  N  N3    . G   C 1 1  ? -22.915 -26.714 0.487   1.00 74.11  ? 2   G   C N3    1 
ATOM   634  C  C4    . G   C 1 1  ? -23.503 -25.591 0.037   1.00 74.39  ? 2   G   C C4    1 
ATOM   635  P  P     . U   C 1 2  ? -19.019 -22.668 2.674   1.00 82.47  ? 3   U   C P     1 
ATOM   636  O  OP1   . U   C 1 2  ? -18.123 -22.481 3.850   1.00 80.56  ? 3   U   C OP1   1 
ATOM   637  O  OP2   . U   C 1 2  ? -19.000 -21.668 1.554   1.00 80.15  ? 3   U   C OP2   1 
ATOM   638  O  "O5'" . U   C 1 2  ? -18.764 -24.134 2.079   1.00 78.28  ? 3   U   C "O5'" 1 
ATOM   639  C  "C5'" . U   C 1 2  ? -18.317 -25.197 2.915   1.00 73.60  ? 3   U   C "C5'" 1 
ATOM   640  C  "C4'" . U   C 1 2  ? -17.973 -26.435 2.097   1.00 71.90  ? 3   U   C "C4'" 1 
ATOM   641  O  "O4'" . U   C 1 2  ? -19.156 -27.000 1.469   1.00 70.22  ? 3   U   C "O4'" 1 
ATOM   642  C  "C3'" . U   C 1 2  ? -17.003 -26.269 0.945   1.00 70.66  ? 3   U   C "C3'" 1 
ATOM   643  O  "O3'" . U   C 1 2  ? -15.661 -26.262 1.412   1.00 71.09  ? 3   U   C "O3'" 1 
ATOM   644  C  "C2'" . U   C 1 2  ? -17.298 -27.513 0.119   1.00 69.89  ? 3   U   C "C2'" 1 
ATOM   645  O  "O2'" . U   C 1 2  ? -16.812 -28.676 0.747   1.00 72.13  ? 3   U   C "O2'" 1 
ATOM   646  C  "C1'" . U   C 1 2  ? -18.813 -27.569 0.211   1.00 68.22  ? 3   U   C "C1'" 1 
ATOM   647  N  N1    . U   C 1 2  ? -19.493 -26.805 -0.844  1.00 65.55  ? 3   U   C N1    1 
ATOM   648  C  C2    . U   C 1 2  ? -19.676 -27.393 -2.091  1.00 64.49  ? 3   U   C C2    1 
ATOM   649  O  O2    . U   C 1 2  ? -19.235 -28.487 -2.391  1.00 62.59  ? 3   U   C O2    1 
ATOM   650  N  N3    . U   C 1 2  ? -20.390 -26.638 -2.976  1.00 64.41  ? 3   U   C N3    1 
ATOM   651  C  C4    . U   C 1 2  ? -20.903 -25.376 -2.760  1.00 65.17  ? 3   U   C C4    1 
ATOM   652  O  O4    . U   C 1 2  ? -21.569 -24.833 -3.638  1.00 66.98  ? 3   U   C O4    1 
ATOM   653  C  C5    . U   C 1 2  ? -20.634 -24.836 -1.475  1.00 64.61  ? 3   U   C C5    1 
ATOM   654  C  C6    . U   C 1 2  ? -19.960 -25.545 -0.586  1.00 64.54  ? 3   U   C C6    1 
ATOM   655  P  P     . G   C 1 3  ? -14.544 -25.446 0.597   1.00 71.57  ? 4   G   C P     1 
ATOM   656  O  OP1   . G   C 1 3  ? -13.312 -25.550 1.415   1.00 70.73  ? 4   G   C OP1   1 
ATOM   657  O  OP2   . G   C 1 3  ? -15.075 -24.112 0.205   1.00 68.63  ? 4   G   C OP2   1 
ATOM   658  O  "O5'" . G   C 1 3  ? -14.331 -26.306 -0.718  1.00 70.24  ? 4   G   C "O5'" 1 
ATOM   659  C  "C5'" . G   C 1 3  ? -14.089 -27.701 -0.626  1.00 71.27  ? 4   G   C "C5'" 1 
ATOM   660  C  "C4'" . G   C 1 3  ? -14.050 -28.310 -1.999  1.00 71.22  ? 4   G   C "C4'" 1 
ATOM   661  O  "O4'" . G   C 1 3  ? -15.383 -28.386 -2.563  1.00 71.58  ? 4   G   C "O4'" 1 
ATOM   662  C  "C3'" . G   C 1 3  ? -13.318 -27.484 -3.030  1.00 71.95  ? 4   G   C "C3'" 1 
ATOM   663  O  "O3'" . G   C 1 3  ? -11.915 -27.575 -2.861  1.00 73.09  ? 4   G   C "O3'" 1 
ATOM   664  C  "C2'" . G   C 1 3  ? -13.828 -28.097 -4.327  1.00 70.83  ? 4   G   C "C2'" 1 
ATOM   665  O  "O2'" . G   C 1 3  ? -13.258 -29.346 -4.644  1.00 70.45  ? 4   G   C "O2'" 1 
ATOM   666  C  "C1'" . G   C 1 3  ? -15.289 -28.343 -3.974  1.00 69.58  ? 4   G   C "C1'" 1 
ATOM   667  N  N9    . G   C 1 3  ? -16.174 -27.310 -4.482  1.00 67.62  ? 4   G   C N9    1 
ATOM   668  C  C8    . G   C 1 3  ? -16.697 -26.228 -3.818  1.00 66.85  ? 4   G   C C8    1 
ATOM   669  N  N7    . G   C 1 3  ? -17.497 -25.510 -4.561  1.00 66.38  ? 4   G   C N7    1 
ATOM   670  C  C5    . G   C 1 3  ? -17.483 -26.153 -5.791  1.00 68.40  ? 4   G   C C5    1 
ATOM   671  C  C6    . G   C 1 3  ? -18.154 -25.840 -7.008  1.00 69.91  ? 4   G   C C6    1 
ATOM   672  O  O6    . G   C 1 3  ? -18.926 -24.907 -7.250  1.00 72.25  ? 4   G   C O6    1 
ATOM   673  N  N1    . G   C 1 3  ? -17.845 -26.754 -8.010  1.00 70.09  ? 4   G   C N1    1 
ATOM   674  C  C2    . G   C 1 3  ? -17.007 -27.832 -7.867  1.00 69.64  ? 4   G   C C2    1 
ATOM   675  N  N2    . G   C 1 3  ? -16.832 -28.595 -8.957  1.00 69.75  ? 4   G   C N2    1 
ATOM   676  N  N3    . G   C 1 3  ? -16.384 -28.137 -6.741  1.00 68.82  ? 4   G   C N3    1 
ATOM   677  C  C4    . G   C 1 3  ? -16.665 -27.259 -5.755  1.00 68.22  ? 4   G   C C4    1 
ATOM   678  P  P     . G   C 1 4  ? -10.965 -26.598 -3.690  1.00 73.06  ? 5   G   C P     1 
ATOM   679  O  OP1   . G   C 1 4  ? -9.583  -26.775 -3.169  1.00 71.15  ? 5   G   C OP1   1 
ATOM   680  O  OP2   . G   C 1 4  ? -11.572 -25.240 -3.730  1.00 71.29  ? 5   G   C OP2   1 
ATOM   681  O  "O5'" . G   C 1 4  ? -11.058 -27.211 -5.152  1.00 70.96  ? 5   G   C "O5'" 1 
ATOM   682  C  "C5'" . G   C 1 4  ? -10.719 -26.433 -6.279  1.00 70.78  ? 5   G   C "C5'" 1 
ATOM   683  C  "C4'" . G   C 1 4  ? -11.268 -27.065 -7.525  1.00 68.88  ? 5   G   C "C4'" 1 
ATOM   684  O  "O4'" . G   C 1 4  ? -12.703 -27.205 -7.396  1.00 67.04  ? 5   G   C "O4'" 1 
ATOM   685  C  "C3'" . G   C 1 4  ? -11.092 -26.211 -8.762  1.00 68.76  ? 5   G   C "C3'" 1 
ATOM   686  O  "O3'" . G   C 1 4  ? -9.808  -26.418 -9.317  1.00 70.23  ? 5   G   C "O3'" 1 
ATOM   687  C  "C2'" . G   C 1 4  ? -12.186 -26.744 -9.653  1.00 67.45  ? 5   G   C "C2'" 1 
ATOM   688  O  "O2'" . G   C 1 4  ? -11.775 -28.003 -10.138 1.00 68.67  ? 5   G   C "O2'" 1 
ATOM   689  C  "C1'" . G   C 1 4  ? -13.320 -26.928 -8.640  1.00 66.22  ? 5   G   C "C1'" 1 
ATOM   690  N  N9    . G   C 1 4  ? -14.190 -25.767 -8.465  1.00 63.32  ? 5   G   C N9    1 
ATOM   691  C  C8    . G   C 1 4  ? -14.383 -25.055 -7.308  1.00 62.24  ? 5   G   C C8    1 
ATOM   692  N  N7    . G   C 1 4  ? -15.225 -24.070 -7.443  1.00 61.08  ? 5   G   C N7    1 
ATOM   693  C  C5    . G   C 1 4  ? -15.611 -24.131 -8.773  1.00 62.66  ? 5   G   C C5    1 
ATOM   694  C  C6    . G   C 1 4  ? -16.505 -23.304 -9.508  1.00 63.46  ? 5   G   C C6    1 
ATOM   695  O  O6    . G   C 1 4  ? -17.141 -22.317 -9.120  1.00 62.78  ? 5   G   C O6    1 
ATOM   696  N  N1    . G   C 1 4  ? -16.620 -23.726 -10.827 1.00 63.68  ? 5   G   C N1    1 
ATOM   697  C  C2    . G   C 1 4  ? -15.956 -24.797 -11.370 1.00 64.61  ? 5   G   C C2    1 
ATOM   698  N  N2    . G   C 1 4  ? -16.211 -25.055 -12.658 1.00 66.19  ? 5   G   C N2    1 
ATOM   699  N  N3    . G   C 1 4  ? -15.106 -25.565 -10.701 1.00 63.87  ? 5   G   C N3    1 
ATOM   700  C  C4    . G   C 1 4  ? -14.984 -25.177 -9.416  1.00 63.06  ? 5   G   C C4    1 
ATOM   701  P  P     . U   C 1 5  ? -8.805  -25.180 -9.432  1.00 72.43  ? 6   U   C P     1 
ATOM   702  O  OP1   . U   C 1 5  ? -7.450  -25.697 -9.738  1.00 72.33  ? 6   U   C OP1   1 
ATOM   703  O  OP2   . U   C 1 5  ? -9.013  -24.320 -8.238  1.00 72.47  ? 6   U   C OP2   1 
ATOM   704  O  "O5'" . U   C 1 5  ? -9.354  -24.416 -10.709 1.00 72.05  ? 6   U   C "O5'" 1 
ATOM   705  C  "C5'" . U   C 1 5  ? -9.553  -25.125 -11.923 1.00 73.66  ? 6   U   C "C5'" 1 
ATOM   706  C  "C4'" . U   C 1 5  ? -10.504 -24.384 -12.836 1.00 74.10  ? 6   U   C "C4'" 1 
ATOM   707  O  "O4'" . U   C 1 5  ? -11.849 -24.373 -12.286 1.00 74.15  ? 6   U   C "O4'" 1 
ATOM   708  C  "C3'" . U   C 1 5  ? -10.217 -22.917 -13.059 1.00 74.50  ? 6   U   C "C3'" 1 
ATOM   709  O  "O3'" . U   C 1 5  ? -9.145  -22.738 -13.968 1.00 75.44  ? 6   U   C "O3'" 1 
ATOM   710  C  "C2'" . U   C 1 5  ? -11.548 -22.446 -13.621 1.00 74.41  ? 6   U   C "C2'" 1 
ATOM   711  O  "O2'" . U   C 1 5  ? -11.725 -22.895 -14.952 1.00 75.27  ? 6   U   C "O2'" 1 
ATOM   712  C  "C1'" . U   C 1 5  ? -12.529 -23.207 -12.724 1.00 73.64  ? 6   U   C "C1'" 1 
ATOM   713  N  N1    . U   C 1 5  ? -12.983 -22.462 -11.538 1.00 72.25  ? 6   U   C N1    1 
ATOM   714  C  C2    . U   C 1 5  ? -14.048 -21.580 -11.680 1.00 72.10  ? 6   U   C C2    1 
ATOM   715  O  O2    . U   C 1 5  ? -14.589 -21.356 -12.743 1.00 72.98  ? 6   U   C O2    1 
ATOM   716  N  N3    . U   C 1 5  ? -14.448 -20.963 -10.526 1.00 71.44  ? 6   U   C N3    1 
ATOM   717  C  C4    . U   C 1 5  ? -13.893 -21.118 -9.277  1.00 73.11  ? 6   U   C C4    1 
ATOM   718  O  O4    . U   C 1 5  ? -14.371 -20.507 -8.322  1.00 74.30  ? 6   U   C O4    1 
ATOM   719  C  C5    . U   C 1 5  ? -12.785 -22.020 -9.223  1.00 72.32  ? 6   U   C C5    1 
ATOM   720  C  C6    . U   C 1 5  ? -12.382 -22.645 -10.328 1.00 71.53  ? 6   U   C C6    1 
ATOM   721  P  P     . G   C 1 6  ? -8.211  -21.439 -13.836 1.00 77.02  ? 7   G   C P     1 
ATOM   722  O  OP1   . G   C 1 6  ? -7.088  -21.653 -14.779 1.00 77.15  ? 7   G   C OP1   1 
ATOM   723  O  OP2   . G   C 1 6  ? -7.912  -21.171 -12.406 1.00 76.85  ? 7   G   C OP2   1 
ATOM   724  O  "O5'" . G   C 1 6  ? -9.157  -20.282 -14.394 1.00 77.20  ? 7   G   C "O5'" 1 
ATOM   725  C  "C5'" . G   C 1 6  ? -9.617  -20.329 -15.746 1.00 77.83  ? 7   G   C "C5'" 1 
ATOM   726  C  "C4'" . G   C 1 6  ? -10.619 -19.229 -16.026 1.00 77.72  ? 7   G   C "C4'" 1 
ATOM   727  O  "O4'" . G   C 1 6  ? -11.881 -19.504 -15.367 1.00 76.36  ? 7   G   C "O4'" 1 
ATOM   728  C  "C3'" . G   C 1 6  ? -10.247 -17.824 -15.590 1.00 78.06  ? 7   G   C "C3'" 1 
ATOM   729  O  "O3'" . G   C 1 6  ? -9.396  -17.224 -16.566 1.00 80.81  ? 7   G   C "O3'" 1 
ATOM   730  C  "C2'" . G   C 1 6  ? -11.619 -17.151 -15.556 1.00 77.43  ? 7   G   C "C2'" 1 
ATOM   731  O  "O2'" . G   C 1 6  ? -12.077 -16.757 -16.838 1.00 76.57  ? 7   G   C "O2'" 1 
ATOM   732  C  "C1'" . G   C 1 6  ? -12.514 -18.281 -15.022 1.00 75.86  ? 7   G   C "C1'" 1 
ATOM   733  N  N9    . G   C 1 6  ? -12.663 -18.244 -13.568 1.00 73.92  ? 7   G   C N9    1 
ATOM   734  C  C8    . G   C 1 6  ? -11.853 -18.873 -12.659 1.00 73.22  ? 7   G   C C8    1 
ATOM   735  N  N7    . G   C 1 6  ? -12.160 -18.602 -11.421 1.00 72.76  ? 7   G   C N7    1 
ATOM   736  C  C5    . G   C 1 6  ? -13.252 -17.755 -11.514 1.00 71.62  ? 7   G   C C5    1 
ATOM   737  C  C6    . G   C 1 6  ? -13.994 -17.120 -10.495 1.00 71.48  ? 7   G   C C6    1 
ATOM   738  O  O6    . G   C 1 6  ? -13.812 -17.165 -9.273  1.00 70.90  ? 7   G   C O6    1 
ATOM   739  N  N1    . G   C 1 6  ? -15.035 -16.361 -11.017 1.00 70.75  ? 7   G   C N1    1 
ATOM   740  C  C2    . G   C 1 6  ? -15.316 -16.227 -12.350 1.00 70.14  ? 7   G   C C2    1 
ATOM   741  N  N2    . G   C 1 6  ? -16.366 -15.464 -12.642 1.00 68.88  ? 7   G   C N2    1 
ATOM   742  N  N3    . G   C 1 6  ? -14.616 -16.804 -13.319 1.00 70.91  ? 7   G   C N3    1 
ATOM   743  C  C4    . G   C 1 6  ? -13.601 -17.548 -12.830 1.00 72.02  ? 7   G   C C4    1 
ATOM   744  P  P     . A   C 1 7  ? -7.935  -16.670 -16.149 1.00 83.52  ? 8   A   C P     1 
ATOM   745  O  OP1   . A   C 1 7  ? -6.902  -17.571 -16.722 1.00 84.08  ? 8   A   C OP1   1 
ATOM   746  O  OP2   . A   C 1 7  ? -7.890  -16.354 -14.698 1.00 83.94  ? 8   A   C OP2   1 
ATOM   747  O  "O5'" . A   C 1 7  ? -7.841  -15.312 -16.968 1.00 82.39  ? 8   A   C "O5'" 1 
ATOM   748  C  "C5'" . A   C 1 7  ? -8.630  -14.183 -16.610 1.00 81.50  ? 8   A   C "C5'" 1 
ATOM   749  C  "C4'" . A   C 1 7  ? -7.767  -12.953 -16.619 1.00 80.18  ? 8   A   C "C4'" 1 
ATOM   750  O  "O4'" . A   C 1 7  ? -7.287  -12.721 -17.960 1.00 81.27  ? 8   A   C "O4'" 1 
ATOM   751  C  "C3'" . A   C 1 7  ? -8.416  -11.634 -16.251 1.00 78.15  ? 8   A   C "C3'" 1 
ATOM   752  O  "O3'" . A   C 1 7  ? -8.493  -11.524 -14.832 1.00 71.44  ? 8   A   C "O3'" 1 
ATOM   753  C  "C2'" . A   C 1 7  ? -7.446  -10.611 -16.855 1.00 80.35  ? 8   A   C "C2'" 1 
ATOM   754  O  "O2'" . A   C 1 7  ? -6.351  -10.266 -16.025 1.00 81.70  ? 8   A   C "O2'" 1 
ATOM   755  C  "C1'" . A   C 1 7  ? -6.901  -11.369 -18.070 1.00 82.34  ? 8   A   C "C1'" 1 
ATOM   756  N  N9    . A   C 1 7  ? -7.289  -10.852 -19.379 1.00 84.11  ? 8   A   C N9    1 
ATOM   757  C  C8    . A   C 1 7  ? -7.906  -11.486 -20.430 1.00 84.79  ? 8   A   C C8    1 
ATOM   758  N  N7    . A   C 1 7  ? -8.065  -10.721 -21.485 1.00 85.23  ? 8   A   C N7    1 
ATOM   759  C  C5    . A   C 1 7  ? -7.527  -9.503  -21.096 1.00 85.38  ? 8   A   C C5    1 
ATOM   760  C  C6    . A   C 1 7  ? -7.394  -8.273  -21.760 1.00 86.45  ? 8   A   C C6    1 
ATOM   761  N  N6    . A   C 1 7  ? -7.778  -8.066  -23.022 1.00 87.59  ? 8   A   C N6    1 
ATOM   762  N  N1    . A   C 1 7  ? -6.834  -7.249  -21.078 1.00 86.95  ? 8   A   C N1    1 
ATOM   763  C  C2    . A   C 1 7  ? -6.419  -7.466  -19.819 1.00 87.36  ? 8   A   C C2    1 
ATOM   764  N  N3    . A   C 1 7  ? -6.477  -8.581  -19.094 1.00 86.18  ? 8   A   C N3    1 
ATOM   765  C  C4    . A   C 1 7  ? -7.054  -9.569  -19.800 1.00 85.01  ? 8   A   C C4    1 
ATOM   766  P  P     . A   C 1 8  ? -9.747  -10.786 -14.161 1.00 66.10  ? 9   A   C P     1 
ATOM   767  O  OP1   . A   C 1 8  ? -9.483  -10.823 -12.706 1.00 66.38  ? 9   A   C OP1   1 
ATOM   768  O  OP2   . A   C 1 8  ? -11.015 -11.321 -14.695 1.00 60.19  ? 9   A   C OP2   1 
ATOM   769  O  "O5'" . A   C 1 8  ? -9.590  -9.275  -14.641 1.00 66.63  ? 9   A   C "O5'" 1 
ATOM   770  C  "C5'" . A   C 1 8  ? -8.729  -8.363  -13.950 1.00 64.63  ? 9   A   C "C5'" 1 
ATOM   771  C  "C4'" . A   C 1 8  ? -8.872  -6.984  -14.541 1.00 64.91  ? 9   A   C "C4'" 1 
ATOM   772  O  "O4'" . A   C 1 8  ? -8.494  -7.049  -15.934 1.00 65.59  ? 9   A   C "O4'" 1 
ATOM   773  C  "C3'" . A   C 1 8  ? -10.299 -6.453  -14.542 1.00 64.35  ? 9   A   C "C3'" 1 
ATOM   774  O  "O3'" . A   C 1 8  ? -10.564 -5.762  -13.316 1.00 60.21  ? 9   A   C "O3'" 1 
ATOM   775  C  "C2'" . A   C 1 8  ? -10.334 -5.535  -15.768 1.00 64.56  ? 9   A   C "C2'" 1 
ATOM   776  O  "O2'" . A   C 1 8  ? -9.911  -4.208  -15.511 1.00 61.07  ? 9   A   C "O2'" 1 
ATOM   777  C  "C1'" . A   C 1 8  ? -9.352  -6.235  -16.709 1.00 66.53  ? 9   A   C "C1'" 1 
ATOM   778  N  N9    . A   C 1 8  ? -9.949  -7.101  -17.714 1.00 68.96  ? 9   A   C N9    1 
ATOM   779  C  C8    . A   C 1 8  ? -10.332 -8.398  -17.530 1.00 70.45  ? 9   A   C C8    1 
ATOM   780  N  N7    . A   C 1 8  ? -10.757 -8.984  -18.624 1.00 73.30  ? 9   A   C N7    1 
ATOM   781  C  C5    . A   C 1 8  ? -10.654 -7.998  -19.594 1.00 72.42  ? 9   A   C C5    1 
ATOM   782  C  C6    . A   C 1 8  ? -10.914 -8.001  -20.973 1.00 72.69  ? 9   A   C C6    1 
ATOM   783  N  N6    . A   C 1 8  ? -11.297 -9.086  -21.650 1.00 74.07  ? 9   A   C N6    1 
ATOM   784  N  N1    . A   C 1 8  ? -10.740 -6.848  -21.649 1.00 72.45  ? 9   A   C N1    1 
ATOM   785  C  C2    . A   C 1 8  ? -10.299 -5.781  -20.979 1.00 72.90  ? 9   A   C C2    1 
ATOM   786  N  N3    . A   C 1 8  ? -9.986  -5.663  -19.688 1.00 72.88  ? 9   A   C N3    1 
ATOM   787  C  C4    . A   C 1 8  ? -10.189 -6.822  -19.041 1.00 72.00  ? 9   A   C C4    1 
ATOM   788  P  P     . G   C 1 9  ? -11.564 -6.402  -12.233 1.00 58.93  ? 10  G   C P     1 
ATOM   789  O  OP1   . G   C 1 9  ? -10.985 -6.218  -10.876 1.00 55.95  ? 10  G   C OP1   1 
ATOM   790  O  OP2   . G   C 1 9  ? -11.964 -7.769  -12.684 1.00 57.15  ? 10  G   C OP2   1 
ATOM   791  O  "O5'" . G   C 1 9  ? -12.869 -5.498  -12.361 1.00 57.76  ? 10  G   C "O5'" 1 
ATOM   792  C  "C5'" . G   C 1 9  ? -13.013 -4.317  -11.603 1.00 56.26  ? 10  G   C "C5'" 1 
ATOM   793  C  "C4'" . G   C 1 9  ? -14.201 -4.425  -10.679 1.00 57.28  ? 10  G   C "C4'" 1 
ATOM   794  O  "O4'" . G   C 1 9  ? -14.837 -5.732  -10.783 1.00 56.58  ? 10  G   C "O4'" 1 
ATOM   795  C  "C3'" . G   C 1 9  ? -13.848 -4.350  -9.214  1.00 58.50  ? 10  G   C "C3'" 1 
ATOM   796  O  "O3'" . G   C 1 9  ? -13.583 -3.018  -8.810  1.00 59.96  ? 10  G   C "O3'" 1 
ATOM   797  C  "C2'" . G   C 1 9  ? -15.100 -4.932  -8.588  1.00 59.91  ? 10  G   C "C2'" 1 
ATOM   798  O  "O2'" . G   C 1 9  ? -16.184 -4.036  -8.704  1.00 65.04  ? 10  G   C "O2'" 1 
ATOM   799  C  "C1'" . G   C 1 9  ? -15.356 -6.115  -9.512  1.00 58.86  ? 10  G   C "C1'" 1 
ATOM   800  N  N9    . G   C 1 9  ? -14.667 -7.318  -9.047  1.00 58.82  ? 10  G   C N9    1 
ATOM   801  C  C8    . G   C 1 9  ? -13.738 -8.067  -9.731  1.00 60.53  ? 10  G   C C8    1 
ATOM   802  N  N7    . G   C 1 9  ? -13.254 -9.052  -9.027  1.00 59.01  ? 10  G   C N7    1 
ATOM   803  C  C5    . G   C 1 9  ? -13.908 -8.955  -7.812  1.00 60.85  ? 10  G   C C5    1 
ATOM   804  C  C6    . G   C 1 9  ? -13.774 -9.732  -6.637  1.00 62.95  ? 10  G   C C6    1 
ATOM   805  O  O6    . G   C 1 9  ? -13.016 -10.675 -6.419  1.00 64.93  ? 10  G   C O6    1 
ATOM   806  N  N1    . G   C 1 9  ? -14.635 -9.305  -5.641  1.00 64.50  ? 10  G   C N1    1 
ATOM   807  C  C2    . G   C 1 9  ? -15.510 -8.259  -5.758  1.00 65.15  ? 10  G   C C2    1 
ATOM   808  N  N2    . G   C 1 9  ? -16.274 -8.016  -4.685  1.00 66.30  ? 10  G   C N2    1 
ATOM   809  N  N3    . G   C 1 9  ? -15.630 -7.508  -6.844  1.00 61.97  ? 10  G   C N3    1 
ATOM   810  C  C4    . G   C 1 9  ? -14.802 -7.907  -7.820  1.00 59.57  ? 10  G   C C4    1 
ATOM   811  P  P     . U   C 1 10 ? -12.438 -2.742  -7.717  1.00 62.60  ? 11  U   C P     1 
ATOM   812  O  OP1   . U   C 1 10 ? -12.161 -1.301  -7.776  1.00 63.43  ? 11  U   C OP1   1 
ATOM   813  O  OP2   . U   C 1 10 ? -11.319 -3.709  -7.850  1.00 60.84  ? 11  U   C OP2   1 
ATOM   814  O  "O5'" . U   C 1 10 ? -13.179 -3.057  -6.351  1.00 64.74  ? 11  U   C "O5'" 1 
ATOM   815  C  "C5'" . U   C 1 10 ? -14.507 -2.608  -6.130  1.00 67.98  ? 11  U   C "C5'" 1 
ATOM   816  C  "C4'" . U   C 1 10 ? -14.997 -3.107  -4.797  1.00 70.34  ? 11  U   C "C4'" 1 
ATOM   817  O  "O4'" . U   C 1 10 ? -15.051 -4.547  -4.820  1.00 70.63  ? 11  U   C "O4'" 1 
ATOM   818  C  "C3'" . U   C 1 10 ? -14.070 -2.825  -3.632  1.00 71.48  ? 11  U   C "C3'" 1 
ATOM   819  O  "O3'" . U   C 1 10 ? -14.277 -1.494  -3.195  1.00 73.74  ? 11  U   C "O3'" 1 
ATOM   820  C  "C2'" . U   C 1 10 ? -14.510 -3.870  -2.611  1.00 70.83  ? 11  U   C "C2'" 1 
ATOM   821  O  "O2'" . U   C 1 10 ? -15.669 -3.503  -1.890  1.00 69.72  ? 11  U   C "O2'" 1 
ATOM   822  C  "C1'" . U   C 1 10 ? -14.856 -5.051  -3.517  1.00 69.73  ? 11  U   C "C1'" 1 
ATOM   823  N  N1    . U   C 1 10 ? -13.843 -6.107  -3.582  1.00 68.87  ? 11  U   C N1    1 
ATOM   824  C  C2    . U   C 1 10 ? -13.621 -6.841  -2.439  1.00 70.82  ? 11  U   C C2    1 
ATOM   825  O  O2    . U   C 1 10 ? -14.230 -6.648  -1.407  1.00 72.27  ? 11  U   C O2    1 
ATOM   826  N  N3    . U   C 1 10 ? -12.663 -7.813  -2.547  1.00 71.66  ? 11  U   C N3    1 
ATOM   827  C  C4    . U   C 1 10 ? -11.936 -8.129  -3.667  1.00 71.49  ? 11  U   C C4    1 
ATOM   828  O  O4    . U   C 1 10 ? -11.103 -9.037  -3.602  1.00 72.34  ? 11  U   C O4    1 
ATOM   829  C  C5    . U   C 1 10 ? -12.233 -7.328  -4.821  1.00 69.24  ? 11  U   C C5    1 
ATOM   830  C  C6    . U   C 1 10 ? -13.149 -6.361  -4.735  1.00 67.50  ? 11  U   C C6    1 
ATOM   831  P  P     . C   C 1 11 ? -13.039 -0.630  -2.664  1.00 75.13  ? 12  C   C P     1 
ATOM   832  O  OP1   . C   C 1 11 ? -13.305 0.786   -3.066  1.00 73.68  ? 12  C   C OP1   1 
ATOM   833  O  OP2   . C   C 1 11 ? -11.753 -1.282  -3.041  1.00 73.68  ? 12  C   C OP2   1 
ATOM   834  O  "O5'" . C   C 1 11 ? -13.204 -0.765  -1.091  1.00 78.06  ? 12  C   C "O5'" 1 
ATOM   835  C  "C5'" . C   C 1 11 ? -12.140 -1.222  -0.282  1.00 81.20  ? 12  C   C "C5'" 1 
ATOM   836  C  "C4'" . C   C 1 11 ? -12.642 -2.232  0.721   1.00 83.44  ? 12  C   C "C4'" 1 
ATOM   837  O  "O4'" . C   C 1 11 ? -12.993 -3.469  0.045   1.00 82.72  ? 12  C   C "O4'" 1 
ATOM   838  C  "C3'" . C   C 1 11 ? -11.580 -2.625  1.735   1.00 84.68  ? 12  C   C "C3'" 1 
ATOM   839  O  "O3'" . C   C 1 11 ? -11.607 -1.693  2.810   1.00 85.39  ? 12  C   C "O3'" 1 
ATOM   840  C  "C2'" . C   C 1 11 ? -12.011 -4.028  2.149   1.00 85.30  ? 12  C   C "C2'" 1 
ATOM   841  O  "O2'" . C   C 1 11 ? -13.011 -4.031  3.150   1.00 86.79  ? 12  C   C "O2'" 1 
ATOM   842  C  "C1'" . C   C 1 11 ? -12.580 -4.572  0.835   1.00 84.04  ? 12  C   C "C1'" 1 
ATOM   843  N  N1    . C   C 1 11 ? -11.615 -5.363  0.054   1.00 83.66  ? 12  C   C N1    1 
ATOM   844  C  C2    . C   C 1 11 ? -11.064 -6.515  0.623   1.00 84.30  ? 12  C   C C2    1 
ATOM   845  O  O2    . C   C 1 11 ? -11.385 -6.831  1.782   1.00 86.13  ? 12  C   C O2    1 
ATOM   846  N  N3    . C   C 1 11 ? -10.196 -7.257  -0.096  1.00 83.15  ? 12  C   C N3    1 
ATOM   847  C  C4    . C   C 1 11 ? -9.871  -6.887  -1.329  1.00 81.95  ? 12  C   C C4    1 
ATOM   848  N  N4    . C   C 1 11 ? -9.015  -7.651  -1.995  1.00 82.19  ? 12  C   C N4    1 
ATOM   849  C  C5    . C   C 1 11 ? -10.411 -5.718  -1.932  1.00 82.46  ? 12  C   C C5    1 
ATOM   850  C  C6    . C   C 1 11 ? -11.269 -4.989  -1.211  1.00 83.22  ? 12  C   C C6    1 
ATOM   851  P  P     . G   C 1 12 ? -10.230 -1.155  3.432   1.00 86.14  ? 13  G   C P     1 
ATOM   852  O  OP1   . G   C 1 12 ? -10.596 -0.114  4.427   1.00 85.87  ? 13  G   C OP1   1 
ATOM   853  O  OP2   . G   C 1 12 ? -9.292  -0.808  2.333   1.00 85.61  ? 13  G   C OP2   1 
ATOM   854  O  "O5'" . G   C 1 12 ? -9.661  -2.435  4.192   1.00 86.66  ? 13  G   C "O5'" 1 
ATOM   855  C  "C5'" . G   C 1 12 ? -10.307 -2.942  5.358   1.00 88.64  ? 13  G   C "C5'" 1 
ATOM   856  C  "C4'" . G   C 1 12 ? -9.533  -4.113  5.909   1.00 89.87  ? 13  G   C "C4'" 1 
ATOM   857  O  "O4'" . G   C 1 12 ? -9.693  -5.262  5.040   1.00 90.18  ? 13  G   C "O4'" 1 
ATOM   858  C  "C3'" . G   C 1 12 ? -8.033  -3.895  5.964   1.00 91.42  ? 13  G   C "C3'" 1 
ATOM   859  O  "O3'" . G   C 1 12 ? -7.636  -3.181  7.128   1.00 94.13  ? 13  G   C "O3'" 1 
ATOM   860  C  "C2'" . G   C 1 12 ? -7.481  -5.315  5.925   1.00 90.73  ? 13  G   C "C2'" 1 
ATOM   861  O  "O2'" . G   C 1 12 ? -7.426  -5.956  7.178   1.00 90.62  ? 13  G   C "O2'" 1 
ATOM   862  C  "C1'" . G   C 1 12 ? -8.484  -6.003  5.001   1.00 90.22  ? 13  G   C "C1'" 1 
ATOM   863  N  N9    . G   C 1 12 ? -8.016  -6.029  3.622   1.00 90.64  ? 13  G   C N9    1 
ATOM   864  C  C8    . G   C 1 12 ? -8.413  -5.209  2.595   1.00 90.45  ? 13  G   C C8    1 
ATOM   865  N  N7    . G   C 1 12 ? -7.816  -5.477  1.464   1.00 90.85  ? 13  G   C N7    1 
ATOM   866  C  C5    . G   C 1 12 ? -6.973  -6.542  1.763   1.00 90.33  ? 13  G   C C5    1 
ATOM   867  C  C6    . G   C 1 12 ? -6.069  -7.272  0.930   1.00 89.92  ? 13  G   C C6    1 
ATOM   868  O  O6    . G   C 1 12 ? -5.839  -7.130  -0.281  1.00 88.97  ? 13  G   C O6    1 
ATOM   869  N  N1    . G   C 1 12 ? -5.401  -8.257  1.650   1.00 89.61  ? 13  G   C N1    1 
ATOM   870  C  C2    . G   C 1 12 ? -5.578  -8.514  2.988   1.00 89.95  ? 13  G   C C2    1 
ATOM   871  N  N2    . G   C 1 12 ? -4.828  -9.490  3.504   1.00 90.11  ? 13  G   C N2    1 
ATOM   872  N  N3    . G   C 1 12 ? -6.423  -7.856  3.767   1.00 90.16  ? 13  G   C N3    1 
ATOM   873  C  C4    . G   C 1 12 ? -7.082  -6.890  3.093   1.00 90.36  ? 13  G   C C4    1 
ATOM   874  P  P     . C   C 1 13 ? -6.162  -2.547  7.192   1.00 96.20  ? 14  C   C P     1 
ATOM   875  O  OP1   . C   C 1 13 ? -6.032  -1.822  8.487   1.00 95.70  ? 14  C   C OP1   1 
ATOM   876  O  OP2   . C   C 1 13 ? -5.906  -1.820  5.911   1.00 94.81  ? 14  C   C OP2   1 
ATOM   877  O  "O5'" . C   C 1 13 ? -5.221  -3.833  7.229   1.00 94.48  ? 14  C   C "O5'" 1 
ATOM   878  C  "C5'" . C   C 1 13 ? -5.107  -4.616  8.407   1.00 94.46  ? 14  C   C "C5'" 1 
ATOM   879  C  "C4'" . C   C 1 13 ? -3.939  -5.555  8.279   1.00 95.07  ? 14  C   C "C4'" 1 
ATOM   880  O  "O4'" . C   C 1 13 ? -4.223  -6.523  7.231   1.00 95.23  ? 14  C   C "O4'" 1 
ATOM   881  C  "C3'" . C   C 1 13 ? -2.664  -4.908  7.772   1.00 95.64  ? 14  C   C "C3'" 1 
ATOM   882  O  "O3'" . C   C 1 13 ? -1.958  -4.160  8.747   1.00 95.15  ? 14  C   C "O3'" 1 
ATOM   883  C  "C2'" . C   C 1 13 ? -1.894  -6.116  7.266   1.00 96.33  ? 14  C   C "C2'" 1 
ATOM   884  O  "O2'" . C   C 1 13 ? -1.370  -6.917  8.310   1.00 97.42  ? 14  C   C "O2'" 1 
ATOM   885  C  "C1'" . C   C 1 13 ? -3.014  -6.872  6.559   1.00 95.96  ? 14  C   C "C1'" 1 
ATOM   886  N  N1    . C   C 1 13 ? -3.126  -6.506  5.128   1.00 96.26  ? 14  C   C N1    1 
ATOM   887  C  C2    . C   C 1 13 ? -2.373  -7.240  4.177   1.00 96.04  ? 14  C   C C2    1 
ATOM   888  O  O2    . C   C 1 13 ? -1.598  -8.131  4.573   1.00 95.55  ? 14  C   C O2    1 
ATOM   889  N  N3    . C   C 1 13 ? -2.506  -6.951  2.859   1.00 95.30  ? 14  C   C N3    1 
ATOM   890  C  C4    . C   C 1 13 ? -3.322  -5.970  2.471   1.00 94.84  ? 14  C   C C4    1 
ATOM   891  N  N4    . C   C 1 13 ? -3.438  -5.741  1.161   1.00 94.84  ? 14  C   C N4    1 
ATOM   892  C  C5    . C   C 1 13 ? -4.067  -5.185  3.412   1.00 95.11  ? 14  C   C C5    1 
ATOM   893  C  C6    . C   C 1 13 ? -3.942  -5.486  4.716   1.00 95.26  ? 14  C   C C6    1 
ATOM   894  P  P     . G   C 1 14 ? -0.968  -2.985  8.262   1.00 94.95  ? 15  G   C P     1 
ATOM   895  O  OP1   . G   C 1 14 ? -0.345  -2.435  9.495   1.00 95.78  ? 15  G   C OP1   1 
ATOM   896  O  OP2   . G   C 1 14 ? -1.703  -2.076  7.341   1.00 94.31  ? 15  G   C OP2   1 
ATOM   897  O  "O5'" . G   C 1 14 ? 0.156   -3.748  7.429   1.00 90.88  ? 15  G   C "O5'" 1 
ATOM   898  C  "C5'" . G   C 1 14 ? 0.994   -4.687  8.072   1.00 87.78  ? 15  G   C "C5'" 1 
ATOM   899  C  "C4'" . G   C 1 14 ? 1.792   -5.453  7.064   1.00 86.43  ? 15  G   C "C4'" 1 
ATOM   900  O  "O4'" . G   C 1 14 ? 0.881   -6.070  6.122   1.00 86.57  ? 15  G   C "O4'" 1 
ATOM   901  C  "C3'" . G   C 1 14 ? 2.684   -4.653  6.137   1.00 86.93  ? 15  G   C "C3'" 1 
ATOM   902  O  "O3'" . G   C 1 14 ? 3.896   -4.218  6.732   1.00 87.25  ? 15  G   C "O3'" 1 
ATOM   903  C  "C2'" . G   C 1 14 ? 2.957   -5.678  5.053   1.00 87.43  ? 15  G   C "C2'" 1 
ATOM   904  O  "O2'" . G   C 1 14 ? 3.883   -6.659  5.463   1.00 89.66  ? 15  G   C "O2'" 1 
ATOM   905  C  "C1'" . G   C 1 14 ? 1.575   -6.312  4.900   1.00 87.88  ? 15  G   C "C1'" 1 
ATOM   906  N  N9    . G   C 1 14 ? 0.867   -5.687  3.782   1.00 87.41  ? 15  G   C N9    1 
ATOM   907  C  C8    . G   C 1 14 ? -0.214  -4.839  3.821   1.00 87.45  ? 15  G   C C8    1 
ATOM   908  N  N7    . G   C 1 14 ? -0.574  -4.418  2.638   1.00 86.80  ? 15  G   C N7    1 
ATOM   909  C  C5    . G   C 1 14 ? 0.320   -5.030  1.768   1.00 86.35  ? 15  G   C C5    1 
ATOM   910  C  C6    . G   C 1 14 ? 0.437   -4.949  0.355   1.00 86.40  ? 15  G   C C6    1 
ATOM   911  O  O6    . G   C 1 14 ? -0.225  -4.276  -0.437  1.00 86.25  ? 15  G   C O6    1 
ATOM   912  N  N1    . G   C 1 14 ? 1.464   -5.751  -0.120  1.00 86.24  ? 15  G   C N1    1 
ATOM   913  C  C2    . G   C 1 14 ? 2.287   -6.518  0.654   1.00 86.24  ? 15  G   C C2    1 
ATOM   914  N  N2    . G   C 1 14 ? 3.220   -7.221  -0.001  1.00 86.72  ? 15  G   C N2    1 
ATOM   915  N  N3    . G   C 1 14 ? 2.204   -6.591  1.972   1.00 85.94  ? 15  G   C N3    1 
ATOM   916  C  C4    . G   C 1 14 ? 1.203   -5.827  2.457   1.00 86.23  ? 15  G   C C4    1 
ATOM   917  P  P     . G   C 1 15 ? 4.641   -2.914  6.143   1.00 87.87  ? 16  G   C P     1 
ATOM   918  O  OP1   . G   C 1 15 ? 5.801   -2.594  7.029   1.00 87.45  ? 16  G   C OP1   1 
ATOM   919  O  OP2   . G   C 1 15 ? 3.586   -1.876  5.929   1.00 87.15  ? 16  G   C OP2   1 
ATOM   920  O  "O5'" . G   C 1 15 ? 5.201   -3.411  4.728   1.00 85.04  ? 16  G   C "O5'" 1 
ATOM   921  C  "C5'" . G   C 1 15 ? 6.087   -4.531  4.644   1.00 82.29  ? 16  G   C "C5'" 1 
ATOM   922  C  "C4'" . G   C 1 15 ? 6.438   -4.844  3.199   1.00 81.06  ? 16  G   C "C4'" 1 
ATOM   923  O  "O4'" . G   C 1 15 ? 5.254   -5.264  2.468   1.00 82.19  ? 16  G   C "O4'" 1 
ATOM   924  C  "C3'" . G   C 1 15 ? 6.973   -3.715  2.342   1.00 80.30  ? 16  G   C "C3'" 1 
ATOM   925  O  "O3'" . G   C 1 15 ? 8.289   -3.273  2.666   1.00 82.83  ? 16  G   C "O3'" 1 
ATOM   926  C  "C2'" . G   C 1 15 ? 6.765   -4.276  0.940   1.00 80.36  ? 16  G   C "C2'" 1 
ATOM   927  O  "O2'" . G   C 1 15 ? 7.688   -5.288  0.578   1.00 78.76  ? 16  G   C "O2'" 1 
ATOM   928  C  "C1'" . G   C 1 15 ? 5.380   -4.906  1.091   1.00 80.13  ? 16  G   C "C1'" 1 
ATOM   929  N  N9    . G   C 1 15 ? 4.311   -3.963  0.762   1.00 78.97  ? 16  G   C N9    1 
ATOM   930  C  C8    . G   C 1 15 ? 3.504   -3.285  1.649   1.00 78.26  ? 16  G   C C8    1 
ATOM   931  N  N7    . G   C 1 15 ? 2.662   -2.480  1.063   1.00 77.73  ? 16  G   C N7    1 
ATOM   932  C  C5    . G   C 1 15 ? 2.921   -2.639  -0.295  1.00 77.44  ? 16  G   C C5    1 
ATOM   933  C  C6    . G   C 1 15 ? 2.321   -2.014  -1.427  1.00 76.37  ? 16  G   C C6    1 
ATOM   934  O  O6    . G   C 1 15 ? 1.428   -1.163  -1.447  1.00 75.67  ? 16  G   C O6    1 
ATOM   935  N  N1    . G   C 1 15 ? 2.875   -2.469  -2.623  1.00 74.76  ? 16  G   C N1    1 
ATOM   936  C  C2    . G   C 1 15 ? 3.887   -3.394  -2.722  1.00 75.05  ? 16  G   C C2    1 
ATOM   937  N  N2    . G   C 1 15 ? 4.289   -3.686  -3.969  1.00 72.70  ? 16  G   C N2    1 
ATOM   938  N  N3    . G   C 1 15 ? 4.462   -3.982  -1.674  1.00 75.35  ? 16  G   C N3    1 
ATOM   939  C  C4    . G   C 1 15 ? 3.929   -3.560  -0.500  1.00 77.61  ? 16  G   C C4    1 
ATOM   940  O  "O5'" . C   D 2 1  ? 1.619   -7.791  -9.794  1.00 73.54  ? 21  C   D "O5'" 1 
ATOM   941  C  "C5'" . C   D 2 1  ? 2.197   -6.856  -8.890  1.00 71.53  ? 21  C   D "C5'" 1 
ATOM   942  C  "C4'" . C   D 2 1  ? 3.151   -7.483  -7.897  1.00 72.21  ? 21  C   D "C4'" 1 
ATOM   943  O  "O4'" . C   D 2 1  ? 3.615   -6.441  -7.008  1.00 71.00  ? 21  C   D "O4'" 1 
ATOM   944  C  "C3'" . C   D 2 1  ? 2.564   -8.550  -6.981  1.00 73.71  ? 21  C   D "C3'" 1 
ATOM   945  O  "O3'" . C   D 2 1  ? 2.743   -9.844  -7.534  1.00 78.30  ? 21  C   D "O3'" 1 
ATOM   946  C  "C2'" . C   D 2 1  ? 3.413   -8.409  -5.733  1.00 73.22  ? 21  C   D "C2'" 1 
ATOM   947  O  "O2'" . C   D 2 1  ? 4.677   -9.016  -5.901  1.00 74.62  ? 21  C   D "O2'" 1 
ATOM   948  C  "C1'" . C   D 2 1  ? 3.591   -6.897  -5.674  1.00 70.60  ? 21  C   D "C1'" 1 
ATOM   949  N  N1    . C   D 2 1  ? 2.512   -6.176  -4.998  1.00 68.55  ? 21  C   D N1    1 
ATOM   950  C  C2    . C   D 2 1  ? 2.469   -6.159  -3.609  1.00 67.81  ? 21  C   D C2    1 
ATOM   951  O  O2    . C   D 2 1  ? 3.295   -6.839  -2.974  1.00 65.66  ? 21  C   D O2    1 
ATOM   952  N  N3    . C   D 2 1  ? 1.527   -5.401  -2.992  1.00 67.00  ? 21  C   D N3    1 
ATOM   953  C  C4    . C   D 2 1  ? 0.656   -4.698  -3.719  1.00 67.01  ? 21  C   D C4    1 
ATOM   954  N  N4    . C   D 2 1  ? -0.220  -3.922  -3.081  1.00 67.77  ? 21  C   D N4    1 
ATOM   955  C  C5    . C   D 2 1  ? 0.650   -4.749  -5.134  1.00 67.66  ? 21  C   D C5    1 
ATOM   956  C  C6    . C   D 2 1  ? 1.580   -5.496  -5.726  1.00 67.95  ? 21  C   D C6    1 
ATOM   957  P  P     . G   D 2 2  ? 1.720   -11.024 -7.158  1.00 80.96  ? 22  G   D P     1 
ATOM   958  O  OP1   . G   D 2 2  ? 2.225   -12.251 -7.829  1.00 79.95  ? 22  G   D OP1   1 
ATOM   959  O  OP2   . G   D 2 2  ? 0.333   -10.549 -7.442  1.00 79.26  ? 22  G   D OP2   1 
ATOM   960  O  "O5'" . G   D 2 2  ? 1.942   -11.217 -5.592  1.00 81.80  ? 22  G   D "O5'" 1 
ATOM   961  C  "C5'" . G   D 2 2  ? 3.050   -11.978 -5.123  1.00 84.41  ? 22  G   D "C5'" 1 
ATOM   962  C  "C4'" . G   D 2 2  ? 2.954   -12.189 -3.636  1.00 86.74  ? 22  G   D "C4'" 1 
ATOM   963  O  "O4'" . G   D 2 2  ? 2.968   -10.895 -2.986  1.00 87.47  ? 22  G   D "O4'" 1 
ATOM   964  C  "C3'" . G   D 2 2  ? 1.678   -12.835 -3.126  1.00 88.86  ? 22  G   D "C3'" 1 
ATOM   965  O  "O3'" . G   D 2 2  ? 1.742   -14.258 -3.236  1.00 91.56  ? 22  G   D "O3'" 1 
ATOM   966  C  "C2'" . G   D 2 2  ? 1.649   -12.370 -1.671  1.00 89.08  ? 22  G   D "C2'" 1 
ATOM   967  O  "O2'" . G   D 2 2  ? 2.481   -13.138 -0.813  1.00 89.51  ? 22  G   D "O2'" 1 
ATOM   968  C  "C1'" . G   D 2 2  ? 2.196   -10.943 -1.797  1.00 87.24  ? 22  G   D "C1'" 1 
ATOM   969  N  N9    . G   D 2 2  ? 1.155   -9.925  -1.891  1.00 84.95  ? 22  G   D N9    1 
ATOM   970  C  C8    . G   D 2 2  ? 0.631   -9.394  -3.043  1.00 84.40  ? 22  G   D C8    1 
ATOM   971  N  N7    . G   D 2 2  ? -0.308  -8.513  -2.821  1.00 84.30  ? 22  G   D N7    1 
ATOM   972  C  C5    . G   D 2 2  ? -0.406  -8.453  -1.438  1.00 83.44  ? 22  G   D C5    1 
ATOM   973  C  C6    . G   D 2 2  ? -1.271  -7.683  -0.606  1.00 82.57  ? 22  G   D C6    1 
ATOM   974  O  O6    . G   D 2 2  ? -2.136  -6.864  -0.939  1.00 81.86  ? 22  G   D O6    1 
ATOM   975  N  N1    . G   D 2 2  ? -1.053  -7.948  0.740   1.00 82.26  ? 22  G   D N1    1 
ATOM   976  C  C2    . G   D 2 2  ? -0.128  -8.836  1.229   1.00 83.33  ? 22  G   D C2    1 
ATOM   977  N  N2    . G   D 2 2  ? -0.085  -8.957  2.559   1.00 83.80  ? 22  G   D N2    1 
ATOM   978  N  N3    . G   D 2 2  ? 0.691   -9.557  0.468   1.00 83.08  ? 22  G   D N3    1 
ATOM   979  C  C4    . G   D 2 2  ? 0.494   -9.318  -0.847  1.00 84.12  ? 22  G   D C4    1 
ATOM   980  P  P     . C   D 2 3  ? 0.408   -15.139 -3.028  1.00 92.89  ? 23  C   D P     1 
ATOM   981  O  OP1   . C   D 2 3  ? 0.849   -16.549 -2.877  1.00 93.57  ? 23  C   D OP1   1 
ATOM   982  O  OP2   . C   D 2 3  ? -0.597  -14.796 -4.073  1.00 92.91  ? 23  C   D OP2   1 
ATOM   983  O  "O5'" . C   D 2 3  ? -0.126  -14.663 -1.606  1.00 92.81  ? 23  C   D "O5'" 1 
ATOM   984  C  "C5'" . C   D 2 3  ? 0.447   -15.199 -0.416  1.00 93.85  ? 23  C   D "C5'" 1 
ATOM   985  C  "C4'" . C   D 2 3  ? -0.357  -14.788 0.795   1.00 94.39  ? 23  C   D "C4'" 1 
ATOM   986  O  "O4'" . C   D 2 3  ? -0.265  -13.351 0.956   1.00 92.55  ? 23  C   D "O4'" 1 
ATOM   987  C  "C3'" . C   D 2 3  ? -1.863  -15.026 0.761   1.00 94.24  ? 23  C   D "C3'" 1 
ATOM   988  O  "O3'" . C   D 2 3  ? -2.251  -16.372 1.034   1.00 96.54  ? 23  C   D "O3'" 1 
ATOM   989  C  "C2'" . C   D 2 3  ? -2.327  -14.085 1.859   1.00 93.32  ? 23  C   D "C2'" 1 
ATOM   990  O  "O2'" . C   D 2 3  ? -2.060  -14.593 3.148   1.00 94.93  ? 23  C   D "O2'" 1 
ATOM   991  C  "C1'" . C   D 2 3  ? -1.432  -12.877 1.598   1.00 91.50  ? 23  C   D "C1'" 1 
ATOM   992  N  N1    . C   D 2 3  ? -2.116  -11.952 0.699   1.00 90.79  ? 23  C   D N1    1 
ATOM   993  C  C2    . C   D 2 3  ? -2.883  -10.928 1.265   1.00 90.58  ? 23  C   D C2    1 
ATOM   994  O  O2    . C   D 2 3  ? -2.909  -10.816 2.504   1.00 90.58  ? 23  C   D O2    1 
ATOM   995  N  N3    . C   D 2 3  ? -3.572  -10.090 0.454   1.00 89.55  ? 23  C   D N3    1 
ATOM   996  C  C4    . C   D 2 3  ? -3.500  -10.239 -0.868  1.00 88.22  ? 23  C   D C4    1 
ATOM   997  N  N4    . C   D 2 3  ? -4.195  -9.393  -1.620  1.00 88.41  ? 23  C   D N4    1 
ATOM   998  C  C5    . C   D 2 3  ? -2.709  -11.264 -1.474  1.00 88.73  ? 23  C   D C5    1 
ATOM   999  C  C6    . C   D 2 3  ? -2.036  -12.090 -0.660  1.00 89.23  ? 23  C   D C6    1 
ATOM   1000 P  P     . G   D 2 4  ? -3.703  -16.886 0.553   1.00 98.83  ? 24  G   D P     1 
ATOM   1001 O  OP1   . G   D 2 4  ? -3.825  -18.325 0.928   1.00 99.07  ? 24  G   D OP1   1 
ATOM   1002 O  OP2   . G   D 2 4  ? -3.892  -16.485 -0.868  1.00 97.82  ? 24  G   D OP2   1 
ATOM   1003 O  "O5'" . G   D 2 4  ? -4.721  -16.049 1.456   1.00 97.74  ? 24  G   D "O5'" 1 
ATOM   1004 C  "C5'" . G   D 2 4  ? -4.705  -16.188 2.876   1.00 97.83  ? 24  G   D "C5'" 1 
ATOM   1005 C  "C4'" . G   D 2 4  ? -5.706  -15.259 3.512   1.00 97.85  ? 24  G   D "C4'" 1 
ATOM   1006 O  "O4'" . G   D 2 4  ? -5.254  -13.885 3.387   1.00 97.23  ? 24  G   D "O4'" 1 
ATOM   1007 C  "C3'" . G   D 2 4  ? -7.082  -15.242 2.878   1.00 97.80  ? 24  G   D "C3'" 1 
ATOM   1008 O  "O3'" . G   D 2 4  ? -7.878  -16.351 3.277   1.00 99.01  ? 24  G   D "O3'" 1 
ATOM   1009 C  "C2'" . G   D 2 4  ? -7.626  -13.905 3.365   1.00 98.35  ? 24  G   D "C2'" 1 
ATOM   1010 O  "O2'" . G   D 2 4  ? -8.070  -13.931 4.707   1.00 99.14  ? 24  G   D "O2'" 1 
ATOM   1011 C  "C1'" . G   D 2 4  ? -6.380  -13.022 3.238   1.00 97.20  ? 24  G   D "C1'" 1 
ATOM   1012 N  N9    . G   D 2 4  ? -6.320  -12.398 1.914   1.00 96.38  ? 24  G   D N9    1 
ATOM   1013 C  C8    . G   D 2 4  ? -5.528  -12.775 0.855   1.00 95.88  ? 24  G   D C8    1 
ATOM   1014 N  N7    . G   D 2 4  ? -5.757  -12.081 -0.226  1.00 94.90  ? 24  G   D N7    1 
ATOM   1015 C  C5    . G   D 2 4  ? -6.747  -11.183 0.144   1.00 93.82  ? 24  G   D C5    1 
ATOM   1016 C  C6    . G   D 2 4  ? -7.411  -10.203 -0.613  1.00 93.60  ? 24  G   D C6    1 
ATOM   1017 O  O6    . G   D 2 4  ? -7.268  -9.931  -1.802  1.00 94.89  ? 24  G   D O6    1 
ATOM   1018 N  N1    . G   D 2 4  ? -8.338  -9.506  0.147   1.00 92.47  ? 24  G   D N1    1 
ATOM   1019 C  C2    . G   D 2 4  ? -8.600  -9.731  1.466   1.00 93.12  ? 24  G   D C2    1 
ATOM   1020 N  N2    . G   D 2 4  ? -9.529  -8.939  2.024   1.00 92.34  ? 24  G   D N2    1 
ATOM   1021 N  N3    . G   D 2 4  ? -7.997  -10.662 2.188   1.00 93.91  ? 24  G   D N3    1 
ATOM   1022 C  C4    . G   D 2 4  ? -7.087  -11.346 1.466   1.00 94.20  ? 24  G   D C4    1 
ATOM   1023 P  P     . U   D 2 5  ? -9.133  -16.789 2.367   1.00 100.58 ? 25  U   D P     1 
ATOM   1024 O  OP1   . U   D 2 5  ? -9.713  -18.036 2.941   1.00 99.69  ? 25  U   D OP1   1 
ATOM   1025 O  OP2   . U   D 2 5  ? -8.679  -16.785 0.946   1.00 99.83  ? 25  U   D OP2   1 
ATOM   1026 O  "O5'" . U   D 2 5  ? -10.174 -15.594 2.582   1.00 98.91  ? 25  U   D "O5'" 1 
ATOM   1027 C  "C5'" . U   D 2 5  ? -10.591 -15.218 3.895   1.00 97.34  ? 25  U   D "C5'" 1 
ATOM   1028 C  "C4'" . U   D 2 5  ? -11.682 -14.174 3.824   1.00 97.08  ? 25  U   D "C4'" 1 
ATOM   1029 O  "O4'" . U   D 2 5  ? -11.140 -12.863 3.492   1.00 96.73  ? 25  U   D "O4'" 1 
ATOM   1030 C  "C3'" . U   D 2 5  ? -12.731 -14.405 2.755   1.00 97.17  ? 25  U   D "C3'" 1 
ATOM   1031 O  "O3'" . U   D 2 5  ? -13.689 -15.368 3.153   1.00 97.12  ? 25  U   D "O3'" 1 
ATOM   1032 C  "C2'" . U   D 2 5  ? -13.350 -13.019 2.614   1.00 97.49  ? 25  U   D "C2'" 1 
ATOM   1033 O  "O2'" . U   D 2 5  ? -14.317 -12.744 3.616   1.00 97.40  ? 25  U   D "O2'" 1 
ATOM   1034 C  "C1'" . U   D 2 5  ? -12.111 -12.125 2.751   1.00 96.90  ? 25  U   D "C1'" 1 
ATOM   1035 N  N1    . U   D 2 5  ? -11.555 -11.800 1.426   1.00 96.17  ? 25  U   D N1    1 
ATOM   1036 C  C2    . U   D 2 5  ? -12.102 -10.719 0.746   1.00 95.26  ? 25  U   D C2    1 
ATOM   1037 O  O2    . U   D 2 5  ? -12.967 -10.008 1.218   1.00 93.69  ? 25  U   D O2    1 
ATOM   1038 N  N3    . U   D 2 5  ? -11.589 -10.501 -0.511  1.00 95.29  ? 25  U   D N3    1 
ATOM   1039 C  C4    . U   D 2 5  ? -10.595 -11.227 -1.145  1.00 95.77  ? 25  U   D C4    1 
ATOM   1040 O  O4    . U   D 2 5  ? -10.285 -10.942 -2.304  1.00 93.86  ? 25  U   D O4    1 
ATOM   1041 C  C5    . U   D 2 5  ? -10.054 -12.311 -0.367  1.00 96.17  ? 25  U   D C5    1 
ATOM   1042 C  C6    . U   D 2 5  ? -10.540 -12.554 0.861   1.00 96.42  ? 25  U   D C6    1 
ATOM   1043 P  P     . C   D 2 6  ? -14.534 -16.151 2.032   1.00 96.97  ? 26  C   D P     1 
ATOM   1044 O  OP1   . C   D 2 6  ? -15.327 -17.155 2.796   1.00 97.91  ? 26  C   D OP1   1 
ATOM   1045 O  OP2   . C   D 2 6  ? -13.608 -16.613 0.962   1.00 97.31  ? 26  C   D OP2   1 
ATOM   1046 O  "O5'" . C   D 2 6  ? -15.507 -15.040 1.417   1.00 93.50  ? 26  C   D "O5'" 1 
ATOM   1047 C  "C5'" . C   D 2 6  ? -16.449 -14.369 2.245   1.00 91.78  ? 26  C   D "C5'" 1 
ATOM   1048 C  "C4'" . C   D 2 6  ? -16.995 -13.138 1.557   1.00 91.30  ? 26  C   D "C4'" 1 
ATOM   1049 O  "O4'" . C   D 2 6  ? -15.921 -12.179 1.337   1.00 91.19  ? 26  C   D "O4'" 1 
ATOM   1050 C  "C3'" . C   D 2 6  ? -17.590 -13.303 0.166   1.00 91.13  ? 26  C   D "C3'" 1 
ATOM   1051 O  "O3'" . C   D 2 6  ? -18.901 -13.865 0.148   1.00 90.78  ? 26  C   D "O3'" 1 
ATOM   1052 C  "C2'" . C   D 2 6  ? -17.573 -11.862 -0.328  1.00 91.02  ? 26  C   D "C2'" 1 
ATOM   1053 O  "O2'" . C   D 2 6  ? -18.584 -11.073 0.265   1.00 91.74  ? 26  C   D "O2'" 1 
ATOM   1054 C  "C1'" . C   D 2 6  ? -16.201 -11.402 0.170   1.00 90.57  ? 26  C   D "C1'" 1 
ATOM   1055 N  N1    . C   D 2 6  ? -15.163 -11.678 -0.844  1.00 89.67  ? 26  C   D N1    1 
ATOM   1056 C  C2    . C   D 2 6  ? -15.047 -10.825 -1.952  1.00 88.62  ? 26  C   D C2    1 
ATOM   1057 O  O2    . C   D 2 6  ? -15.767 -9.812  -2.005  1.00 86.97  ? 26  C   D O2    1 
ATOM   1058 N  N3    . C   D 2 6  ? -14.151 -11.130 -2.929  1.00 87.74  ? 26  C   D N3    1 
ATOM   1059 C  C4    . C   D 2 6  ? -13.390 -12.224 -2.817  1.00 87.89  ? 26  C   D C4    1 
ATOM   1060 N  N4    . C   D 2 6  ? -12.556 -12.523 -3.807  1.00 87.07  ? 26  C   D N4    1 
ATOM   1061 C  C5    . C   D 2 6  ? -13.458 -13.074 -1.683  1.00 88.65  ? 26  C   D C5    1 
ATOM   1062 C  C6    . C   D 2 6  ? -14.347 -12.768 -0.728  1.00 89.58  ? 26  C   D C6    1 
ATOM   1063 P  P     . A   D 2 7  ? -19.383 -14.695 -1.148  1.00 92.27  ? 27  A   D P     1 
ATOM   1064 O  OP1   . A   D 2 7  ? -20.690 -15.338 -0.872  1.00 93.29  ? 27  A   D OP1   1 
ATOM   1065 O  OP2   . A   D 2 7  ? -18.239 -15.544 -1.580  1.00 92.04  ? 27  A   D OP2   1 
ATOM   1066 O  "O5'" . A   D 2 7  ? -19.663 -13.560 -2.238  1.00 89.86  ? 27  A   D "O5'" 1 
ATOM   1067 C  "C5'" . A   D 2 7  ? -20.488 -12.441 -1.918  1.00 87.02  ? 27  A   D "C5'" 1 
ATOM   1068 C  "C4'" . A   D 2 7  ? -20.393 -11.384 -2.993  1.00 85.48  ? 27  A   D "C4'" 1 
ATOM   1069 O  "O4'" . A   D 2 7  ? -19.004 -10.988 -3.147  1.00 84.47  ? 27  A   D "O4'" 1 
ATOM   1070 C  "C3'" . A   D 2 7  ? -20.788 -11.797 -4.402  1.00 85.37  ? 27  A   D "C3'" 1 
ATOM   1071 O  "O3'" . A   D 2 7  ? -22.195 -11.769 -4.614  1.00 85.75  ? 27  A   D "O3'" 1 
ATOM   1072 C  "C2'" . A   D 2 7  ? -20.091 -10.736 -5.243  1.00 84.68  ? 27  A   D "C2'" 1 
ATOM   1073 O  "O2'" . A   D 2 7  ? -20.803 -9.511  -5.271  1.00 84.17  ? 27  A   D "O2'" 1 
ATOM   1074 C  "C1'" . A   D 2 7  ? -18.767 -10.587 -4.489  1.00 83.60  ? 27  A   D "C1'" 1 
ATOM   1075 N  N9    . A   D 2 7  ? -17.691 -11.412 -5.047  1.00 82.85  ? 27  A   D N9    1 
ATOM   1076 C  C8    . A   D 2 7  ? -16.953 -12.413 -4.452  1.00 82.70  ? 27  A   D C8    1 
ATOM   1077 N  N7    . A   D 2 7  ? -16.055 -12.950 -5.246  1.00 82.12  ? 27  A   D N7    1 
ATOM   1078 C  C5    . A   D 2 7  ? -16.211 -12.259 -6.441  1.00 81.60  ? 27  A   D C5    1 
ATOM   1079 C  C6    . A   D 2 7  ? -15.554 -12.345 -7.682  1.00 80.08  ? 27  A   D C6    1 
ATOM   1080 N  N6    . A   D 2 7  ? -14.571 -13.199 -7.948  1.00 79.90  ? 27  A   D N6    1 
ATOM   1081 N  N1    . A   D 2 7  ? -15.947 -11.511 -8.658  1.00 80.32  ? 27  A   D N1    1 
ATOM   1082 C  C2    . A   D 2 7  ? -16.937 -10.646 -8.404  1.00 82.40  ? 27  A   D C2    1 
ATOM   1083 N  N3    . A   D 2 7  ? -17.632 -10.464 -7.284  1.00 82.38  ? 27  A   D N3    1 
ATOM   1084 C  C4    . A   D 2 7  ? -17.214 -11.311 -6.330  1.00 82.06  ? 27  A   D C4    1 
ATOM   1085 P  P     . C   D 2 8  ? -22.865 -12.880 -5.562  1.00 86.01  ? 28  C   D P     1 
ATOM   1086 O  OP1   . C   D 2 8  ? -24.320 -12.620 -5.653  1.00 86.65  ? 28  C   D OP1   1 
ATOM   1087 O  OP2   . C   D 2 8  ? -22.385 -14.204 -5.073  1.00 86.88  ? 28  C   D OP2   1 
ATOM   1088 O  "O5'" . C   D 2 8  ? -22.230 -12.611 -7.000  1.00 83.43  ? 28  C   D "O5'" 1 
ATOM   1089 C  "C5'" . C   D 2 8  ? -22.822 -11.673 -7.892  1.00 80.81  ? 28  C   D "C5'" 1 
ATOM   1090 C  "C4'" . C   D 2 8  ? -22.150 -11.728 -9.251  1.00 79.19  ? 28  C   D "C4'" 1 
ATOM   1091 O  "O4'" . C   D 2 8  ? -20.725 -11.476 -9.097  1.00 77.70  ? 28  C   D "O4'" 1 
ATOM   1092 C  "C3'" . C   D 2 8  ? -22.171 -13.055 -9.993  1.00 78.96  ? 28  C   D "C3'" 1 
ATOM   1093 O  "O3'" . C   D 2 8  ? -23.427 -13.300 -10.625 1.00 79.63  ? 28  C   D "O3'" 1 
ATOM   1094 C  "C2'" . C   D 2 8  ? -21.039 -12.854 -10.993 1.00 77.28  ? 28  C   D "C2'" 1 
ATOM   1095 O  "O2'" . C   D 2 8  ? -21.383 -11.993 -12.064 1.00 76.13  ? 28  C   D "O2'" 1 
ATOM   1096 C  "C1'" . C   D 2 8  ? -20.005 -12.160 -10.111 1.00 76.17  ? 28  C   D "C1'" 1 
ATOM   1097 N  N1    . C   D 2 8  ? -19.124 -13.130 -9.459  1.00 74.90  ? 28  C   D N1    1 
ATOM   1098 C  C2    . C   D 2 8  ? -18.176 -13.794 -10.231 1.00 75.21  ? 28  C   D C2    1 
ATOM   1099 O  O2    . C   D 2 8  ? -18.083 -13.506 -11.443 1.00 75.37  ? 28  C   D O2    1 
ATOM   1100 N  N3    . C   D 2 8  ? -17.384 -14.729 -9.643  1.00 74.44  ? 28  C   D N3    1 
ATOM   1101 C  C4    . C   D 2 8  ? -17.521 -14.995 -8.341  1.00 72.10  ? 28  C   D C4    1 
ATOM   1102 N  N4    . C   D 2 8  ? -16.758 -15.942 -7.810  1.00 72.05  ? 28  C   D N4    1 
ATOM   1103 C  C5    . C   D 2 8  ? -18.458 -14.305 -7.532  1.00 72.48  ? 28  C   D C5    1 
ATOM   1104 C  C6    . C   D 2 8  ? -19.233 -13.391 -8.124  1.00 73.92  ? 28  C   D C6    1 
ATOM   1105 P  P     . A   D 2 9  ? -23.923 -14.812 -10.840 1.00 77.38  ? 29  A   D P     1 
ATOM   1106 O  OP1   . A   D 2 9  ? -25.291 -14.706 -11.404 1.00 77.01  ? 29  A   D OP1   1 
ATOM   1107 O  OP2   . A   D 2 9  ? -23.700 -15.578 -9.579  1.00 77.08  ? 29  A   D OP2   1 
ATOM   1108 O  "O5'" . A   D 2 9  ? -22.922 -15.366 -11.948 1.00 76.22  ? 29  A   D "O5'" 1 
ATOM   1109 C  "C5'" . A   D 2 9  ? -22.886 -14.779 -13.243 1.00 76.58  ? 29  A   D "C5'" 1 
ATOM   1110 C  "C4'" . A   D 2 9  ? -21.988 -15.575 -14.161 1.00 76.35  ? 29  A   D "C4'" 1 
ATOM   1111 O  "O4'" . A   D 2 9  ? -20.610 -15.437 -13.729 1.00 74.94  ? 29  A   D "O4'" 1 
ATOM   1112 C  "C3'" . A   D 2 9  ? -22.200 -17.079 -14.186 1.00 77.21  ? 29  A   D "C3'" 1 
ATOM   1113 O  "O3'" . A   D 2 9  ? -23.271 -17.476 -15.031 1.00 79.05  ? 29  A   D "O3'" 1 
ATOM   1114 C  "C2'" . A   D 2 9  ? -20.872 -17.546 -14.739 1.00 75.92  ? 29  A   D "C2'" 1 
ATOM   1115 O  "O2'" . A   D 2 9  ? -20.816 -17.230 -16.114 1.00 75.58  ? 29  A   D "O2'" 1 
ATOM   1116 C  "C1'" . A   D 2 9  ? -19.914 -16.646 -13.960 1.00 74.76  ? 29  A   D "C1'" 1 
ATOM   1117 N  N9    . A   D 2 9  ? -19.528 -17.171 -12.653 1.00 74.31  ? 29  A   D N9    1 
ATOM   1118 C  C8    . A   D 2 9  ? -20.143 -16.894 -11.463 1.00 74.77  ? 29  A   D C8    1 
ATOM   1119 N  N7    . A   D 2 9  ? -19.556 -17.437 -10.424 1.00 75.43  ? 29  A   D N7    1 
ATOM   1120 C  C5    . A   D 2 9  ? -18.485 -18.126 -10.967 1.00 75.28  ? 29  A   D C5    1 
ATOM   1121 C  C6    . A   D 2 9  ? -17.450 -18.884 -10.381 1.00 76.15  ? 29  A   D C6    1 
ATOM   1122 N  N6    . A   D 2 9  ? -17.322 -19.070 -9.064  1.00 75.97  ? 29  A   D N6    1 
ATOM   1123 N  N1    . A   D 2 9  ? -16.534 -19.440 -11.202 1.00 76.45  ? 29  A   D N1    1 
ATOM   1124 C  C2    . A   D 2 9  ? -16.656 -19.234 -12.519 1.00 76.55  ? 29  A   D C2    1 
ATOM   1125 N  N3    . A   D 2 9  ? -17.577 -18.534 -13.188 1.00 75.86  ? 29  A   D N3    1 
ATOM   1126 C  C4    . A   D 2 9  ? -18.470 -17.995 -12.344 1.00 74.91  ? 29  A   D C4    1 
ATOM   1127 P  P     . C   D 2 10 ? -24.237 -18.675 -14.559 1.00 80.59  ? 30  C   D P     1 
ATOM   1128 O  OP1   . C   D 2 10 ? -25.542 -18.518 -15.271 1.00 78.18  ? 30  C   D OP1   1 
ATOM   1129 O  OP2   . C   D 2 10 ? -24.206 -18.728 -13.064 1.00 77.87  ? 30  C   D OP2   1 
ATOM   1130 O  "O5'" . C   D 2 10 ? -23.501 -19.984 -15.091 1.00 79.41  ? 30  C   D "O5'" 1 
ATOM   1131 C  "C5'" . C   D 2 10 ? -23.343 -20.229 -16.482 1.00 78.77  ? 30  C   D "C5'" 1 
ATOM   1132 C  "C4'" . C   D 2 10 ? -22.175 -21.157 -16.710 1.00 78.54  ? 30  C   D "C4'" 1 
ATOM   1133 O  "O4'" . C   D 2 10 ? -20.998 -20.552 -16.116 1.00 78.97  ? 30  C   D "O4'" 1 
ATOM   1134 C  "C3'" . C   D 2 10 ? -22.230 -22.503 -16.011 1.00 79.11  ? 30  C   D "C3'" 1 
ATOM   1135 O  "O3'" . C   D 2 10 ? -22.994 -23.461 -16.712 1.00 80.80  ? 30  C   D "O3'" 1 
ATOM   1136 C  "C2'" . C   D 2 10 ? -20.765 -22.895 -16.004 1.00 79.16  ? 30  C   D "C2'" 1 
ATOM   1137 O  "O2'" . C   D 2 10 ? -20.296 -23.291 -17.276 1.00 80.69  ? 30  C   D "O2'" 1 
ATOM   1138 C  "C1'" . C   D 2 10 ? -20.127 -21.564 -15.636 1.00 78.51  ? 30  C   D "C1'" 1 
ATOM   1139 N  N1    . C   D 2 10 ? -20.009 -21.436 -14.179 1.00 77.44  ? 30  C   D N1    1 
ATOM   1140 C  C2    . C   D 2 10 ? -18.964 -22.118 -13.531 1.00 77.65  ? 30  C   D C2    1 
ATOM   1141 O  O2    . C   D 2 10 ? -18.152 -22.787 -14.222 1.00 76.17  ? 30  C   D O2    1 
ATOM   1142 N  N3    . C   D 2 10 ? -18.866 -22.036 -12.181 1.00 76.46  ? 30  C   D N3    1 
ATOM   1143 C  C4    . C   D 2 10 ? -19.752 -21.316 -11.493 1.00 75.32  ? 30  C   D C4    1 
ATOM   1144 N  N4    . C   D 2 10 ? -19.633 -21.287 -10.171 1.00 75.93  ? 30  C   D N4    1 
ATOM   1145 C  C5    . C   D 2 10 ? -20.808 -20.603 -12.131 1.00 75.94  ? 30  C   D C5    1 
ATOM   1146 C  C6    . C   D 2 10 ? -20.897 -20.688 -13.460 1.00 75.77  ? 30  C   D C6    1 
ATOM   1147 P  P     . C   D 2 11 ? -23.663 -24.672 -15.899 1.00 82.54  ? 31  C   D P     1 
ATOM   1148 O  OP1   . C   D 2 11 ? -24.442 -25.462 -16.886 1.00 83.25  ? 31  C   D OP1   1 
ATOM   1149 O  OP2   . C   D 2 11 ? -24.348 -24.108 -14.706 1.00 82.70  ? 31  C   D OP2   1 
ATOM   1150 O  "O5'" . C   D 2 11 ? -22.425 -25.554 -15.424 1.00 79.73  ? 31  C   D "O5'" 1 
ATOM   1151 C  "C5'" . C   D 2 11 ? -21.626 -26.241 -16.380 1.00 78.81  ? 31  C   D "C5'" 1 
ATOM   1152 C  "C4'" . C   D 2 11 ? -20.500 -26.992 -15.703 1.00 78.09  ? 31  C   D "C4'" 1 
ATOM   1153 O  "O4'" . C   D 2 11 ? -19.710 -26.065 -14.917 1.00 77.17  ? 31  C   D "O4'" 1 
ATOM   1154 C  "C3'" . C   D 2 11 ? -20.888 -28.025 -14.667 1.00 78.26  ? 31  C   D "C3'" 1 
ATOM   1155 O  "O3'" . C   D 2 11 ? -21.318 -29.250 -15.219 1.00 78.41  ? 31  C   D "O3'" 1 
ATOM   1156 C  "C2'" . C   D 2 11 ? -19.586 -28.196 -13.908 1.00 78.18  ? 31  C   D "C2'" 1 
ATOM   1157 O  "O2'" . C   D 2 11 ? -18.620 -28.945 -14.618 1.00 80.27  ? 31  C   D "O2'" 1 
ATOM   1158 C  "C1'" . C   D 2 11 ? -19.131 -26.748 -13.818 1.00 76.65  ? 31  C   D "C1'" 1 
ATOM   1159 N  N1    . C   D 2 11 ? -19.593 -26.122 -12.576 1.00 75.36  ? 31  C   D N1    1 
ATOM   1160 C  C2    . C   D 2 11 ? -18.918 -26.419 -11.402 1.00 75.61  ? 31  C   D C2    1 
ATOM   1161 O  O2    . C   D 2 11 ? -17.986 -27.245 -11.444 1.00 76.54  ? 31  C   D O2    1 
ATOM   1162 N  N3    . C   D 2 11 ? -19.290 -25.815 -10.252 1.00 74.21  ? 31  C   D N3    1 
ATOM   1163 C  C4    . C   D 2 11 ? -20.300 -24.953 -10.256 1.00 73.36  ? 31  C   D C4    1 
ATOM   1164 N  N4    . C   D 2 11 ? -20.610 -24.354 -9.113  1.00 73.07  ? 31  C   D N4    1 
ATOM   1165 C  C5    . C   D 2 11 ? -21.031 -24.658 -11.435 1.00 74.25  ? 31  C   D C5    1 
ATOM   1166 C  C6    . C   D 2 11 ? -20.646 -25.258 -12.566 1.00 74.66  ? 31  C   D C6    1 
ATOM   1167 P  P     . A   D 2 12 ? -22.353 -30.144 -14.391 1.00 79.64  ? 32  A   D P     1 
ATOM   1168 O  OP1   . A   D 2 12 ? -22.654 -31.314 -15.259 1.00 80.05  ? 32  A   D OP1   1 
ATOM   1169 O  OP2   . A   D 2 12 ? -23.468 -29.285 -13.894 1.00 78.69  ? 32  A   D OP2   1 
ATOM   1170 O  "O5'" . A   D 2 12 ? -21.506 -30.600 -13.115 1.00 77.94  ? 32  A   D "O5'" 1 
ATOM   1171 C  "C5'" . A   D 2 12 ? -20.377 -31.467 -13.257 1.00 75.52  ? 32  A   D "C5'" 1 
ATOM   1172 C  "C4'" . A   D 2 12 ? -19.782 -31.809 -11.906 1.00 73.11  ? 32  A   D "C4'" 1 
ATOM   1173 O  "O4'" . A   D 2 12 ? -19.256 -30.603 -11.291 1.00 72.84  ? 32  A   D "O4'" 1 
ATOM   1174 C  "C3'" . A   D 2 12 ? -20.723 -32.345 -10.835 1.00 71.23  ? 32  A   D "C3'" 1 
ATOM   1175 O  "O3'" . A   D 2 12 ? -20.999 -33.731 -10.956 1.00 68.93  ? 32  A   D "O3'" 1 
ATOM   1176 C  "C2'" . A   D 2 12 ? -19.910 -32.096 -9.577  1.00 71.05  ? 32  A   D "C2'" 1 
ATOM   1177 O  "O2'" . A   D 2 12 ? -18.842 -33.019 -9.448  1.00 70.62  ? 32  A   D "O2'" 1 
ATOM   1178 C  "C1'" . A   D 2 12 ? -19.345 -30.712 -9.873  1.00 71.54  ? 32  A   D "C1'" 1 
ATOM   1179 N  N9    . A   D 2 12 ? -20.203 -29.640 -9.362  1.00 70.03  ? 32  A   D N9    1 
ATOM   1180 C  C8    . A   D 2 12 ? -21.168 -28.901 -10.013 1.00 69.59  ? 32  A   D C8    1 
ATOM   1181 N  N7    . A   D 2 12 ? -21.734 -27.989 -9.254  1.00 68.83  ? 32  A   D N7    1 
ATOM   1182 C  C5    . A   D 2 12 ? -21.107 -28.146 -8.025  1.00 66.87  ? 32  A   D C5    1 
ATOM   1183 C  C6    . A   D 2 12 ? -21.252 -27.482 -6.807  1.00 65.12  ? 32  A   D C6    1 
ATOM   1184 N  N6    . A   D 2 12 ? -22.105 -26.491 -6.609  1.00 64.87  ? 32  A   D N6    1 
ATOM   1185 N  N1    . A   D 2 12 ? -20.480 -27.876 -5.779  1.00 65.62  ? 32  A   D N1    1 
ATOM   1186 C  C2    . A   D 2 12 ? -19.622 -28.876 -5.975  1.00 66.93  ? 32  A   D C2    1 
ATOM   1187 N  N3    . A   D 2 12 ? -19.386 -29.582 -7.077  1.00 66.69  ? 32  A   D N3    1 
ATOM   1188 C  C4    . A   D 2 12 ? -20.171 -29.161 -8.077  1.00 67.80  ? 32  A   D C4    1 
ATOM   1189 P  P     . C   D 2 13 ? -22.140 -34.374 -10.038 1.00 66.63  ? 33  C   D P     1 
ATOM   1190 O  OP1   . C   D 2 13 ? -22.211 -35.798 -10.414 1.00 67.81  ? 33  C   D OP1   1 
ATOM   1191 O  OP2   . C   D 2 13 ? -23.356 -33.518 -10.117 1.00 65.42  ? 33  C   D OP2   1 
ATOM   1192 O  "O5'" . C   D 2 13 ? -21.556 -34.269 -8.561  1.00 65.17  ? 33  C   D "O5'" 1 
ATOM   1193 C  "C5'" . C   D 2 13 ? -22.424 -34.337 -7.432  1.00 60.67  ? 33  C   D "C5'" 1 
ATOM   1194 C  "C4'" . C   D 2 13 ? -21.659 -34.104 -6.145  1.00 57.82  ? 33  C   D "C4'" 1 
ATOM   1195 O  "O4'" . C   D 2 13 ? -21.120 -32.762 -6.138  1.00 57.02  ? 33  C   D "O4'" 1 
ATOM   1196 C  "C3'" . C   D 2 13 ? -22.556 -34.155 -4.927  1.00 56.62  ? 33  C   D "C3'" 1 
ATOM   1197 O  "O3'" . C   D 2 13 ? -22.667 -35.489 -4.481  1.00 55.67  ? 33  C   D "O3'" 1 
ATOM   1198 C  "C2'" . C   D 2 13 ? -21.858 -33.230 -3.942  1.00 56.62  ? 33  C   D "C2'" 1 
ATOM   1199 O  "O2'" . C   D 2 13 ? -20.771 -33.811 -3.276  1.00 59.66  ? 33  C   D "O2'" 1 
ATOM   1200 C  "C1'" . C   D 2 13 ? -21.316 -32.163 -4.876  1.00 54.83  ? 33  C   D "C1'" 1 
ATOM   1201 N  N1    . C   D 2 13 ? -22.254 -31.072 -5.065  1.00 53.53  ? 33  C   D N1    1 
ATOM   1202 C  C2    . C   D 2 13 ? -22.512 -30.222 -4.009  1.00 54.18  ? 33  C   D C2    1 
ATOM   1203 O  O2    . C   D 2 13 ? -21.953 -30.443 -2.928  1.00 53.57  ? 33  C   D O2    1 
ATOM   1204 N  N3    . C   D 2 13 ? -23.375 -29.187 -4.191  1.00 52.97  ? 33  C   D N3    1 
ATOM   1205 C  C4    . C   D 2 13 ? -23.974 -29.026 -5.371  1.00 50.96  ? 33  C   D C4    1 
ATOM   1206 N  N4    . C   D 2 13 ? -24.822 -28.023 -5.517  1.00 50.79  ? 33  C   D N4    1 
ATOM   1207 C  C5    . C   D 2 13 ? -23.730 -29.896 -6.458  1.00 51.83  ? 33  C   D C5    1 
ATOM   1208 C  C6    . C   D 2 13 ? -22.871 -30.894 -6.265  1.00 52.16  ? 33  C   D C6    1 
ATOM   1209 P  P     . C   D 2 14 ? -24.121 -36.132 -4.278  1.00 57.71  ? 34  C   D P     1 
ATOM   1210 O  OP1   . C   D 2 14 ? -23.996 -37.572 -4.598  1.00 58.25  ? 34  C   D OP1   1 
ATOM   1211 O  OP2   . C   D 2 14 ? -25.114 -35.329 -5.014  1.00 55.60  ? 34  C   D OP2   1 
ATOM   1212 O  "O5'" . C   D 2 14 ? -24.343 -35.991 -2.701  1.00 55.79  ? 34  C   D "O5'" 1 
ATOM   1213 C  "C5'" . C   D 2 14 ? -23.640 -36.848 -1.802  1.00 55.35  ? 34  C   D "C5'" 1 
ATOM   1214 C  "C4'" . C   D 2 14 ? -23.611 -36.269 -0.406  1.00 56.99  ? 34  C   D "C4'" 1 
ATOM   1215 O  "O4'" . C   D 2 14 ? -23.078 -34.930 -0.466  1.00 57.48  ? 34  C   D "O4'" 1 
ATOM   1216 C  "C3'" . C   D 2 14 ? -24.934 -36.097 0.319   1.00 59.33  ? 34  C   D "C3'" 1 
ATOM   1217 O  "O3'" . C   D 2 14 ? -25.417 -37.308 0.940   1.00 60.69  ? 34  C   D "O3'" 1 
ATOM   1218 C  "C2'" . C   D 2 14 ? -24.592 -35.041 1.363   1.00 59.40  ? 34  C   D "C2'" 1 
ATOM   1219 O  "O2'" . C   D 2 14 ? -23.972 -35.584 2.510   1.00 60.73  ? 34  C   D "O2'" 1 
ATOM   1220 C  "C1'" . C   D 2 14 ? -23.593 -34.165 0.604   1.00 57.13  ? 34  C   D "C1'" 1 
ATOM   1221 N  N1    . C   D 2 14 ? -24.192 -32.961 0.040   1.00 55.79  ? 34  C   D N1    1 
ATOM   1222 C  C2    . C   D 2 14 ? -24.376 -31.868 0.854   1.00 56.08  ? 34  C   D C2    1 
ATOM   1223 O  O2    . C   D 2 14 ? -23.980 -31.931 2.010   1.00 57.28  ? 34  C   D O2    1 
ATOM   1224 N  N3    . C   D 2 14 ? -24.968 -30.760 0.361   1.00 55.59  ? 34  C   D N3    1 
ATOM   1225 C  C4    . C   D 2 14 ? -25.339 -30.725 -0.916  1.00 56.12  ? 34  C   D C4    1 
ATOM   1226 N  N4    . C   D 2 14 ? -25.935 -29.628 -1.371  1.00 56.36  ? 34  C   D N4    1 
ATOM   1227 C  C5    . C   D 2 14 ? -25.125 -31.823 -1.787  1.00 56.31  ? 34  C   D C5    1 
ATOM   1228 C  C6    . C   D 2 14 ? -24.561 -32.917 -1.269  1.00 55.70  ? 34  C   D C6    1 
HETATM 1229 MG MG    . MG  E 3 .  ? 6.887   9.552   1.441   1.00 80.37  ? 100 MG  A MG    1 
HETATM 1230 C  C11   . CNY F 4 .  ? 9.359   18.604  5.797   1.00 65.69  ? 42  CNY A C11   1 
HETATM 1231 O  O11   . CNY F 4 .  ? 10.287  19.453  6.513   1.00 69.00  ? 42  CNY A O11   1 
HETATM 1232 C  C21   . CNY F 4 .  ? 8.902   19.268  4.462   1.00 65.26  ? 42  CNY A C21   1 
HETATM 1233 N  N21   . CNY F 4 .  ? 10.036  19.649  3.603   1.00 66.41  ? 42  CNY A N21   1 
HETATM 1234 C  C31   . CNY F 4 .  ? 8.006   20.511  4.774   1.00 64.84  ? 42  CNY A C31   1 
HETATM 1235 O  O31   . CNY F 4 .  ? 7.568   21.113  3.560   1.00 65.49  ? 42  CNY A O31   1 
HETATM 1236 C  C41   . CNY F 4 .  ? 6.796   20.082  5.639   1.00 62.93  ? 42  CNY A C41   1 
HETATM 1237 O  O41   . CNY F 4 .  ? 5.975   21.184  5.919   1.00 60.85  ? 42  CNY A O41   1 
HETATM 1238 C  C51   . CNY F 4 .  ? 7.281   19.442  6.945   1.00 63.72  ? 42  CNY A C51   1 
HETATM 1239 O  O51   . CNY F 4 .  ? 8.162   18.301  6.615   1.00 64.69  ? 42  CNY A O51   1 
HETATM 1240 C  C61   . CNY F 4 .  ? 6.068   18.984  7.795   1.00 65.85  ? 42  CNY A C61   1 
HETATM 1241 N  N61   . CNY F 4 .  ? 6.425   18.341  9.075   1.00 66.98  ? 42  CNY A N61   1 
HETATM 1242 C  C12   . CNY F 4 .  ? 13.994  18.798  8.665   1.00 74.29  ? 42  CNY A C12   1 
HETATM 1243 N  N12   . CNY F 4 .  ? 14.970  18.208  9.600   1.00 75.14  ? 42  CNY A N12   1 
HETATM 1244 C  C22   . CNY F 4 .  ? 12.715  19.236  9.454   1.00 73.92  ? 42  CNY A C22   1 
HETATM 1245 C  C32   . CNY F 4 .  ? 11.650  19.858  8.495   1.00 70.84  ? 42  CNY A C32   1 
HETATM 1246 N  N32   . CNY F 4 .  ? 10.477  20.260  9.301   1.00 69.35  ? 42  CNY A N32   1 
HETATM 1247 C  C42   . CNY F 4 .  ? 11.281  18.830  7.374   1.00 70.90  ? 42  CNY A C42   1 
HETATM 1248 C  C52   . CNY F 4 .  ? 12.594  18.428  6.563   1.00 73.29  ? 42  CNY A C52   1 
HETATM 1249 O  O52   . CNY F 4 .  ? 12.298  17.439  5.506   1.00 76.73  ? 42  CNY A O52   1 
HETATM 1250 C  C62   . CNY F 4 .  ? 13.623  17.791  7.527   1.00 74.18  ? 42  CNY A C62   1 
HETATM 1251 O  O62   . CNY F 4 .  ? 14.801  17.422  6.803   1.00 75.73  ? 42  CNY A O62   1 
HETATM 1252 C  C13   . CNY F 4 .  ? 12.972  17.570  4.210   1.00 78.95  ? 42  CNY A C13   1 
HETATM 1253 C  C23   . CNY F 4 .  ? 12.551  16.419  3.292   1.00 80.31  ? 42  CNY A C23   1 
HETATM 1254 O  O23   . CNY F 4 .  ? 13.566  15.417  3.216   1.00 82.65  ? 42  CNY A O23   1 
HETATM 1255 C  C33   . CNY F 4 .  ? 12.272  17.086  1.944   1.00 81.12  ? 42  CNY A C33   1 
HETATM 1256 O  O33   . CNY F 4 .  ? 13.440  16.992  1.034   1.00 86.93  ? 42  CNY A O33   1 
HETATM 1257 C  C43   . CNY F 4 .  ? 11.897  18.515  2.326   1.00 76.89  ? 42  CNY A C43   1 
HETATM 1258 O  O43   . CNY F 4 .  ? 12.563  18.770  3.557   1.00 78.79  ? 42  CNY A O43   1 
HETATM 1259 C  C53   . CNY F 4 .  ? 10.373  18.694  2.526   1.00 73.11  ? 42  CNY A C53   1 
HETATM 1260 C  C14   . CNY F 4 .  ? 13.202  17.052  -0.420  1.00 91.74  ? 42  CNY A C14   1 
HETATM 1261 C  C24   . CNY F 4 .  ? 14.536  16.873  -1.258  1.00 93.25  ? 42  CNY A C24   1 
HETATM 1262 N  N24   . CNY F 4 .  ? 15.616  17.844  -0.899  1.00 92.52  ? 42  CNY A N24   1 
HETATM 1263 C  C34   . CNY F 4 .  ? 14.183  16.982  -2.811  1.00 94.56  ? 42  CNY A C34   1 
HETATM 1264 O  O34   . CNY F 4 .  ? 13.290  15.913  -3.208  1.00 93.95  ? 42  CNY A O34   1 
HETATM 1265 C  C44   . CNY F 4 .  ? 13.501  18.359  -3.157  1.00 95.35  ? 42  CNY A C44   1 
HETATM 1266 O  O44   . CNY F 4 .  ? 14.442  19.428  -2.956  1.00 95.06  ? 42  CNY A O44   1 
HETATM 1267 C  C54   . CNY F 4 .  ? 12.214  18.544  -2.250  1.00 95.74  ? 42  CNY A C54   1 
HETATM 1268 O  O54   . CNY F 4 .  ? 12.522  18.348  -0.801  1.00 94.76  ? 42  CNY A O54   1 
HETATM 1269 C  C64   . CNY F 4 .  ? 11.487  19.914  -2.468  1.00 96.53  ? 42  CNY A C64   1 
HETATM 1270 N  N64   . CNY F 4 .  ? 10.529  19.944  -3.602  1.00 97.29  ? 42  CNY A N64   1 
HETATM 1271 C  C11   . CNY G 4 .  ? 19.138  19.887  20.478  1.00 81.33  ? 43  CNY A C11   1 
HETATM 1272 O  O11   . CNY G 4 .  ? 18.254  19.640  19.330  1.00 78.78  ? 43  CNY A O11   1 
HETATM 1273 C  C21   . CNY G 4 .  ? 20.091  18.636  20.755  1.00 81.40  ? 43  CNY A C21   1 
HETATM 1274 N  N21   . CNY G 4 .  ? 20.921  18.229  19.570  1.00 79.50  ? 43  CNY A N21   1 
HETATM 1275 C  C31   . CNY G 4 .  ? 19.216  17.417  21.236  1.00 82.64  ? 43  CNY A C31   1 
HETATM 1276 O  O31   . CNY G 4 .  ? 20.037  16.284  21.525  1.00 85.12  ? 43  CNY A O31   1 
HETATM 1277 C  C41   . CNY G 4 .  ? 18.395  17.798  22.488  1.00 82.90  ? 43  CNY A C41   1 
HETATM 1278 O  O41   . CNY G 4 .  ? 17.615  16.685  22.906  1.00 82.59  ? 43  CNY A O41   1 
HETATM 1279 C  C51   . CNY G 4 .  ? 17.489  19.033  22.202  1.00 82.95  ? 43  CNY A C51   1 
HETATM 1280 O  O51   . CNY G 4 .  ? 18.343  20.161  21.722  1.00 82.10  ? 43  CNY A O51   1 
HETATM 1281 C  C61   . CNY G 4 .  ? 16.708  19.423  23.494  1.00 84.39  ? 43  CNY A C61   1 
HETATM 1282 N  N61   . CNY G 4 .  ? 15.815  20.595  23.345  1.00 85.97  ? 43  CNY A N61   1 
HETATM 1283 C  C12   . CNY G 4 .  ? 16.472  21.877  16.073  1.00 76.27  ? 43  CNY A C12   1 
HETATM 1284 N  N12   . CNY G 4 .  ? 15.853  22.982  15.317  1.00 79.03  ? 43  CNY A N12   1 
HETATM 1285 C  C22   . CNY G 4 .  ? 15.589  21.509  17.319  1.00 77.42  ? 43  CNY A C22   1 
HETATM 1286 C  C32   . CNY G 4 .  ? 16.248  20.346  18.139  1.00 76.49  ? 43  CNY A C32   1 
HETATM 1287 N  N32   . CNY G 4 .  ? 15.374  20.031  19.299  1.00 74.53  ? 43  CNY A N32   1 
HETATM 1288 C  C42   . CNY G 4 .  ? 17.687  20.765  18.588  1.00 75.73  ? 43  CNY A C42   1 
HETATM 1289 C  C52   . CNY G 4 .  ? 18.551  21.115  17.309  1.00 75.20  ? 43  CNY A C52   1 
HETATM 1290 O  O52   . CNY G 4 .  ? 19.906  21.565  17.667  1.00 76.07  ? 43  CNY A O52   1 
HETATM 1291 C  C62   . CNY G 4 .  ? 17.908  22.268  16.504  1.00 75.63  ? 43  CNY A C62   1 
HETATM 1292 O  O62   . CNY G 4 .  ? 18.697  22.572  15.328  1.00 72.89  ? 43  CNY A O62   1 
HETATM 1293 C  C13   . CNY G 4 .  ? 20.991  21.006  16.870  1.00 76.04  ? 43  CNY A C13   1 
HETATM 1294 C  C23   . CNY G 4 .  ? 22.342  21.600  17.282  1.00 75.34  ? 43  CNY A C23   1 
HETATM 1295 O  O23   . CNY G 4 .  ? 22.781  22.598  16.344  1.00 72.99  ? 43  CNY A O23   1 
HETATM 1296 C  C33   . CNY G 4 .  ? 23.246  20.391  17.315  1.00 76.67  ? 43  CNY A C33   1 
HETATM 1297 O  O33   . CNY G 4 .  ? 23.807  20.214  15.974  1.00 79.13  ? 43  CNY A O33   1 
HETATM 1298 C  C43   . CNY G 4 .  ? 22.305  19.249  17.711  1.00 76.88  ? 43  CNY A C43   1 
HETATM 1299 O  O43   . CNY G 4 .  ? 21.061  19.604  17.134  1.00 76.77  ? 43  CNY A O43   1 
HETATM 1300 C  C53   . CNY G 4 .  ? 22.098  19.082  19.246  1.00 78.38  ? 43  CNY A C53   1 
HETATM 1301 C  C14   . CNY G 4 .  ? 25.219  19.862  15.818  1.00 80.17  ? 43  CNY A C14   1 
HETATM 1302 C  C24   . CNY G 4 .  ? 25.608  19.757  14.298  1.00 79.69  ? 43  CNY A C24   1 
HETATM 1303 N  N24   . CNY G 4 .  ? 24.742  18.842  13.519  1.00 79.76  ? 43  CNY A N24   1 
HETATM 1304 C  C34   . CNY G 4 .  ? 27.107  19.322  14.185  1.00 80.77  ? 43  CNY A C34   1 
HETATM 1305 O  O34   . CNY G 4 .  ? 27.942  20.329  14.750  1.00 82.60  ? 43  CNY A O34   1 
HETATM 1306 C  C44   . CNY G 4 .  ? 27.375  17.977  14.936  1.00 81.42  ? 43  CNY A C44   1 
HETATM 1307 O  O44   . CNY G 4 .  ? 26.641  16.918  14.281  1.00 81.34  ? 43  CNY A O44   1 
HETATM 1308 C  C54   . CNY G 4 .  ? 26.949  18.130  16.449  1.00 80.63  ? 43  CNY A C54   1 
HETATM 1309 O  O54   . CNY G 4 .  ? 25.559  18.597  16.547  1.00 80.70  ? 43  CNY A O54   1 
HETATM 1310 C  C64   . CNY G 4 .  ? 27.117  16.823  17.293  1.00 82.30  ? 43  CNY A C64   1 
HETATM 1311 N  N64   . CNY G 4 .  ? 26.209  15.694  16.923  1.00 81.54  ? 43  CNY A N64   1 
HETATM 1312 C  C11   . CNY H 4 .  ? -11.426 -13.588 -9.760  1.00 63.64  ? 41  CNY C C11   1 
HETATM 1313 O  O11   . CNY H 4 .  ? -10.468 -12.512 -9.804  1.00 66.74  ? 41  CNY C O11   1 
HETATM 1314 C  C21   . CNY H 4 .  ? -10.919 -14.823 -10.563 1.00 63.88  ? 41  CNY C C21   1 
HETATM 1315 N  N21   . CNY H 4 .  ? -9.589  -15.274 -10.142 1.00 64.11  ? 41  CNY C N21   1 
HETATM 1316 C  C31   . CNY H 4 .  ? -10.916 -14.509 -12.084 1.00 63.82  ? 41  CNY C C31   1 
HETATM 1317 O  O31   . CNY H 4 .  ? -10.478 -15.650 -12.817 1.00 63.48  ? 41  CNY C O31   1 
HETATM 1318 C  C41   . CNY H 4 .  ? -12.334 -14.085 -12.532 1.00 63.36  ? 41  CNY C C41   1 
HETATM 1319 O  O41   . CNY H 4 .  ? -12.342 -13.814 -13.918 1.00 63.62  ? 41  CNY C O41   1 
HETATM 1320 C  C51   . CNY H 4 .  ? -12.794 -12.847 -11.736 1.00 61.86  ? 41  CNY C C51   1 
HETATM 1321 O  O51   . CNY H 4 .  ? -12.745 -13.177 -10.294 1.00 61.31  ? 41  CNY C O51   1 
HETATM 1322 C  C61   . CNY H 4 .  ? -14.221 -12.447 -12.175 1.00 62.48  ? 41  CNY C C61   1 
HETATM 1323 N  N61   . CNY H 4 .  ? -14.774 -11.264 -11.489 1.00 64.24  ? 41  CNY C N61   1 
HETATM 1324 C  C12   . CNY H 4 .  ? -8.944  -9.605  -6.950  1.00 71.32  ? 41  CNY C C12   1 
HETATM 1325 N  N12   . CNY H 4 .  ? -8.930  -8.570  -5.885  1.00 72.56  ? 41  CNY C N12   1 
HETATM 1326 C  C22   . CNY H 4 .  ? -9.891  -9.136  -8.100  1.00 70.88  ? 41  CNY C C22   1 
HETATM 1327 C  C32   . CNY H 4 .  ? -9.952  -10.188 -9.245  1.00 67.97  ? 41  CNY C C32   1 
HETATM 1328 N  N32   . CNY H 4 .  ? -10.854 -9.667  -10.289 1.00 66.28  ? 41  CNY C N32   1 
HETATM 1329 C  C42   . CNY H 4 .  ? -10.423 -11.574 -8.679  1.00 68.74  ? 41  CNY C C42   1 
HETATM 1330 C  C52   . CNY H 4 .  ? -9.409  -12.057 -7.524  1.00 69.89  ? 41  CNY C C52   1 
HETATM 1331 O  O52   . CNY H 4 .  ? -9.808  -13.353 -6.911  1.00 73.54  ? 41  CNY C O52   1 
HETATM 1332 C  C62   . CNY H 4 .  ? -9.389  -11.011 -6.389  1.00 69.85  ? 41  CNY C C62   1 
HETATM 1333 O  O62   . CNY H 4 .  ? -8.489  -11.439 -5.362  1.00 68.87  ? 41  CNY C O62   1 
HETATM 1334 C  C13   . CNY H 4 .  ? -8.761  -14.378 -6.698  1.00 75.36  ? 41  CNY C C13   1 
HETATM 1335 C  C23   . CNY H 4 .  ? -9.327  -15.634 -5.996  1.00 76.61  ? 41  CNY C C23   1 
HETATM 1336 O  O23   . CNY H 4 .  ? -8.968  -15.678 -4.611  1.00 76.02  ? 41  CNY C O23   1 
HETATM 1337 C  C33   . CNY H 4 .  ? -8.758  -16.815 -6.800  1.00 78.21  ? 41  CNY C C33   1 
HETATM 1338 O  O33   . CNY H 4 .  ? -7.542  -17.388 -6.173  1.00 84.95  ? 41  CNY C O33   1 
HETATM 1339 C  C43   . CNY H 4 .  ? -8.453  -16.215 -8.170  1.00 73.71  ? 41  CNY C C43   1 
HETATM 1340 O  O43   . CNY H 4 .  ? -8.259  -14.824 -7.959  1.00 75.38  ? 41  CNY C O43   1 
HETATM 1341 C  C53   . CNY H 4 .  ? -9.582  -16.380 -9.176  1.00 69.92  ? 41  CNY C C53   1 
HETATM 1342 C  C14   . CNY H 4 .  ? -7.326  -18.845 -6.201  1.00 88.49  ? 41  CNY C C14   1 
HETATM 1343 C  C24   . CNY H 4 .  ? -5.973  -19.257 -5.479  1.00 90.74  ? 41  CNY C C24   1 
HETATM 1344 N  N24   . CNY H 4 .  ? -4.762  -18.553 -6.003  1.00 88.95  ? 41  CNY C N24   1 
HETATM 1345 C  C34   . CNY H 4 .  ? -5.764  -20.835 -5.581  1.00 92.96  ? 41  CNY C C34   1 
HETATM 1346 O  O34   . CNY H 4 .  ? -6.756  -21.545 -4.808  1.00 93.57  ? 41  CNY C O34   1 
HETATM 1347 C  C44   . CNY H 4 .  ? -5.824  -21.350 -7.076  1.00 93.30  ? 41  CNY C C44   1 
HETATM 1348 O  O44   . CNY H 4 .  ? -4.687  -20.845 -7.796  1.00 92.68  ? 41  CNY C O44   1 
HETATM 1349 C  C54   . CNY H 4 .  ? -7.172  -20.872 -7.753  1.00 93.74  ? 41  CNY C C54   1 
HETATM 1350 O  O54   . CNY H 4 .  ? -7.377  -19.391 -7.606  1.00 91.45  ? 41  CNY C O54   1 
HETATM 1351 C  C64   . CNY H 4 .  ? -7.295  -21.298 -9.267  1.00 95.49  ? 41  CNY C C64   1 
HETATM 1352 N  N64   . CNY H 4 .  ? -6.240  -20.772 -10.191 1.00 96.14  ? 41  CNY C N64   1 
HETATM 1353 C  C11   . CNY I 4 .  ? -8.526  2.678   -3.595  1.00 86.52  ? 44  CNY C C11   1 
HETATM 1354 O  O11   . CNY I 4 .  ? -8.860  1.335   -4.096  1.00 84.59  ? 44  CNY C O11   1 
HETATM 1355 C  C21   . CNY I 4 .  ? -8.520  2.742   -1.999  1.00 87.63  ? 44  CNY C C21   1 
HETATM 1356 N  N21   . CNY I 4 .  ? -7.659  1.707   -1.353  1.00 86.20  ? 44  CNY C N21   1 
HETATM 1357 C  C31   . CNY I 4 .  ? -9.989  2.616   -1.443  1.00 89.73  ? 44  CNY C C31   1 
HETATM 1358 O  O31   . CNY I 4 .  ? -9.998  2.702   -0.014  1.00 92.05  ? 44  CNY C O31   1 
HETATM 1359 C  C41   . CNY I 4 .  ? -10.889 3.717   -2.045  1.00 90.17  ? 44  CNY C C41   1 
HETATM 1360 O  O41   . CNY I 4 .  ? -12.225 3.591   -1.521  1.00 89.68  ? 44  CNY C O41   1 
HETATM 1361 C  C51   . CNY I 4 .  ? -10.879 3.636   -3.605  1.00 89.06  ? 44  CNY C C51   1 
HETATM 1362 O  O51   . CNY I 4 .  ? -9.479  3.727   -4.097  1.00 86.29  ? 44  CNY C O51   1 
HETATM 1363 C  C61   . CNY I 4 .  ? -11.756 4.783   -4.192  1.00 90.55  ? 44  CNY C C61   1 
HETATM 1364 N  N61   . CNY I 4 .  ? -11.820 4.808   -5.666  1.00 93.22  ? 44  CNY C N61   1 
HETATM 1365 C  C12   . CNY I 4 .  ? -7.667  -1.350  -7.333  1.00 79.26  ? 44  CNY C C12   1 
HETATM 1366 N  N12   . CNY I 4 .  ? -7.217  -1.827  -8.650  1.00 78.67  ? 44  CNY C N12   1 
HETATM 1367 C  C22   . CNY I 4 .  ? -8.995  -0.542  -7.463  1.00 80.27  ? 44  CNY C C22   1 
HETATM 1368 C  C32   . CNY I 4 .  ? -9.469  -0.026  -6.066  1.00 80.56  ? 44  CNY C C32   1 
HETATM 1369 N  N32   . CNY I 4 .  ? -10.730 0.710   -6.257  1.00 80.66  ? 44  CNY C N32   1 
HETATM 1370 C  C42   . CNY I 4 .  ? -8.357  0.874   -5.415  1.00 81.85  ? 44  CNY C C42   1 
HETATM 1371 C  C52   . CNY I 4 .  ? -7.032  0.005   -5.286  1.00 81.15  ? 44  CNY C C52   1 
HETATM 1372 O  O52   . CNY I 4 .  ? -5.910  0.766   -4.732  1.00 82.19  ? 44  CNY C O52   1 
HETATM 1373 C  C62   . CNY I 4 .  ? -6.565  -0.497  -6.675  1.00 79.87  ? 44  CNY C C62   1 
HETATM 1374 O  O62   . CNY I 4 .  ? -5.376  -1.281  -6.549  1.00 79.92  ? 44  CNY C O62   1 
HETATM 1375 C  C13   . CNY I 4 .  ? -5.108  0.075   -3.725  1.00 83.03  ? 44  CNY C C13   1 
HETATM 1376 C  C23   . CNY I 4 .  ? -3.937  0.970   -3.316  1.00 82.95  ? 44  CNY C C23   1 
HETATM 1377 O  O23   . CNY I 4 .  ? -2.715  0.528   -3.917  1.00 81.60  ? 44  CNY C O23   1 
HETATM 1378 C  C33   . CNY I 4 .  ? -3.939  0.882   -1.792  1.00 83.46  ? 44  CNY C C33   1 
HETATM 1379 O  O33   . CNY I 4 .  ? -3.091  -0.211  -1.346  1.00 84.42  ? 44  CNY C O33   1 
HETATM 1380 C  C43   . CNY I 4 .  ? -5.395  0.643   -1.451  1.00 84.22  ? 44  CNY C C43   1 
HETATM 1381 O  O43   . CNY I 4 .  ? -5.913  -0.104  -2.562  1.00 84.27  ? 44  CNY C O43   1 
HETATM 1382 C  C53   . CNY I 4 .  ? -6.208  1.960   -1.300  1.00 84.78  ? 44  CNY C C53   1 
HETATM 1383 C  C14   . CNY I 4 .  ? -2.368  -0.068  -0.078  1.00 85.20  ? 44  CNY C C14   1 
HETATM 1384 C  C24   . CNY I 4 .  ? -1.482  -1.329  0.195   1.00 85.08  ? 44  CNY C C24   1 
HETATM 1385 N  N24   . CNY I 4 .  ? -2.276  -2.584  0.210   1.00 85.51  ? 44  CNY C N24   1 
HETATM 1386 C  C34   . CNY I 4 .  ? -0.742  -1.154  1.564   1.00 85.72  ? 44  CNY C C34   1 
HETATM 1387 O  O34   . CNY I 4 .  ? 0.138   -0.030  1.506   1.00 86.59  ? 44  CNY C O34   1 
HETATM 1388 C  C44   . CNY I 4 .  ? -1.762  -0.951  2.734   1.00 86.44  ? 44  CNY C C44   1 
HETATM 1389 O  O44   . CNY I 4 .  ? -2.528  -2.159  2.902   1.00 86.14  ? 44  CNY C O44   1 
HETATM 1390 C  C54   . CNY I 4 .  ? -2.697  0.290   2.403   1.00 86.29  ? 44  CNY C C54   1 
HETATM 1391 O  O54   . CNY I 4 .  ? -3.308  0.147   1.067   1.00 85.37  ? 44  CNY C O54   1 
HETATM 1392 C  C64   . CNY I 4 .  ? -3.806  0.539   3.485   1.00 87.00  ? 44  CNY C C64   1 
HETATM 1393 N  N64   . CNY I 4 .  ? -4.855  1.531   3.121   1.00 87.73  ? 44  CNY C N64   1 
HETATM 1394 MG MG    . MG  J 3 .  ? -17.407 -20.384 -4.264  1.00 80.37  ? 200 MG  D MG    1 
HETATM 1395 O  O     . HOH K 5 .  ? 4.266   17.865  11.082  1.00 80.37  ? 101 HOH A O     1 
HETATM 1396 O  O     . HOH K 5 .  ? 20.962  25.380  17.752  1.00 80.37  ? 102 HOH A O     1 
HETATM 1397 O  O     . HOH K 5 .  ? 16.941  21.050  12.178  1.00 80.37  ? 103 HOH A O     1 
HETATM 1398 O  O     . HOH K 5 .  ? 12.820  3.954   -6.519  1.00 80.37  ? 104 HOH A O     1 
HETATM 1399 O  O     . HOH K 5 .  ? 5.089   8.301   1.925   1.00 80.37  ? 105 HOH A O     1 
HETATM 1400 O  O     . HOH K 5 .  ? 6.858   8.585   -0.441  1.00 80.37  ? 106 HOH A O     1 
HETATM 1401 O  O     . HOH K 5 .  ? 8.061   8.005   1.931   1.00 80.37  ? 107 HOH A O     1 
HETATM 1402 O  O     . HOH K 5 .  ? 8.516   10.596  0.926   1.00 80.37  ? 108 HOH A O     1 
HETATM 1403 O  O     . HOH K 5 .  ? 6.932   10.199  3.349   1.00 80.37  ? 109 HOH A O     1 
HETATM 1404 O  O     . HOH K 5 .  ? 5.716   11.297  0.901   1.00 80.37  ? 110 HOH A O     1 
HETATM 1405 O  O     . HOH L 5 .  ? 19.794  22.595  -0.329  1.00 80.37  ? 6   HOH B O     1 
HETATM 1406 O  O     . HOH L 5 .  ? 1.101   10.121  3.934   1.00 80.37  ? 37  HOH B O     1 
HETATM 1407 O  O     . HOH M 5 .  ? -17.165 -10.325 -12.435 1.00 80.37  ? 45  HOH C O     1 
HETATM 1408 O  O     . HOH M 5 .  ? -7.733  -2.807  -0.866  1.00 80.37  ? 46  HOH C O     1 
HETATM 1409 O  O     . HOH M 5 .  ? -17.597 -22.604 -3.989  1.00 80.37  ? 47  HOH C O     1 
HETATM 1410 O  O     . HOH M 5 .  ? -13.113 -20.568 -5.908  1.00 80.37  ? 48  HOH C O     1 
HETATM 1411 O  O     . HOH M 5 .  ? -14.022 -27.661 -12.309 1.00 80.37  ? 49  HOH C O     1 
HETATM 1412 O  O     . HOH N 5 .  ? -19.396 -20.464 -4.987  1.00 80.37  ? 201 HOH D O     1 
HETATM 1413 O  O     . HOH N 5 .  ? -16.966 -20.691 -6.195  1.00 80.37  ? 202 HOH D O     1 
HETATM 1414 O  O     . HOH N 5 .  ? -17.326 -18.410 -4.581  1.00 80.37  ? 203 HOH D O     1 
HETATM 1415 O  O     . HOH N 5 .  ? -15.452 -20.509 -3.794  1.00 80.37  ? 204 HOH D O     1 
HETATM 1416 O  O     . HOH N 5 .  ? -17.857 -19.937 -2.190  1.00 80.37  ? 205 HOH D O     1 
HETATM 1417 O  O     . HOH N 5 .  ? -20.071 -11.531 -15.140 1.00 80.37  ? 206 HOH D O     1 
HETATM 1418 O  O     . HOH N 5 .  ? 1.548   -16.312 -5.820  1.00 80.37  ? 207 HOH D O     1 
HETATM 1419 O  O     . HOH N 5 .  ? 3.390   -11.203 -9.967  1.00 80.37  ? 208 HOH D O     1 
# 
